data_4Y4S
# 
_entry.id   4Y4S 
# 
_audit_conform.dict_name       mmcif_pdbx.dic 
_audit_conform.dict_version    5.387 
_audit_conform.dict_location   http://mmcif.pdb.org/dictionaries/ascii/mmcif_pdbx.dic 
# 
loop_
_database_2.database_id 
_database_2.database_code 
_database_2.pdbx_database_accession 
_database_2.pdbx_DOI 
PDB   4Y4S         pdb_00004y4s 10.2210/pdb4y4s/pdb 
WWPDB D_1000206696 ?            ?                   
# 
loop_
_pdbx_audit_revision_history.ordinal 
_pdbx_audit_revision_history.data_content_type 
_pdbx_audit_revision_history.major_revision 
_pdbx_audit_revision_history.minor_revision 
_pdbx_audit_revision_history.revision_date 
1 'Structure model' 1 0 2015-08-12 
2 'Structure model' 1 1 2016-01-06 
3 'Structure model' 1 2 2020-02-05 
4 'Structure model' 1 3 2024-03-20 
# 
_pdbx_audit_revision_details.ordinal             1 
_pdbx_audit_revision_details.revision_ordinal    1 
_pdbx_audit_revision_details.data_content_type   'Structure model' 
_pdbx_audit_revision_details.provider            repository 
_pdbx_audit_revision_details.type                'Initial release' 
_pdbx_audit_revision_details.description         ? 
_pdbx_audit_revision_details.details             ? 
# 
loop_
_pdbx_audit_revision_group.ordinal 
_pdbx_audit_revision_group.revision_ordinal 
_pdbx_audit_revision_group.data_content_type 
_pdbx_audit_revision_group.group 
1 2 'Structure model' 'Database references'  
2 3 'Structure model' 'Data collection'      
3 3 'Structure model' 'Database references'  
4 3 'Structure model' 'Derived calculations' 
5 4 'Structure model' 'Data collection'      
6 4 'Structure model' 'Database references'  
# 
loop_
_pdbx_audit_revision_category.ordinal 
_pdbx_audit_revision_category.revision_ordinal 
_pdbx_audit_revision_category.data_content_type 
_pdbx_audit_revision_category.category 
1 3 'Structure model' citation                    
2 3 'Structure model' diffrn_source               
3 3 'Structure model' pdbx_struct_oper_list       
4 4 'Structure model' chem_comp_atom              
5 4 'Structure model' chem_comp_bond              
6 4 'Structure model' database_2                  
7 4 'Structure model' diffrn_radiation_wavelength 
# 
loop_
_pdbx_audit_revision_item.ordinal 
_pdbx_audit_revision_item.revision_ordinal 
_pdbx_audit_revision_item.data_content_type 
_pdbx_audit_revision_item.item 
1 3 'Structure model' '_citation.journal_id_CSD'                  
2 3 'Structure model' '_diffrn_source.pdbx_synchrotron_site'      
3 3 'Structure model' '_pdbx_struct_oper_list.symmetry_operation' 
4 4 'Structure model' '_database_2.pdbx_DOI'                      
5 4 'Structure model' '_database_2.pdbx_database_accession'       
# 
_pdbx_database_status.status_code                     REL 
_pdbx_database_status.status_code_sf                  REL 
_pdbx_database_status.status_code_mr                  ? 
_pdbx_database_status.entry_id                        4Y4S 
_pdbx_database_status.recvd_initial_deposition_date   2015-02-11 
_pdbx_database_status.SG_entry                        N 
_pdbx_database_status.deposit_site                    RCSB 
_pdbx_database_status.process_site                    PDBJ 
_pdbx_database_status.status_code_cs                  ? 
_pdbx_database_status.methods_development_category    ? 
_pdbx_database_status.pdb_format_compatible           Y 
_pdbx_database_status.status_code_nmr_data            ? 
# 
loop_
_pdbx_database_related.db_name 
_pdbx_database_related.details 
_pdbx_database_related.db_id 
_pdbx_database_related.content_type 
PDB '4Y1Q contains HasA Y75A monomer from Yersinia pseudotuberculosis'  4Y1Q unspecified 
PDB '4XZD contains the wild-type HasA from Yersinia pseudotuberculosis' 4XZD unspecified 
# 
loop_
_audit_author.name 
_audit_author.pdbx_ordinal 
'Hino, T.'     1 
'Kanadani, M.' 2 
'Muroki, T.'   3 
'Ishimaru, Y.' 4 
'Wada, Y.'     5 
'Sato, T.'     6 
'Ozaki, S.'    7 
# 
_citation.abstract                  ? 
_citation.abstract_id_CAS           ? 
_citation.book_id_ISBN              ? 
_citation.book_publisher            ? 
_citation.book_publisher_city       ? 
_citation.book_title                ? 
_citation.coordinate_linkage        ? 
_citation.country                   US 
_citation.database_id_Medline       ? 
_citation.details                   ? 
_citation.id                        primary 
_citation.journal_abbrev            J.Inorg.Biochem. 
_citation.journal_id_ASTM           JIBIDJ 
_citation.journal_id_CSD            0525 
_citation.journal_id_ISSN           0162-0134 
_citation.journal_full              ? 
_citation.journal_issue             ? 
_citation.journal_volume            151 
_citation.language                  ? 
_citation.page_first                26 
_citation.page_last                 33 
_citation.title                     
;The crystal structure of heme acquisition system A from Yersinia pseudotuberculosis (HasAypt): Roles of the axial ligand Tyr75 and two distal arginines in heme binding
;
_citation.year                      2015 
_citation.database_id_CSD           ? 
_citation.pdbx_database_id_DOI      10.1016/j.jinorgbio.2015.07.007 
_citation.pdbx_database_id_PubMed   26210321 
_citation.unpublished_flag          ? 
# 
loop_
_citation_author.citation_id 
_citation_author.name 
_citation_author.ordinal 
_citation_author.identifier_ORCID 
primary 'Kanadani, M.' 1 ? 
primary 'Sato, T.'     2 ? 
primary 'Hino, T.'     3 ? 
primary 'Nagano, S.'   4 ? 
primary 'Ozaki, S.'    5 ? 
# 
loop_
_entity.id 
_entity.type 
_entity.src_method 
_entity.pdbx_description 
_entity.formula_weight 
_entity.pdbx_number_of_molecules 
_entity.pdbx_ec 
_entity.pdbx_mutation 
_entity.pdbx_fragment 
_entity.details 
1 polymer     man 'Extracellular heme acquisition hemophore HasA' 23556.930 1  ? Y75A ? ? 
2 non-polymer syn 'PROTOPORPHYRIN IX CONTAINING FE'               616.487   1  ? ?    ? ? 
3 non-polymer syn 'SULFATE ION'                                   96.063    1  ? ?    ? ? 
4 water       nat water                                           18.015    66 ? ?    ? ? 
# 
_entity_poly.entity_id                      1 
_entity_poly.type                           'polypeptide(L)' 
_entity_poly.nstd_linkage                   no 
_entity_poly.nstd_monomer                   no 
_entity_poly.pdbx_seq_one_letter_code       
;MRGSHHHHHHGSMSTTIQYNSNYADYSISSYLREWANNFGDIDQAPAETKDRGSFSGSSTLFSGTQYAIGSSHSNPEGMI
AEGDLKASFMPQHTFHGQIDTLQFGKDLATNAGGPSAGKHLEKIDITFNELDLSGEFDSGKSMTENHQGDMHKSVRGLMK
GNPDPMLEVMKAKGINVDTAFKDLSIASQYPDSGYMSDAPMVDTVGVMDSNDMLLAA
;
_entity_poly.pdbx_seq_one_letter_code_can   
;MRGSHHHHHHGSMSTTIQYNSNYADYSISSYLREWANNFGDIDQAPAETKDRGSFSGSSTLFSGTQYAIGSSHSNPEGMI
AEGDLKASFMPQHTFHGQIDTLQFGKDLATNAGGPSAGKHLEKIDITFNELDLSGEFDSGKSMTENHQGDMHKSVRGLMK
GNPDPMLEVMKAKGINVDTAFKDLSIASQYPDSGYMSDAPMVDTVGVMDSNDMLLAA
;
_entity_poly.pdbx_strand_id                 A 
_entity_poly.pdbx_target_identifier         ? 
# 
loop_
_pdbx_entity_nonpoly.entity_id 
_pdbx_entity_nonpoly.name 
_pdbx_entity_nonpoly.comp_id 
2 'PROTOPORPHYRIN IX CONTAINING FE' HEM 
3 'SULFATE ION'                     SO4 
4 water                             HOH 
# 
loop_
_entity_poly_seq.entity_id 
_entity_poly_seq.num 
_entity_poly_seq.mon_id 
_entity_poly_seq.hetero 
1 1   MET n 
1 2   ARG n 
1 3   GLY n 
1 4   SER n 
1 5   HIS n 
1 6   HIS n 
1 7   HIS n 
1 8   HIS n 
1 9   HIS n 
1 10  HIS n 
1 11  GLY n 
1 12  SER n 
1 13  MET n 
1 14  SER n 
1 15  THR n 
1 16  THR n 
1 17  ILE n 
1 18  GLN n 
1 19  TYR n 
1 20  ASN n 
1 21  SER n 
1 22  ASN n 
1 23  TYR n 
1 24  ALA n 
1 25  ASP n 
1 26  TYR n 
1 27  SER n 
1 28  ILE n 
1 29  SER n 
1 30  SER n 
1 31  TYR n 
1 32  LEU n 
1 33  ARG n 
1 34  GLU n 
1 35  TRP n 
1 36  ALA n 
1 37  ASN n 
1 38  ASN n 
1 39  PHE n 
1 40  GLY n 
1 41  ASP n 
1 42  ILE n 
1 43  ASP n 
1 44  GLN n 
1 45  ALA n 
1 46  PRO n 
1 47  ALA n 
1 48  GLU n 
1 49  THR n 
1 50  LYS n 
1 51  ASP n 
1 52  ARG n 
1 53  GLY n 
1 54  SER n 
1 55  PHE n 
1 56  SER n 
1 57  GLY n 
1 58  SER n 
1 59  SER n 
1 60  THR n 
1 61  LEU n 
1 62  PHE n 
1 63  SER n 
1 64  GLY n 
1 65  THR n 
1 66  GLN n 
1 67  TYR n 
1 68  ALA n 
1 69  ILE n 
1 70  GLY n 
1 71  SER n 
1 72  SER n 
1 73  HIS n 
1 74  SER n 
1 75  ASN n 
1 76  PRO n 
1 77  GLU n 
1 78  GLY n 
1 79  MET n 
1 80  ILE n 
1 81  ALA n 
1 82  GLU n 
1 83  GLY n 
1 84  ASP n 
1 85  LEU n 
1 86  LYS n 
1 87  ALA n 
1 88  SER n 
1 89  PHE n 
1 90  MET n 
1 91  PRO n 
1 92  GLN n 
1 93  HIS n 
1 94  THR n 
1 95  PHE n 
1 96  HIS n 
1 97  GLY n 
1 98  GLN n 
1 99  ILE n 
1 100 ASP n 
1 101 THR n 
1 102 LEU n 
1 103 GLN n 
1 104 PHE n 
1 105 GLY n 
1 106 LYS n 
1 107 ASP n 
1 108 LEU n 
1 109 ALA n 
1 110 THR n 
1 111 ASN n 
1 112 ALA n 
1 113 GLY n 
1 114 GLY n 
1 115 PRO n 
1 116 SER n 
1 117 ALA n 
1 118 GLY n 
1 119 LYS n 
1 120 HIS n 
1 121 LEU n 
1 122 GLU n 
1 123 LYS n 
1 124 ILE n 
1 125 ASP n 
1 126 ILE n 
1 127 THR n 
1 128 PHE n 
1 129 ASN n 
1 130 GLU n 
1 131 LEU n 
1 132 ASP n 
1 133 LEU n 
1 134 SER n 
1 135 GLY n 
1 136 GLU n 
1 137 PHE n 
1 138 ASP n 
1 139 SER n 
1 140 GLY n 
1 141 LYS n 
1 142 SER n 
1 143 MET n 
1 144 THR n 
1 145 GLU n 
1 146 ASN n 
1 147 HIS n 
1 148 GLN n 
1 149 GLY n 
1 150 ASP n 
1 151 MET n 
1 152 HIS n 
1 153 LYS n 
1 154 SER n 
1 155 VAL n 
1 156 ARG n 
1 157 GLY n 
1 158 LEU n 
1 159 MET n 
1 160 LYS n 
1 161 GLY n 
1 162 ASN n 
1 163 PRO n 
1 164 ASP n 
1 165 PRO n 
1 166 MET n 
1 167 LEU n 
1 168 GLU n 
1 169 VAL n 
1 170 MET n 
1 171 LYS n 
1 172 ALA n 
1 173 LYS n 
1 174 GLY n 
1 175 ILE n 
1 176 ASN n 
1 177 VAL n 
1 178 ASP n 
1 179 THR n 
1 180 ALA n 
1 181 PHE n 
1 182 LYS n 
1 183 ASP n 
1 184 LEU n 
1 185 SER n 
1 186 ILE n 
1 187 ALA n 
1 188 SER n 
1 189 GLN n 
1 190 TYR n 
1 191 PRO n 
1 192 ASP n 
1 193 SER n 
1 194 GLY n 
1 195 TYR n 
1 196 MET n 
1 197 SER n 
1 198 ASP n 
1 199 ALA n 
1 200 PRO n 
1 201 MET n 
1 202 VAL n 
1 203 ASP n 
1 204 THR n 
1 205 VAL n 
1 206 GLY n 
1 207 VAL n 
1 208 MET n 
1 209 ASP n 
1 210 SER n 
1 211 ASN n 
1 212 ASP n 
1 213 MET n 
1 214 LEU n 
1 215 LEU n 
1 216 ALA n 
1 217 ALA n 
# 
_entity_src_gen.entity_id                          1 
_entity_src_gen.pdbx_src_id                        1 
_entity_src_gen.pdbx_alt_source_flag               sample 
_entity_src_gen.pdbx_seq_type                      'Biological sequence' 
_entity_src_gen.pdbx_beg_seq_num                   1 
_entity_src_gen.pdbx_end_seq_num                   217 
_entity_src_gen.gene_src_common_name               ? 
_entity_src_gen.gene_src_genus                     ? 
_entity_src_gen.pdbx_gene_src_gene                 'HasA, YPTB0114' 
_entity_src_gen.gene_src_species                   ? 
_entity_src_gen.gene_src_strain                    IP32953 
_entity_src_gen.gene_src_tissue                    ? 
_entity_src_gen.gene_src_tissue_fraction           ? 
_entity_src_gen.gene_src_details                   ? 
_entity_src_gen.pdbx_gene_src_fragment             ? 
_entity_src_gen.pdbx_gene_src_scientific_name      'Yersinia pseudotuberculosis IP 32953' 
_entity_src_gen.pdbx_gene_src_ncbi_taxonomy_id     273123 
_entity_src_gen.pdbx_gene_src_variant              ? 
_entity_src_gen.pdbx_gene_src_cell_line            ? 
_entity_src_gen.pdbx_gene_src_atcc                 ? 
_entity_src_gen.pdbx_gene_src_organ                ? 
_entity_src_gen.pdbx_gene_src_organelle            ? 
_entity_src_gen.pdbx_gene_src_cell                 ? 
_entity_src_gen.pdbx_gene_src_cellular_location    ? 
_entity_src_gen.host_org_common_name               ? 
_entity_src_gen.pdbx_host_org_scientific_name      'Escherichia coli' 
_entity_src_gen.pdbx_host_org_ncbi_taxonomy_id     562 
_entity_src_gen.host_org_genus                     ? 
_entity_src_gen.pdbx_host_org_gene                 ? 
_entity_src_gen.pdbx_host_org_organ                ? 
_entity_src_gen.host_org_species                   ? 
_entity_src_gen.pdbx_host_org_tissue               ? 
_entity_src_gen.pdbx_host_org_tissue_fraction      ? 
_entity_src_gen.pdbx_host_org_strain               M15 
_entity_src_gen.pdbx_host_org_variant              ? 
_entity_src_gen.pdbx_host_org_cell_line            ? 
_entity_src_gen.pdbx_host_org_atcc                 ? 
_entity_src_gen.pdbx_host_org_culture_collection   ? 
_entity_src_gen.pdbx_host_org_cell                 ? 
_entity_src_gen.pdbx_host_org_organelle            ? 
_entity_src_gen.pdbx_host_org_cellular_location    ? 
_entity_src_gen.pdbx_host_org_vector_type          plasmid 
_entity_src_gen.pdbx_host_org_vector               ? 
_entity_src_gen.host_org_details                   ? 
_entity_src_gen.expression_system_id               ? 
_entity_src_gen.plasmid_name                       pQE-30 
_entity_src_gen.plasmid_details                    ? 
_entity_src_gen.pdbx_description                   ? 
# 
loop_
_chem_comp.id 
_chem_comp.type 
_chem_comp.mon_nstd_flag 
_chem_comp.name 
_chem_comp.pdbx_synonyms 
_chem_comp.formula 
_chem_comp.formula_weight 
ALA 'L-peptide linking' y ALANINE                           ?    'C3 H7 N O2'       89.093  
ARG 'L-peptide linking' y ARGININE                          ?    'C6 H15 N4 O2 1'   175.209 
ASN 'L-peptide linking' y ASPARAGINE                        ?    'C4 H8 N2 O3'      132.118 
ASP 'L-peptide linking' y 'ASPARTIC ACID'                   ?    'C4 H7 N O4'       133.103 
GLN 'L-peptide linking' y GLUTAMINE                         ?    'C5 H10 N2 O3'     146.144 
GLU 'L-peptide linking' y 'GLUTAMIC ACID'                   ?    'C5 H9 N O4'       147.129 
GLY 'peptide linking'   y GLYCINE                           ?    'C2 H5 N O2'       75.067  
HEM non-polymer         . 'PROTOPORPHYRIN IX CONTAINING FE' HEME 'C34 H32 Fe N4 O4' 616.487 
HIS 'L-peptide linking' y HISTIDINE                         ?    'C6 H10 N3 O2 1'   156.162 
HOH non-polymer         . WATER                             ?    'H2 O'             18.015  
ILE 'L-peptide linking' y ISOLEUCINE                        ?    'C6 H13 N O2'      131.173 
LEU 'L-peptide linking' y LEUCINE                           ?    'C6 H13 N O2'      131.173 
LYS 'L-peptide linking' y LYSINE                            ?    'C6 H15 N2 O2 1'   147.195 
MET 'L-peptide linking' y METHIONINE                        ?    'C5 H11 N O2 S'    149.211 
PHE 'L-peptide linking' y PHENYLALANINE                     ?    'C9 H11 N O2'      165.189 
PRO 'L-peptide linking' y PROLINE                           ?    'C5 H9 N O2'       115.130 
SER 'L-peptide linking' y SERINE                            ?    'C3 H7 N O3'       105.093 
SO4 non-polymer         . 'SULFATE ION'                     ?    'O4 S -2'          96.063  
THR 'L-peptide linking' y THREONINE                         ?    'C4 H9 N O3'       119.119 
TRP 'L-peptide linking' y TRYPTOPHAN                        ?    'C11 H12 N2 O2'    204.225 
TYR 'L-peptide linking' y TYROSINE                          ?    'C9 H11 N O3'      181.189 
VAL 'L-peptide linking' y VALINE                            ?    'C5 H11 N O2'      117.146 
# 
loop_
_pdbx_poly_seq_scheme.asym_id 
_pdbx_poly_seq_scheme.entity_id 
_pdbx_poly_seq_scheme.seq_id 
_pdbx_poly_seq_scheme.mon_id 
_pdbx_poly_seq_scheme.ndb_seq_num 
_pdbx_poly_seq_scheme.pdb_seq_num 
_pdbx_poly_seq_scheme.auth_seq_num 
_pdbx_poly_seq_scheme.pdb_mon_id 
_pdbx_poly_seq_scheme.auth_mon_id 
_pdbx_poly_seq_scheme.pdb_strand_id 
_pdbx_poly_seq_scheme.pdb_ins_code 
_pdbx_poly_seq_scheme.hetero 
A 1 1   MET 1   -11 ?   ?   ?   A . n 
A 1 2   ARG 2   -10 ?   ?   ?   A . n 
A 1 3   GLY 3   -9  ?   ?   ?   A . n 
A 1 4   SER 4   -8  ?   ?   ?   A . n 
A 1 5   HIS 5   -7  ?   ?   ?   A . n 
A 1 6   HIS 6   -6  ?   ?   ?   A . n 
A 1 7   HIS 7   -5  ?   ?   ?   A . n 
A 1 8   HIS 8   -4  ?   ?   ?   A . n 
A 1 9   HIS 9   -3  ?   ?   ?   A . n 
A 1 10  HIS 10  -2  ?   ?   ?   A . n 
A 1 11  GLY 11  -1  ?   ?   ?   A . n 
A 1 12  SER 12  0   ?   ?   ?   A . n 
A 1 13  MET 13  1   1   MET MET A . n 
A 1 14  SER 14  2   2   SER SER A . n 
A 1 15  THR 15  3   3   THR THR A . n 
A 1 16  THR 16  4   4   THR THR A . n 
A 1 17  ILE 17  5   5   ILE ILE A . n 
A 1 18  GLN 18  6   6   GLN GLN A . n 
A 1 19  TYR 19  7   7   TYR TYR A . n 
A 1 20  ASN 20  8   8   ASN ASN A . n 
A 1 21  SER 21  9   9   SER SER A . n 
A 1 22  ASN 22  10  10  ASN ASN A . n 
A 1 23  TYR 23  11  11  TYR TYR A . n 
A 1 24  ALA 24  12  12  ALA ALA A . n 
A 1 25  ASP 25  13  13  ASP ASP A . n 
A 1 26  TYR 26  14  14  TYR TYR A . n 
A 1 27  SER 27  15  15  SER SER A . n 
A 1 28  ILE 28  16  16  ILE ILE A . n 
A 1 29  SER 29  17  17  SER SER A . n 
A 1 30  SER 30  18  18  SER SER A . n 
A 1 31  TYR 31  19  19  TYR TYR A . n 
A 1 32  LEU 32  20  20  LEU LEU A . n 
A 1 33  ARG 33  21  21  ARG ARG A . n 
A 1 34  GLU 34  22  22  GLU GLU A . n 
A 1 35  TRP 35  23  23  TRP TRP A . n 
A 1 36  ALA 36  24  24  ALA ALA A . n 
A 1 37  ASN 37  25  25  ASN ASN A . n 
A 1 38  ASN 38  26  26  ASN ASN A . n 
A 1 39  PHE 39  27  27  PHE PHE A . n 
A 1 40  GLY 40  28  28  GLY GLY A . n 
A 1 41  ASP 41  29  ?   ?   ?   A . n 
A 1 42  ILE 42  30  ?   ?   ?   A . n 
A 1 43  ASP 43  31  ?   ?   ?   A . n 
A 1 44  GLN 44  32  ?   ?   ?   A . n 
A 1 45  ALA 45  33  ?   ?   ?   A . n 
A 1 46  PRO 46  34  ?   ?   ?   A . n 
A 1 47  ALA 47  35  ?   ?   ?   A . n 
A 1 48  GLU 48  36  ?   ?   ?   A . n 
A 1 49  THR 49  37  ?   ?   ?   A . n 
A 1 50  LYS 50  38  ?   ?   ?   A . n 
A 1 51  ASP 51  39  ?   ?   ?   A . n 
A 1 52  ARG 52  40  ?   ?   ?   A . n 
A 1 53  GLY 53  41  ?   ?   ?   A . n 
A 1 54  SER 54  42  ?   ?   ?   A . n 
A 1 55  PHE 55  43  ?   ?   ?   A . n 
A 1 56  SER 56  44  ?   ?   ?   A . n 
A 1 57  GLY 57  45  45  GLY GLY A . n 
A 1 58  SER 58  46  46  SER SER A . n 
A 1 59  SER 59  47  47  SER SER A . n 
A 1 60  THR 60  48  48  THR THR A . n 
A 1 61  LEU 61  49  49  LEU LEU A . n 
A 1 62  PHE 62  50  50  PHE PHE A . n 
A 1 63  SER 63  51  51  SER SER A . n 
A 1 64  GLY 64  52  52  GLY GLY A . n 
A 1 65  THR 65  53  53  THR THR A . n 
A 1 66  GLN 66  54  54  GLN GLN A . n 
A 1 67  TYR 67  55  55  TYR TYR A . n 
A 1 68  ALA 68  56  56  ALA ALA A . n 
A 1 69  ILE 69  57  57  ILE ILE A . n 
A 1 70  GLY 70  58  58  GLY GLY A . n 
A 1 71  SER 71  59  59  SER SER A . n 
A 1 72  SER 72  60  60  SER SER A . n 
A 1 73  HIS 73  61  61  HIS HIS A . n 
A 1 74  SER 74  62  62  SER SER A . n 
A 1 75  ASN 75  63  63  ASN ASN A . n 
A 1 76  PRO 76  64  64  PRO PRO A . n 
A 1 77  GLU 77  65  65  GLU GLU A . n 
A 1 78  GLY 78  66  66  GLY GLY A . n 
A 1 79  MET 79  67  67  MET MET A . n 
A 1 80  ILE 80  68  68  ILE ILE A . n 
A 1 81  ALA 81  69  69  ALA ALA A . n 
A 1 82  GLU 82  70  70  GLU GLU A . n 
A 1 83  GLY 83  71  71  GLY GLY A . n 
A 1 84  ASP 84  72  72  ASP ASP A . n 
A 1 85  LEU 85  73  73  LEU LEU A . n 
A 1 86  LYS 86  74  74  LYS LYS A . n 
A 1 87  ALA 87  75  75  ALA ALA A . n 
A 1 88  SER 88  76  76  SER SER A . n 
A 1 89  PHE 89  77  77  PHE PHE A . n 
A 1 90  MET 90  78  78  MET MET A . n 
A 1 91  PRO 91  79  79  PRO PRO A . n 
A 1 92  GLN 92  80  80  GLN GLN A . n 
A 1 93  HIS 93  81  81  HIS HIS A . n 
A 1 94  THR 94  82  82  THR THR A . n 
A 1 95  PHE 95  83  83  PHE PHE A . n 
A 1 96  HIS 96  84  84  HIS HIS A . n 
A 1 97  GLY 97  85  85  GLY GLY A . n 
A 1 98  GLN 98  86  86  GLN GLN A . n 
A 1 99  ILE 99  87  87  ILE ILE A . n 
A 1 100 ASP 100 88  88  ASP ASP A . n 
A 1 101 THR 101 89  89  THR THR A . n 
A 1 102 LEU 102 90  90  LEU LEU A . n 
A 1 103 GLN 103 91  91  GLN GLN A . n 
A 1 104 PHE 104 92  92  PHE PHE A . n 
A 1 105 GLY 105 93  93  GLY GLY A . n 
A 1 106 LYS 106 94  94  LYS LYS A . n 
A 1 107 ASP 107 95  95  ASP ASP A . n 
A 1 108 LEU 108 96  96  LEU LEU A . n 
A 1 109 ALA 109 97  97  ALA ALA A . n 
A 1 110 THR 110 98  98  THR THR A . n 
A 1 111 ASN 111 99  99  ASN ASN A . n 
A 1 112 ALA 112 100 100 ALA ALA A . n 
A 1 113 GLY 113 101 101 GLY GLY A . n 
A 1 114 GLY 114 102 102 GLY GLY A . n 
A 1 115 PRO 115 103 103 PRO PRO A . n 
A 1 116 SER 116 104 104 SER SER A . n 
A 1 117 ALA 117 105 105 ALA ALA A . n 
A 1 118 GLY 118 106 106 GLY GLY A . n 
A 1 119 LYS 119 107 107 LYS LYS A . n 
A 1 120 HIS 120 108 108 HIS HIS A . n 
A 1 121 LEU 121 109 109 LEU LEU A . n 
A 1 122 GLU 122 110 110 GLU GLU A . n 
A 1 123 LYS 123 111 111 LYS LYS A . n 
A 1 124 ILE 124 112 112 ILE ILE A . n 
A 1 125 ASP 125 113 113 ASP ASP A . n 
A 1 126 ILE 126 114 114 ILE ILE A . n 
A 1 127 THR 127 115 115 THR THR A . n 
A 1 128 PHE 128 116 116 PHE PHE A . n 
A 1 129 ASN 129 117 117 ASN ASN A . n 
A 1 130 GLU 130 118 118 GLU GLU A . n 
A 1 131 LEU 131 119 119 LEU LEU A . n 
A 1 132 ASP 132 120 120 ASP ASP A . n 
A 1 133 LEU 133 121 121 LEU LEU A . n 
A 1 134 SER 134 122 122 SER SER A . n 
A 1 135 GLY 135 123 123 GLY GLY A . n 
A 1 136 GLU 136 124 124 GLU GLU A . n 
A 1 137 PHE 137 125 125 PHE PHE A . n 
A 1 138 ASP 138 126 126 ASP ASP A . n 
A 1 139 SER 139 127 ?   ?   ?   A . n 
A 1 140 GLY 140 128 ?   ?   ?   A . n 
A 1 141 LYS 141 129 ?   ?   ?   A . n 
A 1 142 SER 142 130 ?   ?   ?   A . n 
A 1 143 MET 143 131 ?   ?   ?   A . n 
A 1 144 THR 144 132 ?   ?   ?   A . n 
A 1 145 GLU 145 133 ?   ?   ?   A . n 
A 1 146 ASN 146 134 ?   ?   ?   A . n 
A 1 147 HIS 147 135 ?   ?   ?   A . n 
A 1 148 GLN 148 136 ?   ?   ?   A . n 
A 1 149 GLY 149 137 ?   ?   ?   A . n 
A 1 150 ASP 150 138 138 ASP ASP A . n 
A 1 151 MET 151 139 139 MET MET A . n 
A 1 152 HIS 152 140 140 HIS HIS A . n 
A 1 153 LYS 153 141 141 LYS LYS A . n 
A 1 154 SER 154 142 142 SER SER A . n 
A 1 155 VAL 155 143 143 VAL VAL A . n 
A 1 156 ARG 156 144 144 ARG ARG A . n 
A 1 157 GLY 157 145 145 GLY GLY A . n 
A 1 158 LEU 158 146 146 LEU LEU A . n 
A 1 159 MET 159 147 147 MET MET A . n 
A 1 160 LYS 160 148 148 LYS LYS A . n 
A 1 161 GLY 161 149 149 GLY GLY A . n 
A 1 162 ASN 162 150 150 ASN ASN A . n 
A 1 163 PRO 163 151 151 PRO PRO A . n 
A 1 164 ASP 164 152 152 ASP ASP A . n 
A 1 165 PRO 165 153 153 PRO PRO A . n 
A 1 166 MET 166 154 154 MET MET A . n 
A 1 167 LEU 167 155 155 LEU LEU A . n 
A 1 168 GLU 168 156 156 GLU GLU A . n 
A 1 169 VAL 169 157 157 VAL VAL A . n 
A 1 170 MET 170 158 158 MET MET A . n 
A 1 171 LYS 171 159 159 LYS LYS A . n 
A 1 172 ALA 172 160 160 ALA ALA A . n 
A 1 173 LYS 173 161 161 LYS LYS A . n 
A 1 174 GLY 174 162 162 GLY GLY A . n 
A 1 175 ILE 175 163 163 ILE ILE A . n 
A 1 176 ASN 176 164 164 ASN ASN A . n 
A 1 177 VAL 177 165 165 VAL VAL A . n 
A 1 178 ASP 178 166 166 ASP ASP A . n 
A 1 179 THR 179 167 167 THR THR A . n 
A 1 180 ALA 180 168 168 ALA ALA A . n 
A 1 181 PHE 181 169 169 PHE PHE A . n 
A 1 182 LYS 182 170 170 LYS LYS A . n 
A 1 183 ASP 183 171 171 ASP ASP A . n 
A 1 184 LEU 184 172 172 LEU LEU A . n 
A 1 185 SER 185 173 173 SER SER A . n 
A 1 186 ILE 186 174 174 ILE ILE A . n 
A 1 187 ALA 187 175 175 ALA ALA A . n 
A 1 188 SER 188 176 176 SER SER A . n 
A 1 189 GLN 189 177 177 GLN GLN A . n 
A 1 190 TYR 190 178 178 TYR TYR A . n 
A 1 191 PRO 191 179 179 PRO PRO A . n 
A 1 192 ASP 192 180 180 ASP ASP A . n 
A 1 193 SER 193 181 181 SER SER A . n 
A 1 194 GLY 194 182 182 GLY GLY A . n 
A 1 195 TYR 195 183 ?   ?   ?   A . n 
A 1 196 MET 196 184 ?   ?   ?   A . n 
A 1 197 SER 197 185 ?   ?   ?   A . n 
A 1 198 ASP 198 186 ?   ?   ?   A . n 
A 1 199 ALA 199 187 ?   ?   ?   A . n 
A 1 200 PRO 200 188 ?   ?   ?   A . n 
A 1 201 MET 201 189 ?   ?   ?   A . n 
A 1 202 VAL 202 190 ?   ?   ?   A . n 
A 1 203 ASP 203 191 ?   ?   ?   A . n 
A 1 204 THR 204 192 ?   ?   ?   A . n 
A 1 205 VAL 205 193 ?   ?   ?   A . n 
A 1 206 GLY 206 194 ?   ?   ?   A . n 
A 1 207 VAL 207 195 ?   ?   ?   A . n 
A 1 208 MET 208 196 ?   ?   ?   A . n 
A 1 209 ASP 209 197 ?   ?   ?   A . n 
A 1 210 SER 210 198 ?   ?   ?   A . n 
A 1 211 ASN 211 199 ?   ?   ?   A . n 
A 1 212 ASP 212 200 ?   ?   ?   A . n 
A 1 213 MET 213 201 ?   ?   ?   A . n 
A 1 214 LEU 214 202 ?   ?   ?   A . n 
A 1 215 LEU 215 203 ?   ?   ?   A . n 
A 1 216 ALA 216 204 ?   ?   ?   A . n 
A 1 217 ALA 217 205 ?   ?   ?   A . n 
# 
loop_
_pdbx_nonpoly_scheme.asym_id 
_pdbx_nonpoly_scheme.entity_id 
_pdbx_nonpoly_scheme.mon_id 
_pdbx_nonpoly_scheme.ndb_seq_num 
_pdbx_nonpoly_scheme.pdb_seq_num 
_pdbx_nonpoly_scheme.auth_seq_num 
_pdbx_nonpoly_scheme.pdb_mon_id 
_pdbx_nonpoly_scheme.auth_mon_id 
_pdbx_nonpoly_scheme.pdb_strand_id 
_pdbx_nonpoly_scheme.pdb_ins_code 
B 2 HEM 1  301 200 HEM HEM A . 
C 3 SO4 1  302 201 SO4 SO4 A . 
D 4 HOH 1  401 44  HOH HOH A . 
D 4 HOH 2  402 50  HOH HOH A . 
D 4 HOH 3  403 28  HOH HOH A . 
D 4 HOH 4  404 48  HOH HOH A . 
D 4 HOH 5  405 22  HOH HOH A . 
D 4 HOH 6  406 37  HOH HOH A . 
D 4 HOH 7  407 1   HOH HOH A . 
D 4 HOH 8  408 33  HOH HOH A . 
D 4 HOH 9  409 52  HOH HOH A . 
D 4 HOH 10 410 30  HOH HOH A . 
D 4 HOH 11 411 35  HOH HOH A . 
D 4 HOH 12 412 13  HOH HOH A . 
D 4 HOH 13 413 58  HOH HOH A . 
D 4 HOH 14 414 40  HOH HOH A . 
D 4 HOH 15 415 57  HOH HOH A . 
D 4 HOH 16 416 39  HOH HOH A . 
D 4 HOH 17 417 64  HOH HOH A . 
D 4 HOH 18 418 51  HOH HOH A . 
D 4 HOH 19 419 7   HOH HOH A . 
D 4 HOH 20 420 31  HOH HOH A . 
D 4 HOH 21 421 11  HOH HOH A . 
D 4 HOH 22 422 3   HOH HOH A . 
D 4 HOH 23 423 36  HOH HOH A . 
D 4 HOH 24 424 16  HOH HOH A . 
D 4 HOH 25 425 9   HOH HOH A . 
D 4 HOH 26 426 46  HOH HOH A . 
D 4 HOH 27 427 14  HOH HOH A . 
D 4 HOH 28 428 5   HOH HOH A . 
D 4 HOH 29 429 38  HOH HOH A . 
D 4 HOH 30 430 24  HOH HOH A . 
D 4 HOH 31 431 19  HOH HOH A . 
D 4 HOH 32 432 15  HOH HOH A . 
D 4 HOH 33 433 65  HOH HOH A . 
D 4 HOH 34 434 29  HOH HOH A . 
D 4 HOH 35 435 56  HOH HOH A . 
D 4 HOH 36 436 41  HOH HOH A . 
D 4 HOH 37 437 20  HOH HOH A . 
D 4 HOH 38 438 12  HOH HOH A . 
D 4 HOH 39 439 21  HOH HOH A . 
D 4 HOH 40 440 47  HOH HOH A . 
D 4 HOH 41 441 59  HOH HOH A . 
D 4 HOH 42 442 17  HOH HOH A . 
D 4 HOH 43 443 66  HOH HOH A . 
D 4 HOH 44 444 45  HOH HOH A . 
D 4 HOH 45 445 23  HOH HOH A . 
D 4 HOH 46 446 43  HOH HOH A . 
D 4 HOH 47 447 49  HOH HOH A . 
D 4 HOH 48 448 4   HOH HOH A . 
D 4 HOH 49 449 26  HOH HOH A . 
D 4 HOH 50 450 34  HOH HOH A . 
D 4 HOH 51 451 27  HOH HOH A . 
D 4 HOH 52 452 6   HOH HOH A . 
D 4 HOH 53 453 2   HOH HOH A . 
D 4 HOH 54 454 25  HOH HOH A . 
D 4 HOH 55 455 10  HOH HOH A . 
D 4 HOH 56 456 55  HOH HOH A . 
D 4 HOH 57 457 8   HOH HOH A . 
D 4 HOH 58 458 18  HOH HOH A . 
D 4 HOH 59 459 32  HOH HOH A . 
D 4 HOH 60 460 42  HOH HOH A . 
D 4 HOH 61 461 53  HOH HOH A . 
D 4 HOH 62 462 54  HOH HOH A . 
D 4 HOH 63 463 60  HOH HOH A . 
D 4 HOH 64 464 61  HOH HOH A . 
D 4 HOH 65 465 62  HOH HOH A . 
D 4 HOH 66 466 63  HOH HOH A . 
# 
loop_
_pdbx_unobs_or_zero_occ_atoms.id 
_pdbx_unobs_or_zero_occ_atoms.PDB_model_num 
_pdbx_unobs_or_zero_occ_atoms.polymer_flag 
_pdbx_unobs_or_zero_occ_atoms.occupancy_flag 
_pdbx_unobs_or_zero_occ_atoms.auth_asym_id 
_pdbx_unobs_or_zero_occ_atoms.auth_comp_id 
_pdbx_unobs_or_zero_occ_atoms.auth_seq_id 
_pdbx_unobs_or_zero_occ_atoms.PDB_ins_code 
_pdbx_unobs_or_zero_occ_atoms.auth_atom_id 
_pdbx_unobs_or_zero_occ_atoms.label_alt_id 
_pdbx_unobs_or_zero_occ_atoms.label_asym_id 
_pdbx_unobs_or_zero_occ_atoms.label_comp_id 
_pdbx_unobs_or_zero_occ_atoms.label_seq_id 
_pdbx_unobs_or_zero_occ_atoms.label_atom_id 
1 1 Y 1 A LYS 141 ? CG ? A LYS 153 CG 
2 1 Y 1 A LYS 141 ? CD ? A LYS 153 CD 
3 1 Y 1 A LYS 141 ? CE ? A LYS 153 CE 
4 1 Y 1 A LYS 141 ? NZ ? A LYS 153 NZ 
# 
loop_
_software.citation_id 
_software.classification 
_software.compiler_name 
_software.compiler_version 
_software.contact_author 
_software.contact_author_email 
_software.date 
_software.description 
_software.dependencies 
_software.hardware 
_software.language 
_software.location 
_software.mods 
_software.name 
_software.os 
_software.os_version 
_software.type 
_software.version 
_software.pdbx_ordinal 
? refinement        ? ? ? ? ? ? ? ? ? ? ? PHENIX      ? ? ? '(phenix.refine: 1.9_1692)' 1 
? 'data scaling'    ? ? ? ? ? ? ? ? ? ? ? SCALA       ? ? ? 3.3.20                      2 
? 'data extraction' ? ? ? ? ? ? ? ? ? ? ? PDB_EXTRACT ? ? ? 3.15                        3 
? phasing           ? ? ? ? ? ? ? ? ? ? ? PHENIX      ? ? ? .                           4 
# 
_cell.angle_alpha                  90.000 
_cell.angle_alpha_esd              ? 
_cell.angle_beta                   90.000 
_cell.angle_beta_esd               ? 
_cell.angle_gamma                  90.000 
_cell.angle_gamma_esd              ? 
_cell.entry_id                     4Y4S 
_cell.details                      ? 
_cell.formula_units_Z              ? 
_cell.length_a                     52.760 
_cell.length_a_esd                 ? 
_cell.length_b                     52.760 
_cell.length_b_esd                 ? 
_cell.length_c                     140.570 
_cell.length_c_esd                 ? 
_cell.volume                       ? 
_cell.volume_esd                   ? 
_cell.Z_PDB                        8 
_cell.reciprocal_angle_alpha       ? 
_cell.reciprocal_angle_beta        ? 
_cell.reciprocal_angle_gamma       ? 
_cell.reciprocal_angle_alpha_esd   ? 
_cell.reciprocal_angle_beta_esd    ? 
_cell.reciprocal_angle_gamma_esd   ? 
_cell.reciprocal_length_a          ? 
_cell.reciprocal_length_b          ? 
_cell.reciprocal_length_c          ? 
_cell.reciprocal_length_a_esd      ? 
_cell.reciprocal_length_b_esd      ? 
_cell.reciprocal_length_c_esd      ? 
_cell.pdbx_unique_axis             ? 
# 
_symmetry.entry_id                         4Y4S 
_symmetry.cell_setting                     ? 
_symmetry.Int_Tables_number                96 
_symmetry.space_group_name_Hall            ? 
_symmetry.space_group_name_H-M             'P 43 21 2' 
_symmetry.pdbx_full_space_group_name_H-M   ? 
# 
_exptl.absorpt_coefficient_mu     ? 
_exptl.absorpt_correction_T_max   ? 
_exptl.absorpt_correction_T_min   ? 
_exptl.absorpt_correction_type    ? 
_exptl.absorpt_process_details    ? 
_exptl.entry_id                   4Y4S 
_exptl.crystals_number            1 
_exptl.details                    ? 
_exptl.method                     'X-RAY DIFFRACTION' 
_exptl.method_details             ? 
# 
loop_
_exptl_crystal.colour 
_exptl_crystal.density_diffrn 
_exptl_crystal.density_Matthews 
_exptl_crystal.density_method 
_exptl_crystal.density_percent_sol 
_exptl_crystal.description 
_exptl_crystal.F_000 
_exptl_crystal.id 
_exptl_crystal.preparation 
_exptl_crystal.size_max 
_exptl_crystal.size_mid 
_exptl_crystal.size_min 
_exptl_crystal.size_rad 
_exptl_crystal.colour_lustre 
_exptl_crystal.colour_modifier 
_exptl_crystal.colour_primary 
_exptl_crystal.density_meas 
_exptl_crystal.density_meas_esd 
_exptl_crystal.density_meas_gt 
_exptl_crystal.density_meas_lt 
_exptl_crystal.density_meas_temp 
_exptl_crystal.density_meas_temp_esd 
_exptl_crystal.density_meas_temp_gt 
_exptl_crystal.density_meas_temp_lt 
_exptl_crystal.pdbx_crystal_image_url 
_exptl_crystal.pdbx_crystal_image_format 
_exptl_crystal.pdbx_mosaicity 
_exptl_crystal.pdbx_mosaicity_esd 
? ? 2.09 ? 41.05 ? ? 1 ? ? ? ? ? ? ? ? ? ? ? ? ? ? ? ? ? ? ? ? 
? ? ?    ? ?     ? ? 2 ? ? ? ? ? ? ? ? ? ? ? ? ? ? ? ? ? ? ? ? 
# 
_exptl_crystal_grow.apparatus       ? 
_exptl_crystal_grow.atmosphere      ? 
_exptl_crystal_grow.crystal_id      1 
_exptl_crystal_grow.details         ? 
_exptl_crystal_grow.method          'VAPOR DIFFUSION, SITTING DROP' 
_exptl_crystal_grow.method_ref      ? 
_exptl_crystal_grow.pH              9.0 
_exptl_crystal_grow.pressure        ? 
_exptl_crystal_grow.pressure_esd    ? 
_exptl_crystal_grow.seeding         ? 
_exptl_crystal_grow.seeding_ref     ? 
_exptl_crystal_grow.temp            293 
_exptl_crystal_grow.temp_details    ? 
_exptl_crystal_grow.temp_esd        ? 
_exptl_crystal_grow.time            ? 
_exptl_crystal_grow.pdbx_details    '1 M Bicine pH 9.0, 1.8 M Ammnonium acetate' 
_exptl_crystal_grow.pdbx_pH_range   ? 
# 
_diffrn.ambient_environment    ? 
_diffrn.ambient_temp           100 
_diffrn.ambient_temp_details   ? 
_diffrn.ambient_temp_esd       ? 
_diffrn.crystal_id             1 
_diffrn.crystal_support        ? 
_diffrn.crystal_treatment      ? 
_diffrn.details                ? 
_diffrn.id                     1 
_diffrn.ambient_pressure       ? 
_diffrn.ambient_pressure_esd   ? 
_diffrn.ambient_pressure_gt    ? 
_diffrn.ambient_pressure_lt    ? 
_diffrn.ambient_temp_gt        ? 
_diffrn.ambient_temp_lt        ? 
# 
_diffrn_detector.details                      ? 
_diffrn_detector.detector                     CCD 
_diffrn_detector.diffrn_id                    1 
_diffrn_detector.type                         'RIGAKU JUPITER 210' 
_diffrn_detector.area_resol_mean              ? 
_diffrn_detector.dtime                        ? 
_diffrn_detector.pdbx_frames_total            ? 
_diffrn_detector.pdbx_collection_time_total   ? 
_diffrn_detector.pdbx_collection_date         2012-11-13 
# 
_diffrn_radiation.collimation                      ? 
_diffrn_radiation.diffrn_id                        1 
_diffrn_radiation.filter_edge                      ? 
_diffrn_radiation.inhomogeneity                    ? 
_diffrn_radiation.monochromator                    ? 
_diffrn_radiation.polarisn_norm                    ? 
_diffrn_radiation.polarisn_ratio                   ? 
_diffrn_radiation.probe                            ? 
_diffrn_radiation.type                             ? 
_diffrn_radiation.xray_symbol                      ? 
_diffrn_radiation.wavelength_id                    1 
_diffrn_radiation.pdbx_monochromatic_or_laue_m_l   M 
_diffrn_radiation.pdbx_wavelength_list             ? 
_diffrn_radiation.pdbx_wavelength                  ? 
_diffrn_radiation.pdbx_diffrn_protocol             'SINGLE WAVELENGTH' 
_diffrn_radiation.pdbx_analyzer                    ? 
_diffrn_radiation.pdbx_scattering_type             x-ray 
# 
_diffrn_radiation_wavelength.id           1 
_diffrn_radiation_wavelength.wavelength   1.000 
_diffrn_radiation_wavelength.wt           1.0 
# 
_diffrn_source.current                     ? 
_diffrn_source.details                     ? 
_diffrn_source.diffrn_id                   1 
_diffrn_source.power                       ? 
_diffrn_source.size                        ? 
_diffrn_source.source                      SYNCHROTRON 
_diffrn_source.target                      ? 
_diffrn_source.type                        'SPRING-8 BEAMLINE BL26B1' 
_diffrn_source.voltage                     ? 
_diffrn_source.take-off_angle              ? 
_diffrn_source.pdbx_wavelength_list        1.000 
_diffrn_source.pdbx_wavelength             ? 
_diffrn_source.pdbx_synchrotron_beamline   BL26B1 
_diffrn_source.pdbx_synchrotron_site       SPring-8 
# 
_reflns.B_iso_Wilson_estimate            18.600 
_reflns.entry_id                         4Y4S 
_reflns.data_reduction_details           ? 
_reflns.data_reduction_method            ? 
_reflns.d_resolution_high                1.750 
_reflns.d_resolution_low                 49.395 
_reflns.details                          ? 
_reflns.limit_h_max                      ? 
_reflns.limit_h_min                      ? 
_reflns.limit_k_max                      ? 
_reflns.limit_k_min                      ? 
_reflns.limit_l_max                      ? 
_reflns.limit_l_min                      ? 
_reflns.number_all                       20936 
_reflns.number_obs                       20936 
_reflns.observed_criterion               ? 
_reflns.observed_criterion_F_max         ? 
_reflns.observed_criterion_F_min         ? 
_reflns.observed_criterion_I_max         ? 
_reflns.observed_criterion_I_min         ? 
_reflns.observed_criterion_sigma_F       ? 
_reflns.observed_criterion_sigma_I       ? 
_reflns.percent_possible_obs             100.000 
_reflns.R_free_details                   ? 
_reflns.Rmerge_F_all                     ? 
_reflns.Rmerge_F_obs                     ? 
_reflns.Friedel_coverage                 ? 
_reflns.number_gt                        ? 
_reflns.threshold_expression             ? 
_reflns.pdbx_redundancy                  12.400 
_reflns.pdbx_Rmerge_I_obs                ? 
_reflns.pdbx_Rmerge_I_all                ? 
_reflns.pdbx_Rsym_value                  0.094 
_reflns.pdbx_netI_over_av_sigmaI         6.236 
_reflns.pdbx_netI_over_sigmaI            18.200 
_reflns.pdbx_res_netI_over_av_sigmaI_2   ? 
_reflns.pdbx_res_netI_over_sigmaI_2      ? 
_reflns.pdbx_chi_squared                 ? 
_reflns.pdbx_scaling_rejects             ? 
_reflns.pdbx_d_res_high_opt              ? 
_reflns.pdbx_d_res_low_opt               ? 
_reflns.pdbx_d_res_opt_method            ? 
_reflns.phase_calculation_details        ? 
_reflns.pdbx_Rrim_I_all                  0.098 
_reflns.pdbx_Rpim_I_all                  0.027 
_reflns.pdbx_d_opt                       ? 
_reflns.pdbx_number_measured_all         260147 
_reflns.pdbx_diffrn_id                   1 
_reflns.pdbx_ordinal                     1 
_reflns.pdbx_CC_half                     ? 
_reflns.pdbx_R_split                     ? 
# 
loop_
_reflns_shell.d_res_high 
_reflns_shell.d_res_low 
_reflns_shell.meanI_over_sigI_all 
_reflns_shell.meanI_over_sigI_obs 
_reflns_shell.number_measured_all 
_reflns_shell.number_measured_obs 
_reflns_shell.number_possible 
_reflns_shell.number_unique_all 
_reflns_shell.number_unique_obs 
_reflns_shell.percent_possible_all 
_reflns_shell.percent_possible_obs 
_reflns_shell.Rmerge_F_all 
_reflns_shell.Rmerge_F_obs 
_reflns_shell.Rmerge_I_all 
_reflns_shell.Rmerge_I_obs 
_reflns_shell.meanI_over_sigI_gt 
_reflns_shell.meanI_over_uI_all 
_reflns_shell.meanI_over_uI_gt 
_reflns_shell.number_measured_gt 
_reflns_shell.number_unique_gt 
_reflns_shell.percent_possible_gt 
_reflns_shell.Rmerge_F_gt 
_reflns_shell.Rmerge_I_gt 
_reflns_shell.pdbx_redundancy 
_reflns_shell.pdbx_Rsym_value 
_reflns_shell.pdbx_chi_squared 
_reflns_shell.pdbx_netI_over_sigmaI_all 
_reflns_shell.pdbx_netI_over_sigmaI_obs 
_reflns_shell.pdbx_Rrim_I_all 
_reflns_shell.pdbx_Rpim_I_all 
_reflns_shell.pdbx_rejects 
_reflns_shell.pdbx_ordinal 
_reflns_shell.pdbx_diffrn_id 
_reflns_shell.pdbx_CC_half 
_reflns_shell.pdbx_R_split 
1.750 1.840  ? 1.500  23518 ? ? 2967 ? 99.900  ? ? ? ? 0.505 ? ? ? ? ? ? ? ? 7.900  0.505 ? ? 3.600  ? 0.185 0 1  1 ? ? 
1.840 1.960  ? 1.700  34599 ? ? 2840 ? 100.000 ? ? ? ? 0.454 ? ? ? ? ? ? ? ? 12.200 0.454 ? ? 5.500  ? 0.134 0 2  1 ? ? 
1.960 2.090  ? 2.200  36112 ? ? 2655 ? 100.000 ? ? ? ? 0.349 ? ? ? ? ? ? ? ? 13.600 0.349 ? ? 7.700  ? 0.098 0 3  1 ? ? 
2.090 2.260  ? 3.300  33887 ? ? 2482 ? 100.000 ? ? ? ? 0.231 ? ? ? ? ? ? ? ? 13.700 0.231 ? ? 11.400 ? 0.065 0 4  1 ? ? 
2.260 2.470  ? 4.400  31524 ? ? 2314 ? 100.000 ? ? ? ? 0.171 ? ? ? ? ? ? ? ? 13.600 0.171 ? ? 14.900 ? 0.048 0 5  1 ? ? 
2.470 2.770  ? 5.500  28603 ? ? 2106 ? 100.000 ? ? ? ? 0.128 ? ? ? ? ? ? ? ? 13.600 0.128 ? ? 20.300 ? 0.036 0 6  1 ? ? 
2.770 3.200  ? 7.500  25328 ? ? 1880 ? 100.000 ? ? ? ? 0.086 ? ? ? ? ? ? ? ? 13.500 0.086 ? ? 28.300 ? 0.024 0 7  1 ? ? 
3.200 3.910  ? 10.600 21364 ? ? 1610 ? 100.000 ? ? ? ? 0.057 ? ? ? ? ? ? ? ? 13.300 0.057 ? ? 40.900 ? 0.016 0 8  1 ? ? 
3.910 5.530  ? 12.800 16513 ? ? 1293 ? 100.000 ? ? ? ? 0.043 ? ? ? ? ? ? ? ? 12.800 0.043 ? ? 51.800 ? 0.012 0 9  1 ? ? 
5.530 32.953 ? 17.800 8699  ? ? 789  ? 99.400  ? ? ? ? 0.031 ? ? ? ? ? ? ? ? 11.000 0.031 ? ? 53.700 ? 0.010 0 10 1 ? ? 
# 
_refine.aniso_B[1][1]                            ? 
_refine.aniso_B[1][2]                            ? 
_refine.aniso_B[1][3]                            ? 
_refine.aniso_B[2][2]                            ? 
_refine.aniso_B[2][3]                            ? 
_refine.aniso_B[3][3]                            ? 
_refine.B_iso_max                                109.060 
_refine.B_iso_mean                               27.1671 
_refine.B_iso_min                                6.530 
_refine.correlation_coeff_Fo_to_Fc               ? 
_refine.correlation_coeff_Fo_to_Fc_free          ? 
_refine.details                                  ? 
_refine.diff_density_max                         ? 
_refine.diff_density_max_esd                     ? 
_refine.diff_density_min                         ? 
_refine.diff_density_min_esd                     ? 
_refine.diff_density_rms                         ? 
_refine.diff_density_rms_esd                     ? 
_refine.entry_id                                 4Y4S 
_refine.pdbx_refine_id                           'X-RAY DIFFRACTION' 
_refine.ls_abs_structure_details                 ? 
_refine.ls_abs_structure_Flack                   ? 
_refine.ls_abs_structure_Flack_esd               ? 
_refine.ls_abs_structure_Rogers                  ? 
_refine.ls_abs_structure_Rogers_esd              ? 
_refine.ls_d_res_high                            1.7500 
_refine.ls_d_res_low                             32.9530 
_refine.ls_extinction_coef                       ? 
_refine.ls_extinction_coef_esd                   ? 
_refine.ls_extinction_expression                 ? 
_refine.ls_extinction_method                     ? 
_refine.ls_goodness_of_fit_all                   ? 
_refine.ls_goodness_of_fit_all_esd               ? 
_refine.ls_goodness_of_fit_obs                   ? 
_refine.ls_goodness_of_fit_obs_esd               ? 
_refine.ls_hydrogen_treatment                    ? 
_refine.ls_matrix_type                           ? 
_refine.ls_number_constraints                    ? 
_refine.ls_number_parameters                     ? 
_refine.ls_number_reflns_all                     ? 
_refine.ls_number_reflns_obs                     20864 
_refine.ls_number_reflns_R_free                  1069 
_refine.ls_number_reflns_R_work                  19795 
_refine.ls_number_restraints                     ? 
_refine.ls_percent_reflns_obs                    99.9800 
_refine.ls_percent_reflns_R_free                 5.1200 
_refine.ls_R_factor_all                          ? 
_refine.ls_R_factor_obs                          0.2051 
_refine.ls_R_factor_R_free                       0.2397 
_refine.ls_R_factor_R_free_error                 ? 
_refine.ls_R_factor_R_free_error_details         ? 
_refine.ls_R_factor_R_work                       0.2033 
_refine.ls_R_Fsqd_factor_obs                     ? 
_refine.ls_R_I_factor_obs                        ? 
_refine.ls_redundancy_reflns_all                 ? 
_refine.ls_redundancy_reflns_obs                 ? 
_refine.ls_restrained_S_all                      ? 
_refine.ls_restrained_S_obs                      ? 
_refine.ls_shift_over_esd_max                    ? 
_refine.ls_shift_over_esd_mean                   ? 
_refine.ls_structure_factor_coef                 ? 
_refine.ls_weighting_details                     ? 
_refine.ls_weighting_scheme                      ? 
_refine.ls_wR_factor_all                         ? 
_refine.ls_wR_factor_obs                         ? 
_refine.ls_wR_factor_R_free                      ? 
_refine.ls_wR_factor_R_work                      ? 
_refine.occupancy_max                            ? 
_refine.occupancy_min                            ? 
_refine.solvent_model_details                    'FLAT BULK SOLVENT MODEL' 
_refine.solvent_model_param_bsol                 ? 
_refine.solvent_model_param_ksol                 ? 
_refine.ls_R_factor_gt                           ? 
_refine.ls_goodness_of_fit_gt                    ? 
_refine.ls_goodness_of_fit_ref                   ? 
_refine.ls_shift_over_su_max                     ? 
_refine.ls_shift_over_su_max_lt                  ? 
_refine.ls_shift_over_su_mean                    ? 
_refine.ls_shift_over_su_mean_lt                 ? 
_refine.pdbx_ls_sigma_I                          ? 
_refine.pdbx_ls_sigma_F                          1.440 
_refine.pdbx_ls_sigma_Fsqd                       ? 
_refine.pdbx_data_cutoff_high_absF               ? 
_refine.pdbx_data_cutoff_high_rms_absF           ? 
_refine.pdbx_data_cutoff_low_absF                ? 
_refine.pdbx_isotropic_thermal_model             ? 
_refine.pdbx_ls_cross_valid_method               'FREE R-VALUE' 
_refine.pdbx_method_to_determine_struct          SAD 
_refine.pdbx_starting_model                      ? 
_refine.pdbx_stereochemistry_target_values       ML 
_refine.pdbx_R_Free_selection_details            ? 
_refine.pdbx_stereochem_target_val_spec_case     ? 
_refine.pdbx_overall_ESU_R                       ? 
_refine.pdbx_overall_ESU_R_Free                  ? 
_refine.pdbx_solvent_vdw_probe_radii             1.1100 
_refine.pdbx_solvent_ion_probe_radii             ? 
_refine.pdbx_solvent_shrinkage_radii             0.9000 
_refine.pdbx_real_space_R                        ? 
_refine.pdbx_density_correlation                 ? 
_refine.pdbx_pd_number_of_powder_patterns        ? 
_refine.pdbx_pd_number_of_points                 ? 
_refine.pdbx_pd_meas_number_of_points            ? 
_refine.pdbx_pd_proc_ls_prof_R_factor            ? 
_refine.pdbx_pd_proc_ls_prof_wR_factor           ? 
_refine.pdbx_pd_Marquardt_correlation_coeff      ? 
_refine.pdbx_pd_Fsqrd_R_factor                   ? 
_refine.pdbx_pd_ls_matrix_band_width             ? 
_refine.pdbx_overall_phase_error                 20.0400 
_refine.pdbx_overall_SU_R_free_Cruickshank_DPI   ? 
_refine.pdbx_overall_SU_R_free_Blow_DPI          ? 
_refine.pdbx_overall_SU_R_Blow_DPI               ? 
_refine.pdbx_TLS_residual_ADP_flag               ? 
_refine.pdbx_diffrn_id                           1 
_refine.overall_SU_B                             ? 
_refine.overall_SU_ML                            0.2100 
_refine.overall_SU_R_Cruickshank_DPI             ? 
_refine.overall_SU_R_free                        ? 
_refine.overall_FOM_free_R_set                   ? 
_refine.overall_FOM_work_R_set                   ? 
_refine.pdbx_average_fsc_overall                 ? 
_refine.pdbx_average_fsc_work                    ? 
_refine.pdbx_average_fsc_free                    ? 
# 
_refine_hist.cycle_id                         final 
_refine_hist.pdbx_refine_id                   'X-RAY DIFFRACTION' 
_refine_hist.d_res_high                       1.7500 
_refine_hist.d_res_low                        32.9530 
_refine_hist.pdbx_number_atoms_ligand         48 
_refine_hist.number_atoms_solvent             66 
_refine_hist.number_atoms_total               1291 
_refine_hist.pdbx_number_residues_total       155 
_refine_hist.pdbx_B_iso_mean_ligand           32.34 
_refine_hist.pdbx_B_iso_mean_solvent          28.36 
_refine_hist.pdbx_number_atoms_protein        1177 
_refine_hist.pdbx_number_atoms_nucleic_acid   0 
# 
loop_
_refine_ls_restr.pdbx_refine_id 
_refine_ls_restr.criterion 
_refine_ls_restr.dev_ideal 
_refine_ls_restr.dev_ideal_target 
_refine_ls_restr.number 
_refine_ls_restr.rejects 
_refine_ls_restr.type 
_refine_ls_restr.weight 
_refine_ls_restr.pdbx_restraint_function 
'X-RAY DIFFRACTION' ? 0.016  ? 1255 ? f_bond_d           ? ? 
'X-RAY DIFFRACTION' ? 1.657  ? 1706 ? f_angle_d          ? ? 
'X-RAY DIFFRACTION' ? 0.077  ? 171  ? f_chiral_restr     ? ? 
'X-RAY DIFFRACTION' ? 0.009  ? 220  ? f_plane_restr      ? ? 
'X-RAY DIFFRACTION' ? 17.686 ? 438  ? f_dihedral_angle_d ? ? 
# 
loop_
_refine_ls_shell.pdbx_refine_id 
_refine_ls_shell.d_res_high 
_refine_ls_shell.d_res_low 
_refine_ls_shell.number_reflns_all 
_refine_ls_shell.number_reflns_obs 
_refine_ls_shell.number_reflns_R_free 
_refine_ls_shell.number_reflns_R_work 
_refine_ls_shell.percent_reflns_obs 
_refine_ls_shell.percent_reflns_R_free 
_refine_ls_shell.R_factor_all 
_refine_ls_shell.R_factor_obs 
_refine_ls_shell.R_factor_R_free 
_refine_ls_shell.R_factor_R_free_error 
_refine_ls_shell.R_factor_R_work 
_refine_ls_shell.redundancy_reflns_all 
_refine_ls_shell.redundancy_reflns_obs 
_refine_ls_shell.wR_factor_all 
_refine_ls_shell.wR_factor_obs 
_refine_ls_shell.wR_factor_R_free 
_refine_ls_shell.wR_factor_R_work 
_refine_ls_shell.pdbx_total_number_of_bins_used 
_refine_ls_shell.pdbx_phase_error 
_refine_ls_shell.pdbx_fsc_work 
_refine_ls_shell.pdbx_fsc_free 
'X-RAY DIFFRACTION' 1.7501 1.8297  2537 . 133 2404 100.0000 . . . 0.3067 . 0.2887 . . . . . . 8 . . . 
'X-RAY DIFFRACTION' 1.8297 1.9262  2536 . 135 2401 100.0000 . . . 0.2999 . 0.2550 . . . . . . 8 . . . 
'X-RAY DIFFRACTION' 1.9262 2.0468  2559 . 123 2436 100.0000 . . . 0.2787 . 0.2251 . . . . . . 8 . . . 
'X-RAY DIFFRACTION' 2.0468 2.2049  2586 . 145 2441 100.0000 . . . 0.2345 . 0.2004 . . . . . . 8 . . . 
'X-RAY DIFFRACTION' 2.2049 2.4267  2566 . 151 2415 100.0000 . . . 0.2392 . 0.1887 . . . . . . 8 . . . 
'X-RAY DIFFRACTION' 2.4267 2.7777  2621 . 133 2488 100.0000 . . . 0.2252 . 0.1905 . . . . . . 8 . . . 
'X-RAY DIFFRACTION' 2.7777 3.4989  2642 . 126 2516 100.0000 . . . 0.2490 . 0.1987 . . . . . . 8 . . . 
'X-RAY DIFFRACTION' 3.4989 32.9584 2817 . 123 2694 100.0000 . . . 0.2071 . 0.1877 . . . . . . 8 . . . 
# 
_struct.entry_id                     4Y4S 
_struct.title                        'Crystal Structure of Y75A HasA dimer from Yersinia pseudotuberculosis' 
_struct.pdbx_model_details           ? 
_struct.pdbx_formula_weight          ? 
_struct.pdbx_formula_weight_method   ? 
_struct.pdbx_model_type_details      ? 
_struct.pdbx_CASP_flag               ? 
# 
_struct_keywords.entry_id        4Y4S 
_struct_keywords.text            'hemophore, heme acquisition, HEME BINDING PROTEIN' 
_struct_keywords.pdbx_keywords   'HEME BINDING PROTEIN' 
# 
loop_
_struct_asym.id 
_struct_asym.pdbx_blank_PDB_chainid_flag 
_struct_asym.pdbx_modified 
_struct_asym.entity_id 
_struct_asym.details 
A N N 1 ? 
B N N 2 ? 
C N N 3 ? 
D N N 4 ? 
# 
_struct_ref.id                         1 
_struct_ref.db_name                    UNP 
_struct_ref.db_code                    Q66G68_YERPS 
_struct_ref.pdbx_db_accession          Q66G68 
_struct_ref.pdbx_db_isoform            ? 
_struct_ref.entity_id                  1 
_struct_ref.pdbx_seq_one_letter_code   
;MSTTIQYNSNYADYSISSYLREWANNFGDIDQAPAETKDRGSFSGSSTLFSGTQYAIGSSHSNPEGMIAEGDLKYSFMPQ
HTFHGQIDTLQFGKDLATNAGGPSAGKHLEKIDITFNELDLSGEFDSGKSMTENHQGDMHKSVRGLMKGNPDPMLEVMKA
KGINVDTAFKDLSIASQYPDSGYMSDAPMVDTVGVMDSNDMLLAA
;
_struct_ref.pdbx_align_begin           1 
# 
_struct_ref_seq.align_id                      1 
_struct_ref_seq.ref_id                        1 
_struct_ref_seq.pdbx_PDB_id_code              4Y4S 
_struct_ref_seq.pdbx_strand_id                A 
_struct_ref_seq.seq_align_beg                 13 
_struct_ref_seq.pdbx_seq_align_beg_ins_code   ? 
_struct_ref_seq.seq_align_end                 217 
_struct_ref_seq.pdbx_seq_align_end_ins_code   ? 
_struct_ref_seq.pdbx_db_accession             Q66G68 
_struct_ref_seq.db_align_beg                  1 
_struct_ref_seq.pdbx_db_align_beg_ins_code    ? 
_struct_ref_seq.db_align_end                  205 
_struct_ref_seq.pdbx_db_align_end_ins_code    ? 
_struct_ref_seq.pdbx_auth_seq_align_beg       1 
_struct_ref_seq.pdbx_auth_seq_align_end       205 
# 
loop_
_struct_ref_seq_dif.align_id 
_struct_ref_seq_dif.pdbx_pdb_id_code 
_struct_ref_seq_dif.mon_id 
_struct_ref_seq_dif.pdbx_pdb_strand_id 
_struct_ref_seq_dif.seq_num 
_struct_ref_seq_dif.pdbx_pdb_ins_code 
_struct_ref_seq_dif.pdbx_seq_db_name 
_struct_ref_seq_dif.pdbx_seq_db_accession_code 
_struct_ref_seq_dif.db_mon_id 
_struct_ref_seq_dif.pdbx_seq_db_seq_num 
_struct_ref_seq_dif.details 
_struct_ref_seq_dif.pdbx_auth_seq_num 
_struct_ref_seq_dif.pdbx_ordinal 
1 4Y4S MET A 1  ? UNP Q66G68 ?   ?  'expression tag'      -11 1  
1 4Y4S ARG A 2  ? UNP Q66G68 ?   ?  'expression tag'      -10 2  
1 4Y4S GLY A 3  ? UNP Q66G68 ?   ?  'expression tag'      -9  3  
1 4Y4S SER A 4  ? UNP Q66G68 ?   ?  'expression tag'      -8  4  
1 4Y4S HIS A 5  ? UNP Q66G68 ?   ?  'expression tag'      -7  5  
1 4Y4S HIS A 6  ? UNP Q66G68 ?   ?  'expression tag'      -6  6  
1 4Y4S HIS A 7  ? UNP Q66G68 ?   ?  'expression tag'      -5  7  
1 4Y4S HIS A 8  ? UNP Q66G68 ?   ?  'expression tag'      -4  8  
1 4Y4S HIS A 9  ? UNP Q66G68 ?   ?  'expression tag'      -3  9  
1 4Y4S HIS A 10 ? UNP Q66G68 ?   ?  'expression tag'      -2  10 
1 4Y4S GLY A 11 ? UNP Q66G68 ?   ?  'expression tag'      -1  11 
1 4Y4S SER A 12 ? UNP Q66G68 ?   ?  'expression tag'      0   12 
1 4Y4S ALA A 87 ? UNP Q66G68 TYR 75 'engineered mutation' 75  13 
# 
_pdbx_struct_assembly.id                   1 
_pdbx_struct_assembly.details              author_and_software_defined_assembly 
_pdbx_struct_assembly.method_details       PISA 
_pdbx_struct_assembly.oligomeric_details   dimeric 
_pdbx_struct_assembly.oligomeric_count     2 
# 
loop_
_pdbx_struct_assembly_prop.biol_id 
_pdbx_struct_assembly_prop.type 
_pdbx_struct_assembly_prop.value 
_pdbx_struct_assembly_prop.details 
1 'ABSA (A^2)' 11760 ? 
1 MORE         -119  ? 
1 'SSA (A^2)'  13320 ? 
# 
_pdbx_struct_assembly_gen.assembly_id       1 
_pdbx_struct_assembly_gen.oper_expression   1,2 
_pdbx_struct_assembly_gen.asym_id_list      A,B,C,D 
# 
loop_
_pdbx_struct_oper_list.id 
_pdbx_struct_oper_list.type 
_pdbx_struct_oper_list.name 
_pdbx_struct_oper_list.symmetry_operation 
_pdbx_struct_oper_list.matrix[1][1] 
_pdbx_struct_oper_list.matrix[1][2] 
_pdbx_struct_oper_list.matrix[1][3] 
_pdbx_struct_oper_list.vector[1] 
_pdbx_struct_oper_list.matrix[2][1] 
_pdbx_struct_oper_list.matrix[2][2] 
_pdbx_struct_oper_list.matrix[2][3] 
_pdbx_struct_oper_list.vector[2] 
_pdbx_struct_oper_list.matrix[3][1] 
_pdbx_struct_oper_list.matrix[3][2] 
_pdbx_struct_oper_list.matrix[3][3] 
_pdbx_struct_oper_list.vector[3] 
1 'identity operation'         1_555 x,y,z  1.0000000000  0.0000000000  0.0000000000 0.0000000000  0.0000000000  1.0000000000  0.0000000000  0.0000000000 0.0000000000 0.0000000000  1.0000000000 0.0000000000 
2 'crystal symmetry operation' 7_555 y,x,-z -0.4756380425 -0.4361134350 0.7639198416 -8.3699015934 -0.4361134350 -0.6372831296 -0.6353544558 1.3329233604 0.7639198416 -0.6353544558 0.1129211721 6.5061325790 
# 
loop_
_struct_conf.conf_type_id 
_struct_conf.id 
_struct_conf.pdbx_PDB_helix_id 
_struct_conf.beg_label_comp_id 
_struct_conf.beg_label_asym_id 
_struct_conf.beg_label_seq_id 
_struct_conf.pdbx_beg_PDB_ins_code 
_struct_conf.end_label_comp_id 
_struct_conf.end_label_asym_id 
_struct_conf.end_label_seq_id 
_struct_conf.pdbx_end_PDB_ins_code 
_struct_conf.beg_auth_comp_id 
_struct_conf.beg_auth_asym_id 
_struct_conf.beg_auth_seq_id 
_struct_conf.end_auth_comp_id 
_struct_conf.end_auth_asym_id 
_struct_conf.end_auth_seq_id 
_struct_conf.pdbx_PDB_helix_class 
_struct_conf.details 
_struct_conf.pdbx_PDB_helix_length 
HELX_P HELX_P1 AA1 ASN A 20  ? ALA A 24  ? ASN A 8   ALA A 12  5 ? 5  
HELX_P HELX_P2 AA2 SER A 27  ? ASN A 38  ? SER A 15  ASN A 26  1 ? 12 
HELX_P HELX_P3 AA3 GLY A 114 ? ALA A 117 ? GLY A 102 ALA A 105 5 ? 4  
HELX_P HELX_P4 AA4 LEU A 133 ? PHE A 137 ? LEU A 121 PHE A 125 5 ? 5  
HELX_P HELX_P5 AA5 MET A 151 ? LYS A 160 ? MET A 139 LYS A 148 1 ? 10 
HELX_P HELX_P6 AA6 PRO A 163 ? LYS A 173 ? PRO A 151 LYS A 161 1 ? 11 
HELX_P HELX_P7 AA7 ALA A 180 ? LEU A 184 ? ALA A 168 LEU A 172 5 ? 5  
# 
_struct_conf_type.id          HELX_P 
_struct_conf_type.criteria    ? 
_struct_conf_type.reference   ? 
# 
loop_
_struct_conn.id 
_struct_conn.conn_type_id 
_struct_conn.pdbx_leaving_atom_flag 
_struct_conn.pdbx_PDB_id 
_struct_conn.ptnr1_label_asym_id 
_struct_conn.ptnr1_label_comp_id 
_struct_conn.ptnr1_label_seq_id 
_struct_conn.ptnr1_label_atom_id 
_struct_conn.pdbx_ptnr1_label_alt_id 
_struct_conn.pdbx_ptnr1_PDB_ins_code 
_struct_conn.pdbx_ptnr1_standard_comp_id 
_struct_conn.ptnr1_symmetry 
_struct_conn.ptnr2_label_asym_id 
_struct_conn.ptnr2_label_comp_id 
_struct_conn.ptnr2_label_seq_id 
_struct_conn.ptnr2_label_atom_id 
_struct_conn.pdbx_ptnr2_label_alt_id 
_struct_conn.pdbx_ptnr2_PDB_ins_code 
_struct_conn.ptnr1_auth_asym_id 
_struct_conn.ptnr1_auth_comp_id 
_struct_conn.ptnr1_auth_seq_id 
_struct_conn.ptnr2_auth_asym_id 
_struct_conn.ptnr2_auth_comp_id 
_struct_conn.ptnr2_auth_seq_id 
_struct_conn.ptnr2_symmetry 
_struct_conn.pdbx_ptnr3_label_atom_id 
_struct_conn.pdbx_ptnr3_label_seq_id 
_struct_conn.pdbx_ptnr3_label_comp_id 
_struct_conn.pdbx_ptnr3_label_asym_id 
_struct_conn.pdbx_ptnr3_label_alt_id 
_struct_conn.pdbx_ptnr3_PDB_ins_code 
_struct_conn.details 
_struct_conn.pdbx_dist_value 
_struct_conn.pdbx_value_order 
_struct_conn.pdbx_role 
metalc1 metalc ? ? A HIS 96  NE2 ? ? ? 1_555 B HEM . FE ? ? A HIS 84  A HEM 301 1_555 ? ? ? ? ? ? ? 2.151 ? ? 
metalc2 metalc ? ? A HIS 152 NE2 ? ? ? 1_555 B HEM . FE ? ? A HIS 140 A HEM 301 7_555 ? ? ? ? ? ? ? 2.372 ? ? 
# 
_struct_conn_type.id          metalc 
_struct_conn_type.criteria    ? 
_struct_conn_type.reference   ? 
# 
loop_
_pdbx_struct_conn_angle.id 
_pdbx_struct_conn_angle.ptnr1_label_atom_id 
_pdbx_struct_conn_angle.ptnr1_label_alt_id 
_pdbx_struct_conn_angle.ptnr1_label_asym_id 
_pdbx_struct_conn_angle.ptnr1_label_comp_id 
_pdbx_struct_conn_angle.ptnr1_label_seq_id 
_pdbx_struct_conn_angle.ptnr1_auth_atom_id 
_pdbx_struct_conn_angle.ptnr1_auth_asym_id 
_pdbx_struct_conn_angle.ptnr1_auth_comp_id 
_pdbx_struct_conn_angle.ptnr1_auth_seq_id 
_pdbx_struct_conn_angle.ptnr1_PDB_ins_code 
_pdbx_struct_conn_angle.ptnr1_symmetry 
_pdbx_struct_conn_angle.ptnr2_label_atom_id 
_pdbx_struct_conn_angle.ptnr2_label_alt_id 
_pdbx_struct_conn_angle.ptnr2_label_asym_id 
_pdbx_struct_conn_angle.ptnr2_label_comp_id 
_pdbx_struct_conn_angle.ptnr2_label_seq_id 
_pdbx_struct_conn_angle.ptnr2_auth_atom_id 
_pdbx_struct_conn_angle.ptnr2_auth_asym_id 
_pdbx_struct_conn_angle.ptnr2_auth_comp_id 
_pdbx_struct_conn_angle.ptnr2_auth_seq_id 
_pdbx_struct_conn_angle.ptnr2_PDB_ins_code 
_pdbx_struct_conn_angle.ptnr2_symmetry 
_pdbx_struct_conn_angle.ptnr3_label_atom_id 
_pdbx_struct_conn_angle.ptnr3_label_alt_id 
_pdbx_struct_conn_angle.ptnr3_label_asym_id 
_pdbx_struct_conn_angle.ptnr3_label_comp_id 
_pdbx_struct_conn_angle.ptnr3_label_seq_id 
_pdbx_struct_conn_angle.ptnr3_auth_atom_id 
_pdbx_struct_conn_angle.ptnr3_auth_asym_id 
_pdbx_struct_conn_angle.ptnr3_auth_comp_id 
_pdbx_struct_conn_angle.ptnr3_auth_seq_id 
_pdbx_struct_conn_angle.ptnr3_PDB_ins_code 
_pdbx_struct_conn_angle.ptnr3_symmetry 
_pdbx_struct_conn_angle.value 
_pdbx_struct_conn_angle.value_esd 
1  NE2 ? A HIS 96 ? A HIS 84  ? 1_555 FE ? B HEM . ? A HEM 301 ? 1_555 NA  ? B HEM .   ? A HEM 301 ? 1_555 91.6  ? 
2  NE2 ? A HIS 96 ? A HIS 84  ? 1_555 FE ? B HEM . ? A HEM 301 ? 1_555 NB  ? B HEM .   ? A HEM 301 ? 1_555 90.8  ? 
3  NA  ? B HEM .  ? A HEM 301 ? 1_555 FE ? B HEM . ? A HEM 301 ? 1_555 NB  ? B HEM .   ? A HEM 301 ? 1_555 90.0  ? 
4  NE2 ? A HIS 96 ? A HIS 84  ? 1_555 FE ? B HEM . ? A HEM 301 ? 1_555 NC  ? B HEM .   ? A HEM 301 ? 1_555 88.5  ? 
5  NA  ? B HEM .  ? A HEM 301 ? 1_555 FE ? B HEM . ? A HEM 301 ? 1_555 NC  ? B HEM .   ? A HEM 301 ? 1_555 179.4 ? 
6  NB  ? B HEM .  ? A HEM 301 ? 1_555 FE ? B HEM . ? A HEM 301 ? 1_555 NC  ? B HEM .   ? A HEM 301 ? 1_555 89.4  ? 
7  NE2 ? A HIS 96 ? A HIS 84  ? 1_555 FE ? B HEM . ? A HEM 301 ? 1_555 ND  ? B HEM .   ? A HEM 301 ? 1_555 90.8  ? 
8  NA  ? B HEM .  ? A HEM 301 ? 1_555 FE ? B HEM . ? A HEM 301 ? 1_555 ND  ? B HEM .   ? A HEM 301 ? 1_555 90.6  ? 
9  NB  ? B HEM .  ? A HEM 301 ? 1_555 FE ? B HEM . ? A HEM 301 ? 1_555 ND  ? B HEM .   ? A HEM 301 ? 1_555 178.4 ? 
10 NC  ? B HEM .  ? A HEM 301 ? 1_555 FE ? B HEM . ? A HEM 301 ? 1_555 ND  ? B HEM .   ? A HEM 301 ? 1_555 90.1  ? 
11 NE2 ? A HIS 96 ? A HIS 84  ? 1_555 FE ? B HEM . ? A HEM 301 ? 1_555 NE2 ? A HIS 152 ? A HIS 140 ? 1_555 59.8  ? 
12 NA  ? B HEM .  ? A HEM 301 ? 1_555 FE ? B HEM . ? A HEM 301 ? 1_555 NE2 ? A HIS 152 ? A HIS 140 ? 1_555 39.6  ? 
13 NB  ? B HEM .  ? A HEM 301 ? 1_555 FE ? B HEM . ? A HEM 301 ? 1_555 NE2 ? A HIS 152 ? A HIS 140 ? 1_555 111.6 ? 
14 NC  ? B HEM .  ? A HEM 301 ? 1_555 FE ? B HEM . ? A HEM 301 ? 1_555 NE2 ? A HIS 152 ? A HIS 140 ? 1_555 140.9 ? 
15 ND  ? B HEM .  ? A HEM 301 ? 1_555 FE ? B HEM . ? A HEM 301 ? 1_555 NE2 ? A HIS 152 ? A HIS 140 ? 1_555 69.7  ? 
# 
_struct_mon_prot_cis.pdbx_id                1 
_struct_mon_prot_cis.label_comp_id          SER 
_struct_mon_prot_cis.label_seq_id           59 
_struct_mon_prot_cis.label_asym_id          A 
_struct_mon_prot_cis.label_alt_id           . 
_struct_mon_prot_cis.pdbx_PDB_ins_code      ? 
_struct_mon_prot_cis.auth_comp_id           SER 
_struct_mon_prot_cis.auth_seq_id            47 
_struct_mon_prot_cis.auth_asym_id           A 
_struct_mon_prot_cis.pdbx_label_comp_id_2   THR 
_struct_mon_prot_cis.pdbx_label_seq_id_2    60 
_struct_mon_prot_cis.pdbx_label_asym_id_2   A 
_struct_mon_prot_cis.pdbx_PDB_ins_code_2    ? 
_struct_mon_prot_cis.pdbx_auth_comp_id_2    THR 
_struct_mon_prot_cis.pdbx_auth_seq_id_2     48 
_struct_mon_prot_cis.pdbx_auth_asym_id_2    A 
_struct_mon_prot_cis.pdbx_PDB_model_num     1 
_struct_mon_prot_cis.pdbx_omega_angle       -5.69 
# 
_struct_sheet.id               AA1 
_struct_sheet.type             ? 
_struct_sheet.number_strands   4 
_struct_sheet.details          ? 
# 
loop_
_struct_sheet_order.sheet_id 
_struct_sheet_order.range_id_1 
_struct_sheet_order.range_id_2 
_struct_sheet_order.offset 
_struct_sheet_order.sense 
AA1 1 2 ? anti-parallel 
AA1 2 3 ? anti-parallel 
AA1 3 4 ? anti-parallel 
# 
loop_
_struct_sheet_range.sheet_id 
_struct_sheet_range.id 
_struct_sheet_range.beg_label_comp_id 
_struct_sheet_range.beg_label_asym_id 
_struct_sheet_range.beg_label_seq_id 
_struct_sheet_range.pdbx_beg_PDB_ins_code 
_struct_sheet_range.end_label_comp_id 
_struct_sheet_range.end_label_asym_id 
_struct_sheet_range.end_label_seq_id 
_struct_sheet_range.pdbx_end_PDB_ins_code 
_struct_sheet_range.beg_auth_comp_id 
_struct_sheet_range.beg_auth_asym_id 
_struct_sheet_range.beg_auth_seq_id 
_struct_sheet_range.end_auth_comp_id 
_struct_sheet_range.end_auth_asym_id 
_struct_sheet_range.end_auth_seq_id 
AA1 1 SER A 63  ? GLY A 70  ? SER A 51  GLY A 58  
AA1 2 GLU A 77  ? LEU A 85  ? GLU A 65  LEU A 73  
AA1 3 THR A 101 ? THR A 110 ? THR A 89  THR A 98  
AA1 4 LYS A 119 ? ASN A 129 ? LYS A 107 ASN A 117 
# 
loop_
_pdbx_struct_sheet_hbond.sheet_id 
_pdbx_struct_sheet_hbond.range_id_1 
_pdbx_struct_sheet_hbond.range_id_2 
_pdbx_struct_sheet_hbond.range_1_label_atom_id 
_pdbx_struct_sheet_hbond.range_1_label_comp_id 
_pdbx_struct_sheet_hbond.range_1_label_asym_id 
_pdbx_struct_sheet_hbond.range_1_label_seq_id 
_pdbx_struct_sheet_hbond.range_1_PDB_ins_code 
_pdbx_struct_sheet_hbond.range_1_auth_atom_id 
_pdbx_struct_sheet_hbond.range_1_auth_comp_id 
_pdbx_struct_sheet_hbond.range_1_auth_asym_id 
_pdbx_struct_sheet_hbond.range_1_auth_seq_id 
_pdbx_struct_sheet_hbond.range_2_label_atom_id 
_pdbx_struct_sheet_hbond.range_2_label_comp_id 
_pdbx_struct_sheet_hbond.range_2_label_asym_id 
_pdbx_struct_sheet_hbond.range_2_label_seq_id 
_pdbx_struct_sheet_hbond.range_2_PDB_ins_code 
_pdbx_struct_sheet_hbond.range_2_auth_atom_id 
_pdbx_struct_sheet_hbond.range_2_auth_comp_id 
_pdbx_struct_sheet_hbond.range_2_auth_asym_id 
_pdbx_struct_sheet_hbond.range_2_auth_seq_id 
AA1 1 2 N TYR A 67  ? N TYR A 55 O ALA A 81  ? O ALA A 69  
AA1 2 3 N GLY A 78  ? N GLY A 66 O GLY A 105 ? O GLY A 93  
AA1 3 4 N LEU A 102 ? N LEU A 90 O PHE A 128 ? O PHE A 116 
# 
loop_
_struct_site.id 
_struct_site.pdbx_evidence_code 
_struct_site.pdbx_auth_asym_id 
_struct_site.pdbx_auth_comp_id 
_struct_site.pdbx_auth_seq_id 
_struct_site.pdbx_auth_ins_code 
_struct_site.pdbx_num_residues 
_struct_site.details 
AC1 Software A HEM 301 ? 13 'binding site for residue HEM A 301' 
AC2 Software A SO4 302 ? 4  'binding site for residue SO4 A 302' 
# 
loop_
_struct_site_gen.id 
_struct_site_gen.site_id 
_struct_site_gen.pdbx_num_res 
_struct_site_gen.label_comp_id 
_struct_site_gen.label_asym_id 
_struct_site_gen.label_seq_id 
_struct_site_gen.pdbx_auth_ins_code 
_struct_site_gen.auth_comp_id 
_struct_site_gen.auth_asym_id 
_struct_site_gen.auth_seq_id 
_struct_site_gen.label_atom_id 
_struct_site_gen.label_alt_id 
_struct_site_gen.symmetry 
_struct_site_gen.details 
1  AC1 13 GLY A 57  ? GLY A 45  . ? 1_555 ? 
2  AC1 13 TYR A 67  ? TYR A 55  . ? 7_555 ? 
3  AC1 13 ILE A 69  ? ILE A 57  . ? 7_555 ? 
4  AC1 13 ALA A 81  ? ALA A 69  . ? 7_555 ? 
5  AC1 13 THR A 94  ? THR A 82  . ? 1_555 ? 
6  AC1 13 PHE A 95  ? PHE A 83  . ? 1_555 ? 
7  AC1 13 HIS A 96  ? HIS A 84  . ? 7_555 ? 
8  AC1 13 HIS A 96  ? HIS A 84  . ? 1_555 ? 
9  AC1 13 GLY A 97  ? GLY A 85  . ? 7_555 ? 
10 AC1 13 PHE A 137 ? PHE A 125 . ? 7_555 ? 
11 AC1 13 HIS A 152 ? HIS A 140 . ? 7_555 ? 
12 AC1 13 ARG A 156 ? ARG A 144 . ? 7_555 ? 
13 AC1 13 MET A 159 ? MET A 147 . ? 7_555 ? 
14 AC2 4  TYR A 19  ? TYR A 7   . ? 1_555 ? 
15 AC2 4  SER A 188 ? SER A 176 . ? 7_555 ? 
16 AC2 4  GLN A 189 ? GLN A 177 . ? 7_555 ? 
17 AC2 4  HOH D .   ? HOH A 431 . ? 7_555 ? 
# 
_pdbx_validate_close_contact.id               1 
_pdbx_validate_close_contact.PDB_model_num    1 
_pdbx_validate_close_contact.auth_atom_id_1   O 
_pdbx_validate_close_contact.auth_asym_id_1   A 
_pdbx_validate_close_contact.auth_comp_id_1   HOH 
_pdbx_validate_close_contact.auth_seq_id_1    436 
_pdbx_validate_close_contact.PDB_ins_code_1   ? 
_pdbx_validate_close_contact.label_alt_id_1   ? 
_pdbx_validate_close_contact.auth_atom_id_2   O 
_pdbx_validate_close_contact.auth_asym_id_2   A 
_pdbx_validate_close_contact.auth_comp_id_2   HOH 
_pdbx_validate_close_contact.auth_seq_id_2    451 
_pdbx_validate_close_contact.PDB_ins_code_2   ? 
_pdbx_validate_close_contact.label_alt_id_2   ? 
_pdbx_validate_close_contact.dist             2.18 
# 
loop_
_pdbx_validate_torsion.id 
_pdbx_validate_torsion.PDB_model_num 
_pdbx_validate_torsion.auth_comp_id 
_pdbx_validate_torsion.auth_asym_id 
_pdbx_validate_torsion.auth_seq_id 
_pdbx_validate_torsion.PDB_ins_code 
_pdbx_validate_torsion.label_alt_id 
_pdbx_validate_torsion.phi 
_pdbx_validate_torsion.psi 
1 1 SER A 47  ? ? 134.62  107.22  
2 1 THR A 48  ? ? -116.48 79.60   
3 1 LYS A 74  ? ? -63.93  -131.58 
4 1 SER A 76  ? ? 156.90  -46.24  
5 1 PRO A 79  ? ? 22.50   70.64   
6 1 GLN A 80  ? ? 70.81   50.52   
7 1 ASP A 95  ? ? 69.42   65.47   
8 1 ASP A 180 ? ? 21.23   -66.85  
9 1 SER A 181 ? ? -142.31 -9.28   
# 
_pdbx_validate_peptide_omega.id               1 
_pdbx_validate_peptide_omega.PDB_model_num    1 
_pdbx_validate_peptide_omega.auth_comp_id_1   ALA 
_pdbx_validate_peptide_omega.auth_asym_id_1   A 
_pdbx_validate_peptide_omega.auth_seq_id_1    75 
_pdbx_validate_peptide_omega.PDB_ins_code_1   ? 
_pdbx_validate_peptide_omega.label_alt_id_1   ? 
_pdbx_validate_peptide_omega.auth_comp_id_2   SER 
_pdbx_validate_peptide_omega.auth_asym_id_2   A 
_pdbx_validate_peptide_omega.auth_seq_id_2    76 
_pdbx_validate_peptide_omega.PDB_ins_code_2   ? 
_pdbx_validate_peptide_omega.label_alt_id_2   ? 
_pdbx_validate_peptide_omega.omega            143.99 
# 
_diffrn_reflns.diffrn_id                   1 
_diffrn_reflns.pdbx_d_res_high             2.195 
_diffrn_reflns.pdbx_d_res_low              46.493 
_diffrn_reflns.pdbx_number_obs             10551 
_diffrn_reflns.pdbx_Rmerge_I_obs           ? 
_diffrn_reflns.pdbx_Rsym_value             0.076 
_diffrn_reflns.pdbx_chi_squared            ? 
_diffrn_reflns.pdbx_redundancy             11.40 
_diffrn_reflns.pdbx_rejects                ? 
_diffrn_reflns.pdbx_percent_possible_obs   99.30 
_diffrn_reflns.pdbx_observed_criterion     ? 
_diffrn_reflns.number                      119936 
_diffrn_reflns.limit_h_max                 ? 
_diffrn_reflns.limit_h_min                 ? 
_diffrn_reflns.limit_k_max                 ? 
_diffrn_reflns.limit_k_min                 ? 
_diffrn_reflns.limit_l_max                 ? 
_diffrn_reflns.limit_l_min                 ? 
# 
loop_
_pdbx_diffrn_reflns_shell.diffrn_id 
_pdbx_diffrn_reflns_shell.d_res_high 
_pdbx_diffrn_reflns_shell.d_res_low 
_pdbx_diffrn_reflns_shell.number_obs 
_pdbx_diffrn_reflns_shell.rejects 
_pdbx_diffrn_reflns_shell.Rmerge_I_obs 
_pdbx_diffrn_reflns_shell.Rsym_value 
_pdbx_diffrn_reflns_shell.chi_squared 
_pdbx_diffrn_reflns_shell.redundancy 
_pdbx_diffrn_reflns_shell.percent_possible_obs 
1 6.94 46.49 ? ? 0.032 0.032 ? 10.70 ? 
1 4.91 6.94  ? ? 0.047 0.047 ? 11.60 ? 
1 4.01 4.91  ? ? 0.059 0.059 ? 11.40 ? 
1 3.47 4.01  ? ? 0.052 0.052 ? 11.70 ? 
1 3.10 3.47  ? ? 0.066 0.066 ? 11.40 ? 
1 2.83 3.10  ? ? 0.120 0.120 ? 11.30 ? 
1 2.62 2.83  ? ? 0.193 0.193 ? 11.50 ? 
1 2.45 2.62  ? ? 0.323 0.323 ? 11.20 ? 
1 2.31 2.45  ? ? 0.519 0.519 ? 11.40 ? 
1 2.20 2.31  ? ? 0.833 0.833 ? 11.40 ? 
# 
loop_
_pdbx_unobs_or_zero_occ_residues.id 
_pdbx_unobs_or_zero_occ_residues.PDB_model_num 
_pdbx_unobs_or_zero_occ_residues.polymer_flag 
_pdbx_unobs_or_zero_occ_residues.occupancy_flag 
_pdbx_unobs_or_zero_occ_residues.auth_asym_id 
_pdbx_unobs_or_zero_occ_residues.auth_comp_id 
_pdbx_unobs_or_zero_occ_residues.auth_seq_id 
_pdbx_unobs_or_zero_occ_residues.PDB_ins_code 
_pdbx_unobs_or_zero_occ_residues.label_asym_id 
_pdbx_unobs_or_zero_occ_residues.label_comp_id 
_pdbx_unobs_or_zero_occ_residues.label_seq_id 
1  1 Y 1 A MET -11 ? A MET 1   
2  1 Y 1 A ARG -10 ? A ARG 2   
3  1 Y 1 A GLY -9  ? A GLY 3   
4  1 Y 1 A SER -8  ? A SER 4   
5  1 Y 1 A HIS -7  ? A HIS 5   
6  1 Y 1 A HIS -6  ? A HIS 6   
7  1 Y 1 A HIS -5  ? A HIS 7   
8  1 Y 1 A HIS -4  ? A HIS 8   
9  1 Y 1 A HIS -3  ? A HIS 9   
10 1 Y 1 A HIS -2  ? A HIS 10  
11 1 Y 1 A GLY -1  ? A GLY 11  
12 1 Y 1 A SER 0   ? A SER 12  
13 1 Y 1 A ASP 29  ? A ASP 41  
14 1 Y 1 A ILE 30  ? A ILE 42  
15 1 Y 1 A ASP 31  ? A ASP 43  
16 1 Y 1 A GLN 32  ? A GLN 44  
17 1 Y 1 A ALA 33  ? A ALA 45  
18 1 Y 1 A PRO 34  ? A PRO 46  
19 1 Y 1 A ALA 35  ? A ALA 47  
20 1 Y 1 A GLU 36  ? A GLU 48  
21 1 Y 1 A THR 37  ? A THR 49  
22 1 Y 1 A LYS 38  ? A LYS 50  
23 1 Y 1 A ASP 39  ? A ASP 51  
24 1 Y 1 A ARG 40  ? A ARG 52  
25 1 Y 1 A GLY 41  ? A GLY 53  
26 1 Y 1 A SER 42  ? A SER 54  
27 1 Y 1 A PHE 43  ? A PHE 55  
28 1 Y 1 A SER 44  ? A SER 56  
29 1 Y 1 A SER 127 ? A SER 139 
30 1 Y 1 A GLY 128 ? A GLY 140 
31 1 Y 1 A LYS 129 ? A LYS 141 
32 1 Y 1 A SER 130 ? A SER 142 
33 1 Y 1 A MET 131 ? A MET 143 
34 1 Y 1 A THR 132 ? A THR 144 
35 1 Y 1 A GLU 133 ? A GLU 145 
36 1 Y 1 A ASN 134 ? A ASN 146 
37 1 Y 1 A HIS 135 ? A HIS 147 
38 1 Y 1 A GLN 136 ? A GLN 148 
39 1 Y 1 A GLY 137 ? A GLY 149 
40 1 Y 1 A TYR 183 ? A TYR 195 
41 1 Y 1 A MET 184 ? A MET 196 
42 1 Y 1 A SER 185 ? A SER 197 
43 1 Y 1 A ASP 186 ? A ASP 198 
44 1 Y 1 A ALA 187 ? A ALA 199 
45 1 Y 1 A PRO 188 ? A PRO 200 
46 1 Y 1 A MET 189 ? A MET 201 
47 1 Y 1 A VAL 190 ? A VAL 202 
48 1 Y 1 A ASP 191 ? A ASP 203 
49 1 Y 1 A THR 192 ? A THR 204 
50 1 Y 1 A VAL 193 ? A VAL 205 
51 1 Y 1 A GLY 194 ? A GLY 206 
52 1 Y 1 A VAL 195 ? A VAL 207 
53 1 Y 1 A MET 196 ? A MET 208 
54 1 Y 1 A ASP 197 ? A ASP 209 
55 1 Y 1 A SER 198 ? A SER 210 
56 1 Y 1 A ASN 199 ? A ASN 211 
57 1 Y 1 A ASP 200 ? A ASP 212 
58 1 Y 1 A MET 201 ? A MET 213 
59 1 Y 1 A LEU 202 ? A LEU 214 
60 1 Y 1 A LEU 203 ? A LEU 215 
61 1 Y 1 A ALA 204 ? A ALA 216 
62 1 Y 1 A ALA 205 ? A ALA 217 
# 
loop_
_chem_comp_atom.comp_id 
_chem_comp_atom.atom_id 
_chem_comp_atom.type_symbol 
_chem_comp_atom.pdbx_aromatic_flag 
_chem_comp_atom.pdbx_stereo_config 
_chem_comp_atom.pdbx_ordinal 
ALA N    N  N N 1   
ALA CA   C  N S 2   
ALA C    C  N N 3   
ALA O    O  N N 4   
ALA CB   C  N N 5   
ALA OXT  O  N N 6   
ALA H    H  N N 7   
ALA H2   H  N N 8   
ALA HA   H  N N 9   
ALA HB1  H  N N 10  
ALA HB2  H  N N 11  
ALA HB3  H  N N 12  
ALA HXT  H  N N 13  
ARG N    N  N N 14  
ARG CA   C  N S 15  
ARG C    C  N N 16  
ARG O    O  N N 17  
ARG CB   C  N N 18  
ARG CG   C  N N 19  
ARG CD   C  N N 20  
ARG NE   N  N N 21  
ARG CZ   C  N N 22  
ARG NH1  N  N N 23  
ARG NH2  N  N N 24  
ARG OXT  O  N N 25  
ARG H    H  N N 26  
ARG H2   H  N N 27  
ARG HA   H  N N 28  
ARG HB2  H  N N 29  
ARG HB3  H  N N 30  
ARG HG2  H  N N 31  
ARG HG3  H  N N 32  
ARG HD2  H  N N 33  
ARG HD3  H  N N 34  
ARG HE   H  N N 35  
ARG HH11 H  N N 36  
ARG HH12 H  N N 37  
ARG HH21 H  N N 38  
ARG HH22 H  N N 39  
ARG HXT  H  N N 40  
ASN N    N  N N 41  
ASN CA   C  N S 42  
ASN C    C  N N 43  
ASN O    O  N N 44  
ASN CB   C  N N 45  
ASN CG   C  N N 46  
ASN OD1  O  N N 47  
ASN ND2  N  N N 48  
ASN OXT  O  N N 49  
ASN H    H  N N 50  
ASN H2   H  N N 51  
ASN HA   H  N N 52  
ASN HB2  H  N N 53  
ASN HB3  H  N N 54  
ASN HD21 H  N N 55  
ASN HD22 H  N N 56  
ASN HXT  H  N N 57  
ASP N    N  N N 58  
ASP CA   C  N S 59  
ASP C    C  N N 60  
ASP O    O  N N 61  
ASP CB   C  N N 62  
ASP CG   C  N N 63  
ASP OD1  O  N N 64  
ASP OD2  O  N N 65  
ASP OXT  O  N N 66  
ASP H    H  N N 67  
ASP H2   H  N N 68  
ASP HA   H  N N 69  
ASP HB2  H  N N 70  
ASP HB3  H  N N 71  
ASP HD2  H  N N 72  
ASP HXT  H  N N 73  
GLN N    N  N N 74  
GLN CA   C  N S 75  
GLN C    C  N N 76  
GLN O    O  N N 77  
GLN CB   C  N N 78  
GLN CG   C  N N 79  
GLN CD   C  N N 80  
GLN OE1  O  N N 81  
GLN NE2  N  N N 82  
GLN OXT  O  N N 83  
GLN H    H  N N 84  
GLN H2   H  N N 85  
GLN HA   H  N N 86  
GLN HB2  H  N N 87  
GLN HB3  H  N N 88  
GLN HG2  H  N N 89  
GLN HG3  H  N N 90  
GLN HE21 H  N N 91  
GLN HE22 H  N N 92  
GLN HXT  H  N N 93  
GLU N    N  N N 94  
GLU CA   C  N S 95  
GLU C    C  N N 96  
GLU O    O  N N 97  
GLU CB   C  N N 98  
GLU CG   C  N N 99  
GLU CD   C  N N 100 
GLU OE1  O  N N 101 
GLU OE2  O  N N 102 
GLU OXT  O  N N 103 
GLU H    H  N N 104 
GLU H2   H  N N 105 
GLU HA   H  N N 106 
GLU HB2  H  N N 107 
GLU HB3  H  N N 108 
GLU HG2  H  N N 109 
GLU HG3  H  N N 110 
GLU HE2  H  N N 111 
GLU HXT  H  N N 112 
GLY N    N  N N 113 
GLY CA   C  N N 114 
GLY C    C  N N 115 
GLY O    O  N N 116 
GLY OXT  O  N N 117 
GLY H    H  N N 118 
GLY H2   H  N N 119 
GLY HA2  H  N N 120 
GLY HA3  H  N N 121 
GLY HXT  H  N N 122 
HEM CHA  C  N N 123 
HEM CHB  C  N N 124 
HEM CHC  C  N N 125 
HEM CHD  C  N N 126 
HEM C1A  C  Y N 127 
HEM C2A  C  Y N 128 
HEM C3A  C  Y N 129 
HEM C4A  C  Y N 130 
HEM CMA  C  N N 131 
HEM CAA  C  N N 132 
HEM CBA  C  N N 133 
HEM CGA  C  N N 134 
HEM O1A  O  N N 135 
HEM O2A  O  N N 136 
HEM C1B  C  N N 137 
HEM C2B  C  N N 138 
HEM C3B  C  N N 139 
HEM C4B  C  N N 140 
HEM CMB  C  N N 141 
HEM CAB  C  N N 142 
HEM CBB  C  N N 143 
HEM C1C  C  Y N 144 
HEM C2C  C  Y N 145 
HEM C3C  C  Y N 146 
HEM C4C  C  Y N 147 
HEM CMC  C  N N 148 
HEM CAC  C  N N 149 
HEM CBC  C  N N 150 
HEM C1D  C  N N 151 
HEM C2D  C  N N 152 
HEM C3D  C  N N 153 
HEM C4D  C  N N 154 
HEM CMD  C  N N 155 
HEM CAD  C  N N 156 
HEM CBD  C  N N 157 
HEM CGD  C  N N 158 
HEM O1D  O  N N 159 
HEM O2D  O  N N 160 
HEM NA   N  Y N 161 
HEM NB   N  N N 162 
HEM NC   N  Y N 163 
HEM ND   N  N N 164 
HEM FE   FE N N 165 
HEM HHB  H  N N 166 
HEM HHC  H  N N 167 
HEM HHD  H  N N 168 
HEM HMA  H  N N 169 
HEM HMAA H  N N 170 
HEM HMAB H  N N 171 
HEM HAA  H  N N 172 
HEM HAAA H  N N 173 
HEM HBA  H  N N 174 
HEM HBAA H  N N 175 
HEM HMB  H  N N 176 
HEM HMBA H  N N 177 
HEM HMBB H  N N 178 
HEM HAB  H  N N 179 
HEM HBB  H  N N 180 
HEM HBBA H  N N 181 
HEM HMC  H  N N 182 
HEM HMCA H  N N 183 
HEM HMCB H  N N 184 
HEM HAC  H  N N 185 
HEM HBC  H  N N 186 
HEM HBCA H  N N 187 
HEM HMD  H  N N 188 
HEM HMDA H  N N 189 
HEM HMDB H  N N 190 
HEM HAD  H  N N 191 
HEM HADA H  N N 192 
HEM HBD  H  N N 193 
HEM HBDA H  N N 194 
HEM H2A  H  N N 195 
HEM H2D  H  N N 196 
HEM HHA  H  N N 197 
HIS N    N  N N 198 
HIS CA   C  N S 199 
HIS C    C  N N 200 
HIS O    O  N N 201 
HIS CB   C  N N 202 
HIS CG   C  Y N 203 
HIS ND1  N  Y N 204 
HIS CD2  C  Y N 205 
HIS CE1  C  Y N 206 
HIS NE2  N  Y N 207 
HIS OXT  O  N N 208 
HIS H    H  N N 209 
HIS H2   H  N N 210 
HIS HA   H  N N 211 
HIS HB2  H  N N 212 
HIS HB3  H  N N 213 
HIS HD1  H  N N 214 
HIS HD2  H  N N 215 
HIS HE1  H  N N 216 
HIS HE2  H  N N 217 
HIS HXT  H  N N 218 
HOH O    O  N N 219 
HOH H1   H  N N 220 
HOH H2   H  N N 221 
ILE N    N  N N 222 
ILE CA   C  N S 223 
ILE C    C  N N 224 
ILE O    O  N N 225 
ILE CB   C  N S 226 
ILE CG1  C  N N 227 
ILE CG2  C  N N 228 
ILE CD1  C  N N 229 
ILE OXT  O  N N 230 
ILE H    H  N N 231 
ILE H2   H  N N 232 
ILE HA   H  N N 233 
ILE HB   H  N N 234 
ILE HG12 H  N N 235 
ILE HG13 H  N N 236 
ILE HG21 H  N N 237 
ILE HG22 H  N N 238 
ILE HG23 H  N N 239 
ILE HD11 H  N N 240 
ILE HD12 H  N N 241 
ILE HD13 H  N N 242 
ILE HXT  H  N N 243 
LEU N    N  N N 244 
LEU CA   C  N S 245 
LEU C    C  N N 246 
LEU O    O  N N 247 
LEU CB   C  N N 248 
LEU CG   C  N N 249 
LEU CD1  C  N N 250 
LEU CD2  C  N N 251 
LEU OXT  O  N N 252 
LEU H    H  N N 253 
LEU H2   H  N N 254 
LEU HA   H  N N 255 
LEU HB2  H  N N 256 
LEU HB3  H  N N 257 
LEU HG   H  N N 258 
LEU HD11 H  N N 259 
LEU HD12 H  N N 260 
LEU HD13 H  N N 261 
LEU HD21 H  N N 262 
LEU HD22 H  N N 263 
LEU HD23 H  N N 264 
LEU HXT  H  N N 265 
LYS N    N  N N 266 
LYS CA   C  N S 267 
LYS C    C  N N 268 
LYS O    O  N N 269 
LYS CB   C  N N 270 
LYS CG   C  N N 271 
LYS CD   C  N N 272 
LYS CE   C  N N 273 
LYS NZ   N  N N 274 
LYS OXT  O  N N 275 
LYS H    H  N N 276 
LYS H2   H  N N 277 
LYS HA   H  N N 278 
LYS HB2  H  N N 279 
LYS HB3  H  N N 280 
LYS HG2  H  N N 281 
LYS HG3  H  N N 282 
LYS HD2  H  N N 283 
LYS HD3  H  N N 284 
LYS HE2  H  N N 285 
LYS HE3  H  N N 286 
LYS HZ1  H  N N 287 
LYS HZ2  H  N N 288 
LYS HZ3  H  N N 289 
LYS HXT  H  N N 290 
MET N    N  N N 291 
MET CA   C  N S 292 
MET C    C  N N 293 
MET O    O  N N 294 
MET CB   C  N N 295 
MET CG   C  N N 296 
MET SD   S  N N 297 
MET CE   C  N N 298 
MET OXT  O  N N 299 
MET H    H  N N 300 
MET H2   H  N N 301 
MET HA   H  N N 302 
MET HB2  H  N N 303 
MET HB3  H  N N 304 
MET HG2  H  N N 305 
MET HG3  H  N N 306 
MET HE1  H  N N 307 
MET HE2  H  N N 308 
MET HE3  H  N N 309 
MET HXT  H  N N 310 
PHE N    N  N N 311 
PHE CA   C  N S 312 
PHE C    C  N N 313 
PHE O    O  N N 314 
PHE CB   C  N N 315 
PHE CG   C  Y N 316 
PHE CD1  C  Y N 317 
PHE CD2  C  Y N 318 
PHE CE1  C  Y N 319 
PHE CE2  C  Y N 320 
PHE CZ   C  Y N 321 
PHE OXT  O  N N 322 
PHE H    H  N N 323 
PHE H2   H  N N 324 
PHE HA   H  N N 325 
PHE HB2  H  N N 326 
PHE HB3  H  N N 327 
PHE HD1  H  N N 328 
PHE HD2  H  N N 329 
PHE HE1  H  N N 330 
PHE HE2  H  N N 331 
PHE HZ   H  N N 332 
PHE HXT  H  N N 333 
PRO N    N  N N 334 
PRO CA   C  N S 335 
PRO C    C  N N 336 
PRO O    O  N N 337 
PRO CB   C  N N 338 
PRO CG   C  N N 339 
PRO CD   C  N N 340 
PRO OXT  O  N N 341 
PRO H    H  N N 342 
PRO HA   H  N N 343 
PRO HB2  H  N N 344 
PRO HB3  H  N N 345 
PRO HG2  H  N N 346 
PRO HG3  H  N N 347 
PRO HD2  H  N N 348 
PRO HD3  H  N N 349 
PRO HXT  H  N N 350 
SER N    N  N N 351 
SER CA   C  N S 352 
SER C    C  N N 353 
SER O    O  N N 354 
SER CB   C  N N 355 
SER OG   O  N N 356 
SER OXT  O  N N 357 
SER H    H  N N 358 
SER H2   H  N N 359 
SER HA   H  N N 360 
SER HB2  H  N N 361 
SER HB3  H  N N 362 
SER HG   H  N N 363 
SER HXT  H  N N 364 
SO4 S    S  N N 365 
SO4 O1   O  N N 366 
SO4 O2   O  N N 367 
SO4 O3   O  N N 368 
SO4 O4   O  N N 369 
THR N    N  N N 370 
THR CA   C  N S 371 
THR C    C  N N 372 
THR O    O  N N 373 
THR CB   C  N R 374 
THR OG1  O  N N 375 
THR CG2  C  N N 376 
THR OXT  O  N N 377 
THR H    H  N N 378 
THR H2   H  N N 379 
THR HA   H  N N 380 
THR HB   H  N N 381 
THR HG1  H  N N 382 
THR HG21 H  N N 383 
THR HG22 H  N N 384 
THR HG23 H  N N 385 
THR HXT  H  N N 386 
TRP N    N  N N 387 
TRP CA   C  N S 388 
TRP C    C  N N 389 
TRP O    O  N N 390 
TRP CB   C  N N 391 
TRP CG   C  Y N 392 
TRP CD1  C  Y N 393 
TRP CD2  C  Y N 394 
TRP NE1  N  Y N 395 
TRP CE2  C  Y N 396 
TRP CE3  C  Y N 397 
TRP CZ2  C  Y N 398 
TRP CZ3  C  Y N 399 
TRP CH2  C  Y N 400 
TRP OXT  O  N N 401 
TRP H    H  N N 402 
TRP H2   H  N N 403 
TRP HA   H  N N 404 
TRP HB2  H  N N 405 
TRP HB3  H  N N 406 
TRP HD1  H  N N 407 
TRP HE1  H  N N 408 
TRP HE3  H  N N 409 
TRP HZ2  H  N N 410 
TRP HZ3  H  N N 411 
TRP HH2  H  N N 412 
TRP HXT  H  N N 413 
TYR N    N  N N 414 
TYR CA   C  N S 415 
TYR C    C  N N 416 
TYR O    O  N N 417 
TYR CB   C  N N 418 
TYR CG   C  Y N 419 
TYR CD1  C  Y N 420 
TYR CD2  C  Y N 421 
TYR CE1  C  Y N 422 
TYR CE2  C  Y N 423 
TYR CZ   C  Y N 424 
TYR OH   O  N N 425 
TYR OXT  O  N N 426 
TYR H    H  N N 427 
TYR H2   H  N N 428 
TYR HA   H  N N 429 
TYR HB2  H  N N 430 
TYR HB3  H  N N 431 
TYR HD1  H  N N 432 
TYR HD2  H  N N 433 
TYR HE1  H  N N 434 
TYR HE2  H  N N 435 
TYR HH   H  N N 436 
TYR HXT  H  N N 437 
VAL N    N  N N 438 
VAL CA   C  N S 439 
VAL C    C  N N 440 
VAL O    O  N N 441 
VAL CB   C  N N 442 
VAL CG1  C  N N 443 
VAL CG2  C  N N 444 
VAL OXT  O  N N 445 
VAL H    H  N N 446 
VAL H2   H  N N 447 
VAL HA   H  N N 448 
VAL HB   H  N N 449 
VAL HG11 H  N N 450 
VAL HG12 H  N N 451 
VAL HG13 H  N N 452 
VAL HG21 H  N N 453 
VAL HG22 H  N N 454 
VAL HG23 H  N N 455 
VAL HXT  H  N N 456 
# 
loop_
_chem_comp_bond.comp_id 
_chem_comp_bond.atom_id_1 
_chem_comp_bond.atom_id_2 
_chem_comp_bond.value_order 
_chem_comp_bond.pdbx_aromatic_flag 
_chem_comp_bond.pdbx_stereo_config 
_chem_comp_bond.pdbx_ordinal 
ALA N   CA   sing N N 1   
ALA N   H    sing N N 2   
ALA N   H2   sing N N 3   
ALA CA  C    sing N N 4   
ALA CA  CB   sing N N 5   
ALA CA  HA   sing N N 6   
ALA C   O    doub N N 7   
ALA C   OXT  sing N N 8   
ALA CB  HB1  sing N N 9   
ALA CB  HB2  sing N N 10  
ALA CB  HB3  sing N N 11  
ALA OXT HXT  sing N N 12  
ARG N   CA   sing N N 13  
ARG N   H    sing N N 14  
ARG N   H2   sing N N 15  
ARG CA  C    sing N N 16  
ARG CA  CB   sing N N 17  
ARG CA  HA   sing N N 18  
ARG C   O    doub N N 19  
ARG C   OXT  sing N N 20  
ARG CB  CG   sing N N 21  
ARG CB  HB2  sing N N 22  
ARG CB  HB3  sing N N 23  
ARG CG  CD   sing N N 24  
ARG CG  HG2  sing N N 25  
ARG CG  HG3  sing N N 26  
ARG CD  NE   sing N N 27  
ARG CD  HD2  sing N N 28  
ARG CD  HD3  sing N N 29  
ARG NE  CZ   sing N N 30  
ARG NE  HE   sing N N 31  
ARG CZ  NH1  sing N N 32  
ARG CZ  NH2  doub N N 33  
ARG NH1 HH11 sing N N 34  
ARG NH1 HH12 sing N N 35  
ARG NH2 HH21 sing N N 36  
ARG NH2 HH22 sing N N 37  
ARG OXT HXT  sing N N 38  
ASN N   CA   sing N N 39  
ASN N   H    sing N N 40  
ASN N   H2   sing N N 41  
ASN CA  C    sing N N 42  
ASN CA  CB   sing N N 43  
ASN CA  HA   sing N N 44  
ASN C   O    doub N N 45  
ASN C   OXT  sing N N 46  
ASN CB  CG   sing N N 47  
ASN CB  HB2  sing N N 48  
ASN CB  HB3  sing N N 49  
ASN CG  OD1  doub N N 50  
ASN CG  ND2  sing N N 51  
ASN ND2 HD21 sing N N 52  
ASN ND2 HD22 sing N N 53  
ASN OXT HXT  sing N N 54  
ASP N   CA   sing N N 55  
ASP N   H    sing N N 56  
ASP N   H2   sing N N 57  
ASP CA  C    sing N N 58  
ASP CA  CB   sing N N 59  
ASP CA  HA   sing N N 60  
ASP C   O    doub N N 61  
ASP C   OXT  sing N N 62  
ASP CB  CG   sing N N 63  
ASP CB  HB2  sing N N 64  
ASP CB  HB3  sing N N 65  
ASP CG  OD1  doub N N 66  
ASP CG  OD2  sing N N 67  
ASP OD2 HD2  sing N N 68  
ASP OXT HXT  sing N N 69  
GLN N   CA   sing N N 70  
GLN N   H    sing N N 71  
GLN N   H2   sing N N 72  
GLN CA  C    sing N N 73  
GLN CA  CB   sing N N 74  
GLN CA  HA   sing N N 75  
GLN C   O    doub N N 76  
GLN C   OXT  sing N N 77  
GLN CB  CG   sing N N 78  
GLN CB  HB2  sing N N 79  
GLN CB  HB3  sing N N 80  
GLN CG  CD   sing N N 81  
GLN CG  HG2  sing N N 82  
GLN CG  HG3  sing N N 83  
GLN CD  OE1  doub N N 84  
GLN CD  NE2  sing N N 85  
GLN NE2 HE21 sing N N 86  
GLN NE2 HE22 sing N N 87  
GLN OXT HXT  sing N N 88  
GLU N   CA   sing N N 89  
GLU N   H    sing N N 90  
GLU N   H2   sing N N 91  
GLU CA  C    sing N N 92  
GLU CA  CB   sing N N 93  
GLU CA  HA   sing N N 94  
GLU C   O    doub N N 95  
GLU C   OXT  sing N N 96  
GLU CB  CG   sing N N 97  
GLU CB  HB2  sing N N 98  
GLU CB  HB3  sing N N 99  
GLU CG  CD   sing N N 100 
GLU CG  HG2  sing N N 101 
GLU CG  HG3  sing N N 102 
GLU CD  OE1  doub N N 103 
GLU CD  OE2  sing N N 104 
GLU OE2 HE2  sing N N 105 
GLU OXT HXT  sing N N 106 
GLY N   CA   sing N N 107 
GLY N   H    sing N N 108 
GLY N   H2   sing N N 109 
GLY CA  C    sing N N 110 
GLY CA  HA2  sing N N 111 
GLY CA  HA3  sing N N 112 
GLY C   O    doub N N 113 
GLY C   OXT  sing N N 114 
GLY OXT HXT  sing N N 115 
HEM CHA C1A  sing N N 116 
HEM CHA C4D  doub N N 117 
HEM CHA HHA  sing N N 118 
HEM CHB C4A  sing N N 119 
HEM CHB C1B  doub N N 120 
HEM CHB HHB  sing N N 121 
HEM CHC C4B  sing N N 122 
HEM CHC C1C  doub N N 123 
HEM CHC HHC  sing N N 124 
HEM CHD C4C  doub N N 125 
HEM CHD C1D  sing N N 126 
HEM CHD HHD  sing N N 127 
HEM C1A C2A  doub Y N 128 
HEM C1A NA   sing Y N 129 
HEM C2A C3A  sing Y N 130 
HEM C2A CAA  sing N N 131 
HEM C3A C4A  doub Y N 132 
HEM C3A CMA  sing N N 133 
HEM C4A NA   sing Y N 134 
HEM CMA HMA  sing N N 135 
HEM CMA HMAA sing N N 136 
HEM CMA HMAB sing N N 137 
HEM CAA CBA  sing N N 138 
HEM CAA HAA  sing N N 139 
HEM CAA HAAA sing N N 140 
HEM CBA CGA  sing N N 141 
HEM CBA HBA  sing N N 142 
HEM CBA HBAA sing N N 143 
HEM CGA O1A  doub N N 144 
HEM CGA O2A  sing N N 145 
HEM C1B C2B  sing N N 146 
HEM C1B NB   sing N N 147 
HEM C2B C3B  doub N N 148 
HEM C2B CMB  sing N N 149 
HEM C3B C4B  sing N N 150 
HEM C3B CAB  sing N N 151 
HEM C4B NB   doub N N 152 
HEM CMB HMB  sing N N 153 
HEM CMB HMBA sing N N 154 
HEM CMB HMBB sing N N 155 
HEM CAB CBB  doub N N 156 
HEM CAB HAB  sing N N 157 
HEM CBB HBB  sing N N 158 
HEM CBB HBBA sing N N 159 
HEM C1C C2C  sing Y N 160 
HEM C1C NC   sing Y N 161 
HEM C2C C3C  doub Y N 162 
HEM C2C CMC  sing N N 163 
HEM C3C C4C  sing Y N 164 
HEM C3C CAC  sing N N 165 
HEM C4C NC   sing Y N 166 
HEM CMC HMC  sing N N 167 
HEM CMC HMCA sing N N 168 
HEM CMC HMCB sing N N 169 
HEM CAC CBC  doub N N 170 
HEM CAC HAC  sing N N 171 
HEM CBC HBC  sing N N 172 
HEM CBC HBCA sing N N 173 
HEM C1D C2D  sing N N 174 
HEM C1D ND   doub N N 175 
HEM C2D C3D  doub N N 176 
HEM C2D CMD  sing N N 177 
HEM C3D C4D  sing N N 178 
HEM C3D CAD  sing N N 179 
HEM C4D ND   sing N N 180 
HEM CMD HMD  sing N N 181 
HEM CMD HMDA sing N N 182 
HEM CMD HMDB sing N N 183 
HEM CAD CBD  sing N N 184 
HEM CAD HAD  sing N N 185 
HEM CAD HADA sing N N 186 
HEM CBD CGD  sing N N 187 
HEM CBD HBD  sing N N 188 
HEM CBD HBDA sing N N 189 
HEM CGD O1D  doub N N 190 
HEM CGD O2D  sing N N 191 
HEM O2A H2A  sing N N 192 
HEM O2D H2D  sing N N 193 
HEM FE  NA   sing N N 194 
HEM FE  NB   sing N N 195 
HEM FE  NC   sing N N 196 
HEM FE  ND   sing N N 197 
HIS N   CA   sing N N 198 
HIS N   H    sing N N 199 
HIS N   H2   sing N N 200 
HIS CA  C    sing N N 201 
HIS CA  CB   sing N N 202 
HIS CA  HA   sing N N 203 
HIS C   O    doub N N 204 
HIS C   OXT  sing N N 205 
HIS CB  CG   sing N N 206 
HIS CB  HB2  sing N N 207 
HIS CB  HB3  sing N N 208 
HIS CG  ND1  sing Y N 209 
HIS CG  CD2  doub Y N 210 
HIS ND1 CE1  doub Y N 211 
HIS ND1 HD1  sing N N 212 
HIS CD2 NE2  sing Y N 213 
HIS CD2 HD2  sing N N 214 
HIS CE1 NE2  sing Y N 215 
HIS CE1 HE1  sing N N 216 
HIS NE2 HE2  sing N N 217 
HIS OXT HXT  sing N N 218 
HOH O   H1   sing N N 219 
HOH O   H2   sing N N 220 
ILE N   CA   sing N N 221 
ILE N   H    sing N N 222 
ILE N   H2   sing N N 223 
ILE CA  C    sing N N 224 
ILE CA  CB   sing N N 225 
ILE CA  HA   sing N N 226 
ILE C   O    doub N N 227 
ILE C   OXT  sing N N 228 
ILE CB  CG1  sing N N 229 
ILE CB  CG2  sing N N 230 
ILE CB  HB   sing N N 231 
ILE CG1 CD1  sing N N 232 
ILE CG1 HG12 sing N N 233 
ILE CG1 HG13 sing N N 234 
ILE CG2 HG21 sing N N 235 
ILE CG2 HG22 sing N N 236 
ILE CG2 HG23 sing N N 237 
ILE CD1 HD11 sing N N 238 
ILE CD1 HD12 sing N N 239 
ILE CD1 HD13 sing N N 240 
ILE OXT HXT  sing N N 241 
LEU N   CA   sing N N 242 
LEU N   H    sing N N 243 
LEU N   H2   sing N N 244 
LEU CA  C    sing N N 245 
LEU CA  CB   sing N N 246 
LEU CA  HA   sing N N 247 
LEU C   O    doub N N 248 
LEU C   OXT  sing N N 249 
LEU CB  CG   sing N N 250 
LEU CB  HB2  sing N N 251 
LEU CB  HB3  sing N N 252 
LEU CG  CD1  sing N N 253 
LEU CG  CD2  sing N N 254 
LEU CG  HG   sing N N 255 
LEU CD1 HD11 sing N N 256 
LEU CD1 HD12 sing N N 257 
LEU CD1 HD13 sing N N 258 
LEU CD2 HD21 sing N N 259 
LEU CD2 HD22 sing N N 260 
LEU CD2 HD23 sing N N 261 
LEU OXT HXT  sing N N 262 
LYS N   CA   sing N N 263 
LYS N   H    sing N N 264 
LYS N   H2   sing N N 265 
LYS CA  C    sing N N 266 
LYS CA  CB   sing N N 267 
LYS CA  HA   sing N N 268 
LYS C   O    doub N N 269 
LYS C   OXT  sing N N 270 
LYS CB  CG   sing N N 271 
LYS CB  HB2  sing N N 272 
LYS CB  HB3  sing N N 273 
LYS CG  CD   sing N N 274 
LYS CG  HG2  sing N N 275 
LYS CG  HG3  sing N N 276 
LYS CD  CE   sing N N 277 
LYS CD  HD2  sing N N 278 
LYS CD  HD3  sing N N 279 
LYS CE  NZ   sing N N 280 
LYS CE  HE2  sing N N 281 
LYS CE  HE3  sing N N 282 
LYS NZ  HZ1  sing N N 283 
LYS NZ  HZ2  sing N N 284 
LYS NZ  HZ3  sing N N 285 
LYS OXT HXT  sing N N 286 
MET N   CA   sing N N 287 
MET N   H    sing N N 288 
MET N   H2   sing N N 289 
MET CA  C    sing N N 290 
MET CA  CB   sing N N 291 
MET CA  HA   sing N N 292 
MET C   O    doub N N 293 
MET C   OXT  sing N N 294 
MET CB  CG   sing N N 295 
MET CB  HB2  sing N N 296 
MET CB  HB3  sing N N 297 
MET CG  SD   sing N N 298 
MET CG  HG2  sing N N 299 
MET CG  HG3  sing N N 300 
MET SD  CE   sing N N 301 
MET CE  HE1  sing N N 302 
MET CE  HE2  sing N N 303 
MET CE  HE3  sing N N 304 
MET OXT HXT  sing N N 305 
PHE N   CA   sing N N 306 
PHE N   H    sing N N 307 
PHE N   H2   sing N N 308 
PHE CA  C    sing N N 309 
PHE CA  CB   sing N N 310 
PHE CA  HA   sing N N 311 
PHE C   O    doub N N 312 
PHE C   OXT  sing N N 313 
PHE CB  CG   sing N N 314 
PHE CB  HB2  sing N N 315 
PHE CB  HB3  sing N N 316 
PHE CG  CD1  doub Y N 317 
PHE CG  CD2  sing Y N 318 
PHE CD1 CE1  sing Y N 319 
PHE CD1 HD1  sing N N 320 
PHE CD2 CE2  doub Y N 321 
PHE CD2 HD2  sing N N 322 
PHE CE1 CZ   doub Y N 323 
PHE CE1 HE1  sing N N 324 
PHE CE2 CZ   sing Y N 325 
PHE CE2 HE2  sing N N 326 
PHE CZ  HZ   sing N N 327 
PHE OXT HXT  sing N N 328 
PRO N   CA   sing N N 329 
PRO N   CD   sing N N 330 
PRO N   H    sing N N 331 
PRO CA  C    sing N N 332 
PRO CA  CB   sing N N 333 
PRO CA  HA   sing N N 334 
PRO C   O    doub N N 335 
PRO C   OXT  sing N N 336 
PRO CB  CG   sing N N 337 
PRO CB  HB2  sing N N 338 
PRO CB  HB3  sing N N 339 
PRO CG  CD   sing N N 340 
PRO CG  HG2  sing N N 341 
PRO CG  HG3  sing N N 342 
PRO CD  HD2  sing N N 343 
PRO CD  HD3  sing N N 344 
PRO OXT HXT  sing N N 345 
SER N   CA   sing N N 346 
SER N   H    sing N N 347 
SER N   H2   sing N N 348 
SER CA  C    sing N N 349 
SER CA  CB   sing N N 350 
SER CA  HA   sing N N 351 
SER C   O    doub N N 352 
SER C   OXT  sing N N 353 
SER CB  OG   sing N N 354 
SER CB  HB2  sing N N 355 
SER CB  HB3  sing N N 356 
SER OG  HG   sing N N 357 
SER OXT HXT  sing N N 358 
SO4 S   O1   doub N N 359 
SO4 S   O2   doub N N 360 
SO4 S   O3   sing N N 361 
SO4 S   O4   sing N N 362 
THR N   CA   sing N N 363 
THR N   H    sing N N 364 
THR N   H2   sing N N 365 
THR CA  C    sing N N 366 
THR CA  CB   sing N N 367 
THR CA  HA   sing N N 368 
THR C   O    doub N N 369 
THR C   OXT  sing N N 370 
THR CB  OG1  sing N N 371 
THR CB  CG2  sing N N 372 
THR CB  HB   sing N N 373 
THR OG1 HG1  sing N N 374 
THR CG2 HG21 sing N N 375 
THR CG2 HG22 sing N N 376 
THR CG2 HG23 sing N N 377 
THR OXT HXT  sing N N 378 
TRP N   CA   sing N N 379 
TRP N   H    sing N N 380 
TRP N   H2   sing N N 381 
TRP CA  C    sing N N 382 
TRP CA  CB   sing N N 383 
TRP CA  HA   sing N N 384 
TRP C   O    doub N N 385 
TRP C   OXT  sing N N 386 
TRP CB  CG   sing N N 387 
TRP CB  HB2  sing N N 388 
TRP CB  HB3  sing N N 389 
TRP CG  CD1  doub Y N 390 
TRP CG  CD2  sing Y N 391 
TRP CD1 NE1  sing Y N 392 
TRP CD1 HD1  sing N N 393 
TRP CD2 CE2  doub Y N 394 
TRP CD2 CE3  sing Y N 395 
TRP NE1 CE2  sing Y N 396 
TRP NE1 HE1  sing N N 397 
TRP CE2 CZ2  sing Y N 398 
TRP CE3 CZ3  doub Y N 399 
TRP CE3 HE3  sing N N 400 
TRP CZ2 CH2  doub Y N 401 
TRP CZ2 HZ2  sing N N 402 
TRP CZ3 CH2  sing Y N 403 
TRP CZ3 HZ3  sing N N 404 
TRP CH2 HH2  sing N N 405 
TRP OXT HXT  sing N N 406 
TYR N   CA   sing N N 407 
TYR N   H    sing N N 408 
TYR N   H2   sing N N 409 
TYR CA  C    sing N N 410 
TYR CA  CB   sing N N 411 
TYR CA  HA   sing N N 412 
TYR C   O    doub N N 413 
TYR C   OXT  sing N N 414 
TYR CB  CG   sing N N 415 
TYR CB  HB2  sing N N 416 
TYR CB  HB3  sing N N 417 
TYR CG  CD1  doub Y N 418 
TYR CG  CD2  sing Y N 419 
TYR CD1 CE1  sing Y N 420 
TYR CD1 HD1  sing N N 421 
TYR CD2 CE2  doub Y N 422 
TYR CD2 HD2  sing N N 423 
TYR CE1 CZ   doub Y N 424 
TYR CE1 HE1  sing N N 425 
TYR CE2 CZ   sing Y N 426 
TYR CE2 HE2  sing N N 427 
TYR CZ  OH   sing N N 428 
TYR OH  HH   sing N N 429 
TYR OXT HXT  sing N N 430 
VAL N   CA   sing N N 431 
VAL N   H    sing N N 432 
VAL N   H2   sing N N 433 
VAL CA  C    sing N N 434 
VAL CA  CB   sing N N 435 
VAL CA  HA   sing N N 436 
VAL C   O    doub N N 437 
VAL C   OXT  sing N N 438 
VAL CB  CG1  sing N N 439 
VAL CB  CG2  sing N N 440 
VAL CB  HB   sing N N 441 
VAL CG1 HG11 sing N N 442 
VAL CG1 HG12 sing N N 443 
VAL CG1 HG13 sing N N 444 
VAL CG2 HG21 sing N N 445 
VAL CG2 HG22 sing N N 446 
VAL CG2 HG23 sing N N 447 
VAL OXT HXT  sing N N 448 
# 
loop_
_pdbx_audit_support.funding_organization 
_pdbx_audit_support.country 
_pdbx_audit_support.grant_number 
_pdbx_audit_support.ordinal 
MEXT/JSPS Japan 25291015 1 
MEXT/JSPS Japan 25410176 2 
# 
_atom_sites.entry_id                    4Y4S 
_atom_sites.fract_transf_matrix[1][1]   0.00149733 
_atom_sites.fract_transf_matrix[1][2]   0.01618050 
_atom_sites.fract_transf_matrix[1][3]   -0.00975722 
_atom_sites.fract_transf_matrix[2][1]   -0.01522246 
_atom_sites.fract_transf_matrix[2][2]   -0.00476527 
_atom_sites.fract_transf_matrix[2][3]   -0.01023831 
_atom_sites.fract_transf_matrix[3][1]   -0.00420116 
_atom_sites.fract_transf_matrix[3][2]   0.00324476 
_atom_sites.fract_transf_matrix[3][3]   0.00473611 
_atom_sites.fract_transf_vector[1]      -0.362217 
_atom_sites.fract_transf_vector[2]      -0.416664 
_atom_sites.fract_transf_vector[3]      -0.035151 
# 
loop_
_atom_type.symbol 
C  
FE 
N  
O  
S  
# 
loop_
_atom_site.group_PDB 
_atom_site.id 
_atom_site.type_symbol 
_atom_site.label_atom_id 
_atom_site.label_alt_id 
_atom_site.label_comp_id 
_atom_site.label_asym_id 
_atom_site.label_entity_id 
_atom_site.label_seq_id 
_atom_site.pdbx_PDB_ins_code 
_atom_site.Cartn_x 
_atom_site.Cartn_y 
_atom_site.Cartn_z 
_atom_site.occupancy 
_atom_site.B_iso_or_equiv 
_atom_site.pdbx_formal_charge 
_atom_site.auth_seq_id 
_atom_site.auth_comp_id 
_atom_site.auth_asym_id 
_atom_site.auth_atom_id 
_atom_site.pdbx_PDB_model_num 
ATOM   1    N  N   . MET A 1 13  ? -14.016 14.954  18.431  1.00 38.24  ? 1   MET A N   1 
ATOM   2    C  CA  . MET A 1 13  ? -15.131 14.712  17.515  1.00 30.45  ? 1   MET A CA  1 
ATOM   3    C  C   . MET A 1 13  ? -15.836 13.411  17.864  1.00 33.32  ? 1   MET A C   1 
ATOM   4    O  O   . MET A 1 13  ? -15.200 12.377  18.042  1.00 37.82  ? 1   MET A O   1 
ATOM   5    C  CB  . MET A 1 13  ? -14.661 14.651  16.045  1.00 27.41  ? 1   MET A CB  1 
ATOM   6    C  CG  . MET A 1 13  ? -13.777 15.817  15.610  1.00 33.28  ? 1   MET A CG  1 
ATOM   7    S  SD  . MET A 1 13  ? -14.569 17.422  15.907  1.00 36.27  ? 1   MET A SD  1 
ATOM   8    C  CE  . MET A 1 13  ? -13.112 18.503  15.863  1.00 28.70  ? 1   MET A CE  1 
ATOM   9    N  N   . SER A 1 14  ? -17.154 13.485  17.927  1.00 19.15  ? 2   SER A N   1 
ATOM   10   C  CA  . SER A 1 14  ? -17.986 12.387  18.319  1.00 20.33  ? 2   SER A CA  1 
ATOM   11   C  C   . SER A 1 14  ? -18.180 11.446  17.125  1.00 23.29  ? 2   SER A C   1 
ATOM   12   O  O   . SER A 1 14  ? -18.152 11.871  15.962  1.00 15.54  ? 2   SER A O   1 
ATOM   13   C  CB  . SER A 1 14  ? -19.327 12.918  18.826  1.00 32.11  ? 2   SER A CB  1 
ATOM   14   O  OG  . SER A 1 14  ? -20.066 13.498  17.750  1.00 22.32  ? 2   SER A OG  1 
ATOM   15   N  N   . THR A 1 15  ? -18.360 10.169  17.425  1.00 16.91  ? 3   THR A N   1 
ATOM   16   C  CA  . THR A 1 15  ? -18.568 9.161   16.425  1.00 18.35  ? 3   THR A CA  1 
ATOM   17   C  C   . THR A 1 15  ? -19.917 9.372   15.758  1.00 22.83  ? 3   THR A C   1 
ATOM   18   O  O   . THR A 1 15  ? -20.915 9.649   16.454  1.00 15.73  ? 3   THR A O   1 
ATOM   19   C  CB  . THR A 1 15  ? -18.502 7.755   17.084  1.00 13.57  ? 3   THR A CB  1 
ATOM   20   O  OG1 . THR A 1 15  ? -17.209 7.557   17.656  1.00 16.61  ? 3   THR A OG1 1 
ATOM   21   C  CG2 . THR A 1 15  ? -18.846 6.668   16.086  1.00 12.80  ? 3   THR A CG2 1 
ATOM   22   N  N   . THR A 1 16  ? -19.949 9.264   14.428  1.00 11.62  ? 4   THR A N   1 
ATOM   23   C  CA  . THR A 1 16  ? -21.211 9.282   13.691  1.00 12.94  ? 4   THR A CA  1 
ATOM   24   C  C   . THR A 1 16  ? -21.239 8.035   12.799  1.00 14.51  ? 4   THR A C   1 
ATOM   25   O  O   . THR A 1 16  ? -20.175 7.444   12.507  1.00 12.78  ? 4   THR A O   1 
ATOM   26   C  CB  . THR A 1 16  ? -21.398 10.610  12.842  1.00 13.28  ? 4   THR A CB  1 
ATOM   27   O  OG1 . THR A 1 16  ? -20.334 10.676  11.875  1.00 13.33  ? 4   THR A OG1 1 
ATOM   28   C  CG2 . THR A 1 16  ? -21.416 11.833  13.765  1.00 18.40  ? 4   THR A CG2 1 
ATOM   29   N  N   . ILE A 1 17  ? -22.448 7.588   12.439  1.00 9.99   ? 5   ILE A N   1 
ATOM   30   C  CA  . ILE A 1 17  ? -22.600 6.347   11.686  1.00 12.54  ? 5   ILE A CA  1 
ATOM   31   C  C   . ILE A 1 17  ? -23.516 6.539   10.514  1.00 13.88  ? 5   ILE A C   1 
ATOM   32   O  O   . ILE A 1 17  ? -24.560 7.225   10.623  1.00 13.94  ? 5   ILE A O   1 
ATOM   33   C  CB  . ILE A 1 17  ? -23.184 5.229   12.560  1.00 13.86  ? 5   ILE A CB  1 
ATOM   34   C  CG1 . ILE A 1 17  ? -22.245 4.980   13.720  1.00 13.40  ? 5   ILE A CG1 1 
ATOM   35   C  CG2 . ILE A 1 17  ? -23.400 3.946   11.743  1.00 9.49   ? 5   ILE A CG2 1 
ATOM   36   C  CD1 . ILE A 1 17  ? -22.893 4.099   14.788  1.00 14.03  ? 5   ILE A CD1 1 
ATOM   37   N  N   . GLN A 1 18  ? -23.146 5.984   9.374   1.00 12.75  ? 6   GLN A N   1 
ATOM   38   C  CA  . GLN A 1 18  ? -23.976 6.102   8.193   1.00 12.12  ? 6   GLN A CA  1 
ATOM   39   C  C   . GLN A 1 18  ? -24.466 4.747   7.796   1.00 12.63  ? 6   GLN A C   1 
ATOM   40   O  O   . GLN A 1 18  ? -23.666 3.811   7.738   1.00 14.37  ? 6   GLN A O   1 
ATOM   41   C  CB  . GLN A 1 18  ? -23.199 6.743   7.019   1.00 13.33  ? 6   GLN A CB  1 
ATOM   42   C  CG  . GLN A 1 18  ? -22.808 8.162   7.318   1.00 13.29  ? 6   GLN A CG  1 
ATOM   43   C  CD  . GLN A 1 18  ? -21.953 8.751   6.204   1.00 18.60  ? 6   GLN A CD  1 
ATOM   44   O  OE1 . GLN A 1 18  ? -20.763 8.529   6.183   1.00 13.01  ? 6   GLN A OE1 1 
ATOM   45   N  NE2 . GLN A 1 18  ? -22.573 9.463   5.256   1.00 14.69  ? 6   GLN A NE2 1 
ATOM   46   N  N   . TYR A 1 19  ? -25.746 4.625   7.449   1.00 14.45  ? 7   TYR A N   1 
ATOM   47   C  CA  . TYR A 1 19  ? -26.220 3.300   7.056   1.00 16.74  ? 7   TYR A CA  1 
ATOM   48   C  C   . TYR A 1 19  ? -27.031 3.287   5.777   1.00 18.20  ? 7   TYR A C   1 
ATOM   49   O  O   . TYR A 1 19  ? -27.680 4.270   5.451   1.00 16.80  ? 7   TYR A O   1 
ATOM   50   C  CB  . TYR A 1 19  ? -27.051 2.693   8.218   1.00 13.06  ? 7   TYR A CB  1 
ATOM   51   C  CG  . TYR A 1 19  ? -28.318 3.489   8.525   1.00 13.90  ? 7   TYR A CG  1 
ATOM   52   C  CD1 . TYR A 1 19  ? -28.278 4.596   9.361   1.00 14.34  ? 7   TYR A CD1 1 
ATOM   53   C  CD2 . TYR A 1 19  ? -29.537 3.143   7.959   1.00 17.47  ? 7   TYR A CD2 1 
ATOM   54   C  CE1 . TYR A 1 19  ? -29.480 5.359   9.673   1.00 14.57  ? 7   TYR A CE1 1 
ATOM   55   C  CE2 . TYR A 1 19  ? -30.732 3.886   8.268   1.00 16.08  ? 7   TYR A CE2 1 
ATOM   56   C  CZ  . TYR A 1 19  ? -30.669 4.978   9.083   1.00 19.67  ? 7   TYR A CZ  1 
ATOM   57   O  OH  . TYR A 1 19  ? -31.782 5.692   9.360   1.00 21.30  ? 7   TYR A OH  1 
ATOM   58   N  N   . ASN A 1 20  ? -26.983 2.172   5.052   1.00 15.43  ? 8   ASN A N   1 
ATOM   59   C  CA  . ASN A 1 20  ? -27.800 2.016   3.861   1.00 16.44  ? 8   ASN A CA  1 
ATOM   60   C  C   . ASN A 1 20  ? -29.271 1.766   4.288   1.00 22.55  ? 8   ASN A C   1 
ATOM   61   O  O   . ASN A 1 20  ? -29.517 1.111   5.288   1.00 19.07  ? 8   ASN A O   1 
ATOM   62   C  CB  . ASN A 1 20  ? -27.256 0.881   2.993   1.00 14.23  ? 8   ASN A CB  1 
ATOM   63   C  CG  . ASN A 1 20  ? -28.097 0.633   1.758   1.00 28.79  ? 8   ASN A CG  1 
ATOM   64   O  OD1 . ASN A 1 20  ? -29.132 -0.035  1.817   1.00 24.01  ? 8   ASN A OD1 1 
ATOM   65   N  ND2 . ASN A 1 20  ? -27.668 1.185   0.631   1.00 28.77  ? 8   ASN A ND2 1 
ATOM   66   N  N   . SER A 1 21  ? -30.232 2.332   3.565   1.00 20.86  ? 9   SER A N   1 
ATOM   67   C  CA  . SER A 1 21  ? -31.629 2.301   4.002   1.00 25.59  ? 9   SER A CA  1 
ATOM   68   C  C   . SER A 1 21  ? -32.150 0.881   4.191   1.00 18.54  ? 9   SER A C   1 
ATOM   69   O  O   . SER A 1 21  ? -33.108 0.668   4.927   1.00 23.42  ? 9   SER A O   1 
ATOM   70   C  CB  . SER A 1 21  ? -32.525 3.044   2.994   1.00 22.76  ? 9   SER A CB  1 
ATOM   71   O  OG  . SER A 1 21  ? -32.542 2.361   1.759   1.00 25.88  ? 9   SER A OG  1 
ATOM   72   N  N   . ASN A 1 22  ? -31.516 -0.080  3.549   1.00 19.43  ? 10  ASN A N   1 
ATOM   73   C  CA  . ASN A 1 22  ? -31.918 -1.458  3.702   1.00 19.91  ? 10  ASN A CA  1 
ATOM   74   C  C   . ASN A 1 22  ? -31.699 -1.948  5.134   1.00 24.78  ? 10  ASN A C   1 
ATOM   75   O  O   . ASN A 1 22  ? -32.313 -2.923  5.542   1.00 23.04  ? 10  ASN A O   1 
ATOM   76   C  CB  . ASN A 1 22  ? -31.177 -2.344  2.706   1.00 22.31  ? 10  ASN A CB  1 
ATOM   77   C  CG  . ASN A 1 22  ? -31.544 -2.021  1.252   1.00 34.54  ? 10  ASN A CG  1 
ATOM   78   O  OD1 . ASN A 1 22  ? -32.640 -1.527  0.967   1.00 41.37  ? 10  ASN A OD1 1 
ATOM   79   N  ND2 . ASN A 1 22  ? -30.622 -2.298  0.332   1.00 43.52  ? 10  ASN A ND2 1 
ATOM   80   N  N   . TYR A 1 23  ? -30.844 -1.280  5.900   1.00 20.88  ? 11  TYR A N   1 
ATOM   81   C  CA  . TYR A 1 23  ? -30.583 -1.753  7.266   1.00 18.60  ? 11  TYR A CA  1 
ATOM   82   C  C   . TYR A 1 23  ? -31.192 -0.849  8.335   1.00 17.34  ? 11  TYR A C   1 
ATOM   83   O  O   . TYR A 1 23  ? -30.825 -0.918  9.516   1.00 18.54  ? 11  TYR A O   1 
ATOM   84   C  CB  . TYR A 1 23  ? -29.055 -1.932  7.466   1.00 17.59  ? 11  TYR A CB  1 
ATOM   85   C  CG  . TYR A 1 23  ? -28.525 -2.965  6.506   1.00 23.38  ? 11  TYR A CG  1 
ATOM   86   C  CD1 . TYR A 1 23  ? -28.573 -4.312  6.824   1.00 18.70  ? 11  TYR A CD1 1 
ATOM   87   C  CD2 . TYR A 1 23  ? -28.042 -2.608  5.249   1.00 18.24  ? 11  TYR A CD2 1 
ATOM   88   C  CE1 . TYR A 1 23  ? -28.141 -5.289  5.938   1.00 18.58  ? 11  TYR A CE1 1 
ATOM   89   C  CE2 . TYR A 1 23  ? -27.605 -3.561  4.370   1.00 18.88  ? 11  TYR A CE2 1 
ATOM   90   C  CZ  . TYR A 1 23  ? -27.655 -4.902  4.715   1.00 21.49  ? 11  TYR A CZ  1 
ATOM   91   O  OH  . TYR A 1 23  ? -27.243 -5.875  3.846   1.00 21.28  ? 11  TYR A OH  1 
ATOM   92   N  N   . ALA A 1 24  ? -32.164 -0.023  7.938   1.00 17.17  ? 12  ALA A N   1 
ATOM   93   C  CA  . ALA A 1 24  ? -32.766 0.949   8.847   1.00 18.61  ? 12  ALA A CA  1 
ATOM   94   C  C   . ALA A 1 24  ? -33.349 0.311   10.100  1.00 13.49  ? 12  ALA A C   1 
ATOM   95   O  O   . ALA A 1 24  ? -33.317 0.904   11.175  1.00 17.08  ? 12  ALA A O   1 
ATOM   96   C  CB  . ALA A 1 24  ? -33.865 1.748   8.105   1.00 23.12  ? 12  ALA A CB  1 
ATOM   97   N  N   . ASP A 1 25  ? -33.880 -0.905  9.970   1.00 19.26  ? 13  ASP A N   1 
ATOM   98   C  CA  . ASP A 1 25  ? -34.507 -1.553  11.145  1.00 22.13  ? 13  ASP A CA  1 
ATOM   99   C  C   . ASP A 1 25  ? -33.531 -2.403  11.972  1.00 28.96  ? 13  ASP A C   1 
ATOM   100  O  O   . ASP A 1 25  ? -33.914 -2.927  13.005  1.00 21.86  ? 13  ASP A O   1 
ATOM   101  C  CB  . ASP A 1 25  ? -35.687 -2.449  10.722  1.00 27.98  ? 13  ASP A CB  1 
ATOM   102  C  CG  . ASP A 1 25  ? -36.855 -1.666  10.118  1.00 26.56  ? 13  ASP A CG  1 
ATOM   103  O  OD1 . ASP A 1 25  ? -37.020 -0.478  10.401  1.00 27.45  ? 13  ASP A OD1 1 
ATOM   104  O  OD2 . ASP A 1 25  ? -37.623 -2.268  9.352   1.00 44.99  ? 13  ASP A OD2 1 
ATOM   105  N  N   . TYR A 1 26  ? -32.286 -2.550  11.513  1.00 19.18  ? 14  TYR A N   1 
ATOM   106  C  CA  . TYR A 1 26  ? -31.239 -3.271  12.247  1.00 16.88  ? 14  TYR A CA  1 
ATOM   107  C  C   . TYR A 1 26  ? -30.617 -2.424  13.341  1.00 16.50  ? 14  TYR A C   1 
ATOM   108  O  O   . TYR A 1 26  ? -30.617 -1.205  13.226  1.00 21.99  ? 14  TYR A O   1 
ATOM   109  C  CB  . TYR A 1 26  ? -30.127 -3.710  11.268  1.00 15.33  ? 14  TYR A CB  1 
ATOM   110  C  CG  . TYR A 1 26  ? -30.431 -4.863  10.342  1.00 18.42  ? 14  TYR A CG  1 
ATOM   111  C  CD1 . TYR A 1 26  ? -31.388 -4.777  9.330   1.00 16.08  ? 14  TYR A CD1 1 
ATOM   112  C  CD2 . TYR A 1 26  ? -29.690 -6.006  10.430  1.00 15.02  ? 14  TYR A CD2 1 
ATOM   113  C  CE1 . TYR A 1 26  ? -31.611 -5.834  8.474   1.00 22.79  ? 14  TYR A CE1 1 
ATOM   114  C  CE2 . TYR A 1 26  ? -29.894 -7.056  9.595   1.00 20.28  ? 14  TYR A CE2 1 
ATOM   115  C  CZ  . TYR A 1 26  ? -30.848 -6.975  8.609   1.00 22.63  ? 14  TYR A CZ  1 
ATOM   116  O  OH  . TYR A 1 26  ? -30.999 -8.074  7.784   1.00 25.00  ? 14  TYR A OH  1 
ATOM   117  N  N   . SER A 1 27  ? -30.095 -3.047  14.399  1.00 14.65  ? 15  SER A N   1 
ATOM   118  C  CA  . SER A 1 27  ? -29.178 -2.376  15.335  1.00 14.44  ? 15  SER A CA  1 
ATOM   119  C  C   . SER A 1 27  ? -27.737 -2.706  14.881  1.00 9.10   ? 15  SER A C   1 
ATOM   120  O  O   . SER A 1 27  ? -27.518 -3.535  13.983  1.00 12.44  ? 15  SER A O   1 
ATOM   121  C  CB  . SER A 1 27  ? -29.373 -2.848  16.778  1.00 14.13  ? 15  SER A CB  1 
ATOM   122  O  OG  . SER A 1 27  ? -29.243 -4.269  16.730  1.00 14.27  ? 15  SER A OG  1 
ATOM   123  N  N   . ILE A 1 28  ? -26.762 -2.076  15.514  1.00 10.72  ? 16  ILE A N   1 
ATOM   124  C  CA  . ILE A 1 28  ? -25.358 -2.408  15.253  1.00 9.01   ? 16  ILE A CA  1 
ATOM   125  C  C   . ILE A 1 28  ? -25.148 -3.863  15.600  1.00 12.09  ? 16  ILE A C   1 
ATOM   126  O  O   . ILE A 1 28  ? -24.536 -4.625  14.853  1.00 11.08  ? 16  ILE A O   1 
ATOM   127  C  CB  . ILE A 1 28  ? -24.442 -1.547  16.109  1.00 8.45   ? 16  ILE A CB  1 
ATOM   128  C  CG1 . ILE A 1 28  ? -24.535 -0.077  15.660  1.00 10.58  ? 16  ILE A CG1 1 
ATOM   129  C  CG2 . ILE A 1 28  ? -22.970 -2.078  16.063  1.00 13.13  ? 16  ILE A CG2 1 
ATOM   130  C  CD1 . ILE A 1 28  ? -23.880 0.865   16.663  1.00 11.04  ? 16  ILE A CD1 1 
ATOM   131  N  N   . SER A 1 29  ? -25.719 -4.246  16.740  1.00 10.36  ? 17  SER A N   1 
ATOM   132  C  CA  . SER A 1 29  ? -25.688 -5.651  17.158  1.00 14.03  ? 17  SER A CA  1 
ATOM   133  C  C   . SER A 1 29  ? -26.283 -6.635  16.159  1.00 8.41   ? 17  SER A C   1 
ATOM   134  O  O   . SER A 1 29  ? -25.658 -7.642  15.843  1.00 13.83  ? 17  SER A O   1 
ATOM   135  C  CB  . SER A 1 29  ? -26.385 -5.796  18.529  1.00 13.97  ? 17  SER A CB  1 
ATOM   136  O  OG  . SER A 1 29  ? -26.148 -7.083  19.028  1.00 23.02  ? 17  SER A OG  1 
ATOM   137  N  N   . SER A 1 30  ? -27.485 -6.378  15.614  1.00 14.49  ? 18  SER A N   1 
ATOM   138  C  CA  . SER A 1 30  ? -28.106 -7.370  14.755  1.00 12.47  ? 18  SER A CA  1 
ATOM   139  C  C   . SER A 1 30  ? -27.440 -7.329  13.363  1.00 10.91  ? 18  SER A C   1 
ATOM   140  O  O   . SER A 1 30  ? -27.350 -8.337  12.701  1.00 12.75  ? 18  SER A O   1 
ATOM   141  C  CB  . SER A 1 30  ? -29.616 -7.158  14.647  1.00 13.36  ? 18  SER A CB  1 
ATOM   142  O  OG  . SER A 1 30  ? -29.966 -5.997  13.911  1.00 18.06  ? 18  SER A OG  1 
ATOM   143  N  N   . TYR A 1 31  ? -26.933 -6.163  12.960  1.00 11.58  ? 19  TYR A N   1 
ATOM   144  C  CA  . TYR A 1 31  ? -26.192 -6.098  11.710  1.00 11.95  ? 19  TYR A CA  1 
ATOM   145  C  C   . TYR A 1 31  ? -24.893 -6.873  11.806  1.00 12.94  ? 19  TYR A C   1 
ATOM   146  O  O   . TYR A 1 31  ? -24.547 -7.613  10.899  1.00 14.74  ? 19  TYR A O   1 
ATOM   147  C  CB  . TYR A 1 31  ? -25.869 -4.625  11.278  1.00 11.86  ? 19  TYR A CB  1 
ATOM   148  C  CG  . TYR A 1 31  ? -25.040 -4.632  10.006  1.00 10.42  ? 19  TYR A CG  1 
ATOM   149  C  CD1 . TYR A 1 31  ? -25.649 -4.731  8.769   1.00 13.02  ? 19  TYR A CD1 1 
ATOM   150  C  CD2 . TYR A 1 31  ? -23.643 -4.612  10.064  1.00 11.61  ? 19  TYR A CD2 1 
ATOM   151  C  CE1 . TYR A 1 31  ? -24.878 -4.780  7.593   1.00 17.69  ? 19  TYR A CE1 1 
ATOM   152  C  CE2 . TYR A 1 31  ? -22.874 -4.662  8.916   1.00 12.70  ? 19  TYR A CE2 1 
ATOM   153  C  CZ  . TYR A 1 31  ? -23.477 -4.726  7.699   1.00 14.85  ? 19  TYR A CZ  1 
ATOM   154  O  OH  . TYR A 1 31  ? -22.680 -4.804  6.589   1.00 14.29  ? 19  TYR A OH  1 
ATOM   155  N  N   . LEU A 1 32  ? -24.127 -6.650  12.850  1.00 14.18  ? 20  LEU A N   1 
ATOM   156  C  CA  . LEU A 1 32  ? -22.816 -7.268  12.871  1.00 10.22  ? 20  LEU A CA  1 
ATOM   157  C  C   . LEU A 1 32  ? -22.988 -8.776  13.116  1.00 15.96  ? 20  LEU A C   1 
ATOM   158  O  O   . LEU A 1 32  ? -22.188 -9.578  12.611  1.00 13.59  ? 20  LEU A O   1 
ATOM   159  C  CB  . LEU A 1 32  ? -21.916 -6.632  13.913  1.00 14.51  ? 20  LEU A CB  1 
ATOM   160  C  CG  . LEU A 1 32  ? -21.310 -5.263  13.591  1.00 11.66  ? 20  LEU A CG  1 
ATOM   161  C  CD1 . LEU A 1 32  ? -20.463 -4.785  14.821  1.00 13.80  ? 20  LEU A CD1 1 
ATOM   162  C  CD2 . LEU A 1 32  ? -20.482 -5.313  12.227  1.00 13.86  ? 20  LEU A CD2 1 
ATOM   163  N  N   . ARG A 1 33  ? -24.043 -9.169  13.844  1.00 13.98  ? 21  ARG A N   1 
ATOM   164  C  CA  . ARG A 1 33  ? -24.221 -10.607 14.045  1.00 13.89  ? 21  ARG A CA  1 
ATOM   165  C  C   . ARG A 1 33  ? -24.517 -11.295 12.716  1.00 17.04  ? 21  ARG A C   1 
ATOM   166  O  O   . ARG A 1 33  ? -23.941 -12.329 12.392  1.00 16.94  ? 21  ARG A O   1 
ATOM   167  C  CB  . ARG A 1 33  ? -25.343 -10.935 15.059  1.00 14.91  ? 21  ARG A CB  1 
ATOM   168  C  CG  . ARG A 1 33  ? -25.157 -12.416 15.499  1.00 19.26  ? 21  ARG A CG  1 
ATOM   169  C  CD  . ARG A 1 33  ? -25.763 -12.819 16.794  1.00 19.59  ? 21  ARG A CD  1 
ATOM   170  N  NE  . ARG A 1 33  ? -25.335 -12.078 17.990  1.00 17.87  ? 21  ARG A NE  1 
ATOM   171  C  CZ  . ARG A 1 33  ? -24.391 -12.479 18.842  1.00 14.28  ? 21  ARG A CZ  1 
ATOM   172  N  NH1 . ARG A 1 33  ? -23.681 -13.595 18.608  1.00 19.23  ? 21  ARG A NH1 1 
ATOM   173  N  NH2 . ARG A 1 33  ? -24.143 -11.754 19.926  1.00 16.02  ? 21  ARG A NH2 1 
ATOM   174  N  N   . GLU A 1 34  ? -25.413 -10.694 11.947  1.00 12.10  ? 22  GLU A N   1 
ATOM   175  C  CA  . GLU A 1 34  ? -25.703 -11.184 10.604  1.00 17.24  ? 22  GLU A CA  1 
ATOM   176  C  C   . GLU A 1 34  ? -24.470 -11.154 9.710   1.00 18.50  ? 22  GLU A C   1 
ATOM   177  O  O   . GLU A 1 34  ? -24.211 -12.105 9.014   1.00 16.36  ? 22  GLU A O   1 
ATOM   178  C  CB  . GLU A 1 34  ? -26.806 -10.361 9.957   1.00 15.36  ? 22  GLU A CB  1 
ATOM   179  C  CG  . GLU A 1 34  ? -27.208 -10.864 8.536   1.00 24.21  ? 22  GLU A CG  1 
ATOM   180  C  CD  . GLU A 1 34  ? -28.359 -10.059 7.926   1.00 35.19  ? 22  GLU A CD  1 
ATOM   181  O  OE1 . GLU A 1 34  ? -29.458 -10.033 8.529   1.00 30.98  ? 22  GLU A OE1 1 
ATOM   182  O  OE2 . GLU A 1 34  ? -28.163 -9.431  6.862   1.00 39.39  ? 22  GLU A OE2 1 
ATOM   183  N  N   . TRP A 1 35  ? -23.758 -10.030 9.663   1.00 14.36  ? 23  TRP A N   1 
ATOM   184  C  CA  . TRP A 1 35  ? -22.520 -9.967  8.866   1.00 16.23  ? 23  TRP A CA  1 
ATOM   185  C  C   . TRP A 1 35  ? -21.533 -11.056 9.309   1.00 17.87  ? 23  TRP A C   1 
ATOM   186  O  O   . TRP A 1 35  ? -20.992 -11.777 8.478   1.00 17.06  ? 23  TRP A O   1 
ATOM   187  C  CB  . TRP A 1 35  ? -21.895 -8.568  8.990   1.00 16.36  ? 23  TRP A CB  1 
ATOM   188  C  CG  . TRP A 1 35  ? -20.784 -8.257  8.008   1.00 14.72  ? 23  TRP A CG  1 
ATOM   189  C  CD1 . TRP A 1 35  ? -20.903 -7.626  6.796   1.00 19.13  ? 23  TRP A CD1 1 
ATOM   190  C  CD2 . TRP A 1 35  ? -19.396 -8.534  8.184   1.00 11.78  ? 23  TRP A CD2 1 
ATOM   191  N  NE1 . TRP A 1 35  ? -19.657 -7.519  6.197   1.00 14.47  ? 23  TRP A NE1 1 
ATOM   192  C  CE2 . TRP A 1 35  ? -18.721 -8.076  7.022   1.00 14.69  ? 23  TRP A CE2 1 
ATOM   193  C  CE3 . TRP A 1 35  ? -18.649 -9.160  9.191   1.00 17.09  ? 23  TRP A CE3 1 
ATOM   194  C  CZ2 . TRP A 1 35  ? -17.340 -8.198  6.868   1.00 10.86  ? 23  TRP A CZ2 1 
ATOM   195  C  CZ3 . TRP A 1 35  ? -17.286 -9.288  9.027   1.00 16.23  ? 23  TRP A CZ3 1 
ATOM   196  C  CH2 . TRP A 1 35  ? -16.643 -8.819  7.872   1.00 15.91  ? 23  TRP A CH2 1 
ATOM   197  N  N   . ALA A 1 36  ? -21.312 -11.185 10.614  1.00 16.07  ? 24  ALA A N   1 
ATOM   198  C  CA  . ALA A 1 36  ? -20.401 -12.191 11.127  1.00 18.95  ? 24  ALA A CA  1 
ATOM   199  C  C   . ALA A 1 36  ? -20.805 -13.584 10.679  1.00 17.69  ? 24  ALA A C   1 
ATOM   200  O  O   . ALA A 1 36  ? -19.957 -14.373 10.294  1.00 17.96  ? 24  ALA A O   1 
ATOM   201  C  CB  . ALA A 1 36  ? -20.340 -12.140 12.651  1.00 18.00  ? 24  ALA A CB  1 
ATOM   202  N  N   . ASN A 1 37  ? -22.089 -13.894 10.771  1.00 17.45  ? 25  ASN A N   1 
ATOM   203  C  CA  . ASN A 1 37  ? -22.569 -15.240 10.440  1.00 16.22  ? 25  ASN A CA  1 
ATOM   204  C  C   . ASN A 1 37  ? -22.542 -15.514 8.933   1.00 21.10  ? 25  ASN A C   1 
ATOM   205  O  O   . ASN A 1 37  ? -22.480 -16.663 8.531   1.00 29.13  ? 25  ASN A O   1 
ATOM   206  C  CB  . ASN A 1 37  ? -24.002 -15.469 10.995  1.00 18.95  ? 25  ASN A CB  1 
ATOM   207  C  CG  . ASN A 1 37  ? -24.020 -15.849 12.507  1.00 24.95  ? 25  ASN A CG  1 
ATOM   208  O  OD1 . ASN A 1 37  ? -24.058 -17.033 12.852  1.00 31.30  ? 25  ASN A OD1 1 
ATOM   209  N  ND2 . ASN A 1 37  ? -23.994 -14.853 13.391  1.00 19.08  ? 25  ASN A ND2 1 
ATOM   210  N  N   . ASN A 1 38  ? -22.602 -14.480 8.099   1.00 23.06  ? 26  ASN A N   1 
ATOM   211  C  CA  . ASN A 1 38  ? -22.583 -14.677 6.646   1.00 16.24  ? 26  ASN A CA  1 
ATOM   212  C  C   . ASN A 1 38  ? -21.235 -14.488 6.010   1.00 24.02  ? 26  ASN A C   1 
ATOM   213  O  O   . ASN A 1 38  ? -21.162 -14.452 4.801   1.00 24.94  ? 26  ASN A O   1 
ATOM   214  C  CB  . ASN A 1 38  ? -23.549 -13.718 5.942   1.00 21.48  ? 26  ASN A CB  1 
ATOM   215  C  CG  . ASN A 1 38  ? -24.996 -14.089 6.160   1.00 37.88  ? 26  ASN A CG  1 
ATOM   216  O  OD1 . ASN A 1 38  ? -25.298 -15.208 6.550   1.00 38.79  ? 26  ASN A OD1 1 
ATOM   217  N  ND2 . ASN A 1 38  ? -25.903 -13.148 5.895   1.00 40.37  ? 26  ASN A ND2 1 
ATOM   218  N  N   . PHE A 1 39  ? -20.187 -14.330 6.812   1.00 25.37  ? 27  PHE A N   1 
ATOM   219  C  CA  . PHE A 1 39  ? -18.858 -14.088 6.289   1.00 26.16  ? 27  PHE A CA  1 
ATOM   220  C  C   . PHE A 1 39  ? -18.308 -15.339 5.617   1.00 35.78  ? 27  PHE A C   1 
ATOM   221  O  O   . PHE A 1 39  ? -17.948 -15.299 4.452   1.00 36.07  ? 27  PHE A O   1 
ATOM   222  C  CB  . PHE A 1 39  ? -17.894 -13.657 7.378   1.00 20.95  ? 27  PHE A CB  1 
ATOM   223  C  CG  . PHE A 1 39  ? -16.559 -13.161 6.854   1.00 30.73  ? 27  PHE A CG  1 
ATOM   224  C  CD1 . PHE A 1 39  ? -16.411 -11.846 6.427   1.00 27.96  ? 27  PHE A CD1 1 
ATOM   225  C  CD2 . PHE A 1 39  ? -15.469 -14.006 6.766   1.00 22.05  ? 27  PHE A CD2 1 
ATOM   226  C  CE1 . PHE A 1 39  ? -15.201 -11.382 5.915   1.00 17.63  ? 27  PHE A CE1 1 
ATOM   227  C  CE2 . PHE A 1 39  ? -14.237 -13.553 6.276   1.00 29.57  ? 27  PHE A CE2 1 
ATOM   228  C  CZ  . PHE A 1 39  ? -14.101 -12.228 5.849   1.00 25.07  ? 27  PHE A CZ  1 
ATOM   229  N  N   . GLY A 1 40  ? -18.211 -16.425 6.387   1.00 36.09  ? 28  GLY A N   1 
ATOM   230  C  CA  . GLY A 1 40  ? -17.624 -17.664 5.916   1.00 42.14  ? 28  GLY A CA  1 
ATOM   231  C  C   . GLY A 1 40  ? -18.687 -18.674 5.580   1.00 45.60  ? 28  GLY A C   1 
ATOM   232  O  O   . GLY A 1 40  ? -19.568 -18.385 4.771   1.00 60.79  ? 28  GLY A O   1 
ATOM   233  N  N   . GLY A 1 57  ? -3.286  -15.227 11.784  1.00 65.36  ? 45  GLY A N   1 
ATOM   234  C  CA  . GLY A 1 57  ? -2.955  -16.031 10.620  1.00 71.44  ? 45  GLY A CA  1 
ATOM   235  C  C   . GLY A 1 57  ? -4.172  -16.346 9.765   1.00 79.38  ? 45  GLY A C   1 
ATOM   236  O  O   . GLY A 1 57  ? -5.206  -16.795 10.278  1.00 82.14  ? 45  GLY A O   1 
ATOM   237  N  N   . SER A 1 58  ? -4.036  -16.123 8.457   1.00 64.62  ? 46  SER A N   1 
ATOM   238  C  CA  . SER A 1 58  ? -5.144  -16.228 7.494   1.00 73.95  ? 46  SER A CA  1 
ATOM   239  C  C   . SER A 1 58  ? -5.719  -17.654 7.349   1.00 76.84  ? 46  SER A C   1 
ATOM   240  O  O   . SER A 1 58  ? -5.156  -18.580 7.937   1.00 86.79  ? 46  SER A O   1 
ATOM   241  C  CB  . SER A 1 58  ? -4.669  -15.705 6.130   1.00 71.70  ? 46  SER A CB  1 
ATOM   242  O  OG  . SER A 1 58  ? -5.696  -15.747 5.164   1.00 69.88  ? 46  SER A OG  1 
ATOM   243  N  N   . SER A 1 59  ? -6.819  -17.779 6.573   1.00 69.97  ? 47  SER A N   1 
ATOM   244  C  CA  . SER A 1 59  ? -7.596  -19.015 6.230   1.00 76.22  ? 47  SER A CA  1 
ATOM   245  C  C   . SER A 1 59  ? -9.131  -18.804 6.355   1.00 80.29  ? 47  SER A C   1 
ATOM   246  O  O   . SER A 1 59  ? -9.628  -18.717 7.484   1.00 82.95  ? 47  SER A O   1 
ATOM   247  C  CB  . SER A 1 59  ? -7.204  -20.223 7.111   1.00 80.64  ? 47  SER A CB  1 
ATOM   248  O  OG  . SER A 1 59  ? -8.225  -21.217 7.175   1.00 70.78  ? 47  SER A OG  1 
ATOM   249  N  N   . THR A 1 60  ? -9.899  -18.717 5.253   1.00 77.10  ? 48  THR A N   1 
ATOM   250  C  CA  . THR A 1 60  ? -9.445  -18.683 3.851   1.00 74.53  ? 48  THR A CA  1 
ATOM   251  C  C   . THR A 1 60  ? -9.813  -17.336 3.167   1.00 65.50  ? 48  THR A C   1 
ATOM   252  O  O   . THR A 1 60  ? -10.787 -17.233 2.393   1.00 49.96  ? 48  THR A O   1 
ATOM   253  C  CB  . THR A 1 60  ? -10.054 -19.843 3.023   1.00 72.62  ? 48  THR A CB  1 
ATOM   254  O  OG1 . THR A 1 60  ? -10.042 -19.506 1.625   1.00 65.09  ? 48  THR A OG1 1 
ATOM   255  C  CG2 . THR A 1 60  ? -11.497 -20.131 3.450   1.00 67.99  ? 48  THR A CG2 1 
ATOM   256  N  N   . LEU A 1 61  ? -9.023  -16.303 3.430   1.00 48.39  ? 49  LEU A N   1 
ATOM   257  C  CA  . LEU A 1 61  ? -9.534  -14.962 3.224   1.00 33.74  ? 49  LEU A CA  1 
ATOM   258  C  C   . LEU A 1 61  ? -8.771  -14.119 2.204   1.00 38.34  ? 49  LEU A C   1 
ATOM   259  O  O   . LEU A 1 61  ? -7.638  -14.421 1.814   1.00 26.86  ? 49  LEU A O   1 
ATOM   260  C  CB  . LEU A 1 61  ? -9.596  -14.238 4.583   1.00 40.75  ? 49  LEU A CB  1 
ATOM   261  C  CG  . LEU A 1 61  ? -8.313  -13.728 5.233   1.00 39.71  ? 49  LEU A CG  1 
ATOM   262  C  CD1 . LEU A 1 61  ? -8.322  -12.210 5.276   1.00 50.60  ? 49  LEU A CD1 1 
ATOM   263  C  CD2 . LEU A 1 61  ? -8.083  -14.292 6.623   1.00 48.04  ? 49  LEU A CD2 1 
ATOM   264  N  N   . PHE A 1 62  ? -9.439  -13.070 1.753   1.00 21.51  ? 50  PHE A N   1 
ATOM   265  C  CA  . PHE A 1 62  ? -8.827  -12.013 0.956   1.00 19.58  ? 50  PHE A CA  1 
ATOM   266  C  C   . PHE A 1 62  ? -8.482  -10.843 1.863   1.00 31.26  ? 50  PHE A C   1 
ATOM   267  O  O   . PHE A 1 62  ? -9.349  -10.332 2.586   1.00 25.73  ? 50  PHE A O   1 
ATOM   268  C  CB  . PHE A 1 62  ? -9.767  -11.556 -0.143  1.00 22.07  ? 50  PHE A CB  1 
ATOM   269  C  CG  . PHE A 1 62  ? -9.206  -10.440 -0.969  1.00 28.36  ? 50  PHE A CG  1 
ATOM   270  C  CD1 . PHE A 1 62  ? -8.060  -10.641 -1.743  1.00 37.36  ? 50  PHE A CD1 1 
ATOM   271  C  CD2 . PHE A 1 62  ? -9.814  -9.188  -0.980  1.00 37.23  ? 50  PHE A CD2 1 
ATOM   272  C  CE1 . PHE A 1 62  ? -7.524  -9.616  -2.513  1.00 31.90  ? 50  PHE A CE1 1 
ATOM   273  C  CE2 . PHE A 1 62  ? -9.280  -8.149  -1.754  1.00 37.52  ? 50  PHE A CE2 1 
ATOM   274  C  CZ  . PHE A 1 62  ? -8.131  -8.369  -2.520  1.00 27.26  ? 50  PHE A CZ  1 
ATOM   275  N  N   . SER A 1 63  ? -7.219  -10.448 1.877   1.00 20.35  ? 51  SER A N   1 
ATOM   276  C  CA  . SER A 1 63  ? -6.796  -9.339  2.725   1.00 18.68  ? 51  SER A CA  1 
ATOM   277  C  C   . SER A 1 63  ? -5.925  -8.348  1.934   1.00 25.70  ? 51  SER A C   1 
ATOM   278  O  O   . SER A 1 63  ? -5.194  -8.765  1.054   1.00 23.06  ? 51  SER A O   1 
ATOM   279  C  CB  . SER A 1 63  ? -6.025  -9.873  3.922   1.00 22.65  ? 51  SER A CB  1 
ATOM   280  O  OG  . SER A 1 63  ? -5.180  -8.871  4.436   1.00 39.56  ? 51  SER A OG  1 
ATOM   281  N  N   . GLY A 1 64  ? -5.956  -7.058  2.255   1.00 15.73  ? 52  GLY A N   1 
ATOM   282  C  CA  . GLY A 1 64  ? -5.214  -6.083  1.450   1.00 15.70  ? 52  GLY A CA  1 
ATOM   283  C  C   . GLY A 1 64  ? -4.709  -4.966  2.330   1.00 17.58  ? 52  GLY A C   1 
ATOM   284  O  O   . GLY A 1 64  ? -5.402  -4.588  3.266   1.00 15.76  ? 52  GLY A O   1 
ATOM   285  N  N   . THR A 1 65  ? -3.521  -4.432  2.060   1.00 8.15   ? 53  THR A N   1 
ATOM   286  C  CA  . THR A 1 65  ? -3.047  -3.326  2.887   1.00 13.25  ? 53  THR A CA  1 
ATOM   287  C  C   . THR A 1 65  ? -2.541  -2.221  2.007   1.00 15.02  ? 53  THR A C   1 
ATOM   288  O  O   . THR A 1 65  ? -1.938  -2.497  0.963   1.00 15.43  ? 53  THR A O   1 
ATOM   289  C  CB  . THR A 1 65  ? -1.911  -3.729  3.818   1.00 15.77  ? 53  THR A CB  1 
ATOM   290  O  OG1 . THR A 1 65  ? -2.095  -5.091  4.209   1.00 31.61  ? 53  THR A OG1 1 
ATOM   291  C  CG2 . THR A 1 65  ? -1.928  -2.844  5.090   1.00 24.05  ? 53  THR A CG2 1 
ATOM   292  N  N   . GLN A 1 66  ? -2.805  -0.992  2.435   1.00 9.12   ? 54  GLN A N   1 
ATOM   293  C  CA  . GLN A 1 66  ? -2.206  0.196   1.825   1.00 9.01   ? 54  GLN A CA  1 
ATOM   294  C  C   . GLN A 1 66  ? -1.558  1.014   2.922   1.00 11.12  ? 54  GLN A C   1 
ATOM   295  O  O   . GLN A 1 66  ? -2.238  1.454   3.851   1.00 9.05   ? 54  GLN A O   1 
ATOM   296  C  CB  . GLN A 1 66  ? -3.233  1.042   1.093   1.00 9.29   ? 54  GLN A CB  1 
ATOM   297  C  CG  . GLN A 1 66  ? -2.578  2.234   0.309   1.00 7.54   ? 54  GLN A CG  1 
ATOM   298  C  CD  . GLN A 1 66  ? -3.557  3.285   -0.142  1.00 12.53  ? 54  GLN A CD  1 
ATOM   299  O  OE1 . GLN A 1 66  ? -4.247  3.883   0.691   1.00 9.76   ? 54  GLN A OE1 1 
ATOM   300  N  NE2 . GLN A 1 66  ? -3.627  3.540   -1.456  1.00 6.53   ? 54  GLN A NE2 1 
ATOM   301  N  N   . TYR A 1 67  ? -0.252  1.228   2.805   1.00 9.69   ? 55  TYR A N   1 
ATOM   302  C  CA  . TYR A 1 67  ? 0.478   2.162   3.654   1.00 12.95  ? 55  TYR A CA  1 
ATOM   303  C  C   . TYR A 1 67  ? 0.845   3.401   2.878   1.00 14.37  ? 55  TYR A C   1 
ATOM   304  O  O   . TYR A 1 67  ? 1.438   3.301   1.813   1.00 14.62  ? 55  TYR A O   1 
ATOM   305  C  CB  . TYR A 1 67  ? 1.763   1.503   4.177   1.00 10.23  ? 55  TYR A CB  1 
ATOM   306  C  CG  . TYR A 1 67  ? 1.551   0.235   4.952   1.00 11.77  ? 55  TYR A CG  1 
ATOM   307  C  CD1 . TYR A 1 67  ? 1.304   0.274   6.333   1.00 23.01  ? 55  TYR A CD1 1 
ATOM   308  C  CD2 . TYR A 1 67  ? 1.577   -0.991  4.337   1.00 14.05  ? 55  TYR A CD2 1 
ATOM   309  C  CE1 . TYR A 1 67  ? 1.107   -0.898  7.066   1.00 17.58  ? 55  TYR A CE1 1 
ATOM   310  C  CE2 . TYR A 1 67  ? 1.398   -2.179  5.072   1.00 18.00  ? 55  TYR A CE2 1 
ATOM   311  C  CZ  . TYR A 1 67  ? 1.152   -2.113  6.422   1.00 24.43  ? 55  TYR A CZ  1 
ATOM   312  O  OH  . TYR A 1 67  ? 0.934   -3.260  7.145   1.00 29.78  ? 55  TYR A OH  1 
ATOM   313  N  N   . ALA A 1 68  ? 0.531   4.567   3.414   1.00 14.03  ? 56  ALA A N   1 
ATOM   314  C  CA  . ALA A 1 68  ? 0.913   5.826   2.790   1.00 10.39  ? 56  ALA A CA  1 
ATOM   315  C  C   . ALA A 1 68  ? 1.779   6.653   3.739   1.00 17.05  ? 56  ALA A C   1 
ATOM   316  O  O   . ALA A 1 68  ? 1.441   6.798   4.910   1.00 23.03  ? 56  ALA A O   1 
ATOM   317  C  CB  . ALA A 1 68  ? -0.281  6.571   2.421   1.00 10.75  ? 56  ALA A CB  1 
ATOM   318  N  N   . ILE A 1 69  ? 2.886   7.198   3.248   1.00 15.08  ? 57  ILE A N   1 
ATOM   319  C  CA  . ILE A 1 69  ? 3.754   8.016   4.095   1.00 14.00  ? 57  ILE A CA  1 
ATOM   320  C  C   . ILE A 1 69  ? 4.017   9.294   3.316   1.00 17.82  ? 57  ILE A C   1 
ATOM   321  O  O   . ILE A 1 69  ? 4.439   9.223   2.169   1.00 15.08  ? 57  ILE A O   1 
ATOM   322  C  CB  . ILE A 1 69  ? 5.099   7.299   4.418   1.00 18.90  ? 57  ILE A CB  1 
ATOM   323  C  CG1 . ILE A 1 69  ? 5.035   6.561   5.745   1.00 35.17  ? 57  ILE A CG1 1 
ATOM   324  C  CG2 . ILE A 1 69  ? 6.172   8.323   4.674   1.00 29.34  ? 57  ILE A CG2 1 
ATOM   325  C  CD1 . ILE A 1 69  ? 4.118   5.446   5.765   1.00 41.09  ? 57  ILE A CD1 1 
ATOM   326  N  N   . GLY A 1 70  ? 3.813   10.461  3.923   1.00 15.75  ? 58  GLY A N   1 
ATOM   327  C  CA  . GLY A 1 70  ? 4.021   11.718  3.232   1.00 15.81  ? 58  GLY A CA  1 
ATOM   328  C  C   . GLY A 1 70  ? 4.675   12.755  4.132   1.00 22.88  ? 58  GLY A C   1 
ATOM   329  O  O   . GLY A 1 70  ? 4.686   12.598  5.351   1.00 20.46  ? 58  GLY A O   1 
ATOM   330  N  N   . SER A 1 71  ? 5.262   13.795  3.549   1.00 22.03  ? 59  SER A N   1 
ATOM   331  C  CA  . SER A 1 71  ? 5.946   14.789  4.385   1.00 32.11  ? 59  SER A CA  1 
ATOM   332  C  C   . SER A 1 71  ? 4.978   15.919  4.760   1.00 36.03  ? 59  SER A C   1 
ATOM   333  O  O   . SER A 1 71  ? 3.818   15.913  4.328   1.00 28.36  ? 59  SER A O   1 
ATOM   334  C  CB  . SER A 1 71  ? 7.188   15.350  3.677   1.00 29.00  ? 59  SER A CB  1 
ATOM   335  O  OG  . SER A 1 71  ? 6.840   16.293  2.683   1.00 41.11  ? 59  SER A OG  1 
ATOM   336  N  N   . SER A 1 72  ? 5.457   16.888  5.543   1.00 44.06  ? 60  SER A N   1 
ATOM   337  C  CA  . SER A 1 72  ? 4.610   17.993  6.009   1.00 51.10  ? 60  SER A CA  1 
ATOM   338  C  C   . SER A 1 72  ? 4.898   19.327  5.306   1.00 48.52  ? 60  SER A C   1 
ATOM   339  O  O   . SER A 1 72  ? 4.345   20.355  5.670   1.00 53.36  ? 60  SER A O   1 
ATOM   340  C  CB  . SER A 1 72  ? 4.774   18.173  7.519   1.00 54.00  ? 60  SER A CB  1 
ATOM   341  O  OG  . SER A 1 72  ? 6.107   18.544  7.816   1.00 53.07  ? 60  SER A OG  1 
ATOM   342  N  N   . HIS A 1 73  ? 5.757   19.300  4.295   1.00 53.36  ? 61  HIS A N   1 
ATOM   343  C  CA  . HIS A 1 73  ? 6.154   20.515  3.590   1.00 47.06  ? 61  HIS A CA  1 
ATOM   344  C  C   . HIS A 1 73  ? 5.217   20.773  2.414   1.00 47.92  ? 61  HIS A C   1 
ATOM   345  O  O   . HIS A 1 73  ? 4.372   19.937  2.109   1.00 47.47  ? 61  HIS A O   1 
ATOM   346  C  CB  . HIS A 1 73  ? 7.610   20.395  3.150   1.00 50.92  ? 61  HIS A CB  1 
ATOM   347  C  CG  . HIS A 1 73  ? 8.549   20.159  4.295   1.00 68.59  ? 61  HIS A CG  1 
ATOM   348  N  ND1 . HIS A 1 73  ? 9.883   19.853  4.127   1.00 71.95  ? 61  HIS A ND1 1 
ATOM   349  C  CD2 . HIS A 1 73  ? 8.333   20.179  5.634   1.00 62.85  ? 61  HIS A CD2 1 
ATOM   350  C  CE1 . HIS A 1 73  ? 10.449  19.698  5.313   1.00 67.35  ? 61  HIS A CE1 1 
ATOM   351  N  NE2 . HIS A 1 73  ? 9.530   19.885  6.243   1.00 63.95  ? 61  HIS A NE2 1 
ATOM   352  N  N   . SER A 1 74  ? 5.314   21.925  1.762   1.00 39.98  ? 62  SER A N   1 
ATOM   353  C  CA  . SER A 1 74  ? 4.346   22.182  0.696   1.00 48.21  ? 62  SER A CA  1 
ATOM   354  C  C   . SER A 1 74  ? 4.741   21.311  -0.474  1.00 45.44  ? 62  SER A C   1 
ATOM   355  O  O   . SER A 1 74  ? 5.910   20.937  -0.587  1.00 40.45  ? 62  SER A O   1 
ATOM   356  C  CB  . SER A 1 74  ? 4.305   23.650  0.292   1.00 51.28  ? 62  SER A CB  1 
ATOM   357  O  OG  . SER A 1 74  ? 5.539   24.047  -0.271  1.00 56.01  ? 62  SER A OG  1 
ATOM   358  N  N   . ASN A 1 75  ? 3.776   20.986  -1.332  1.00 40.93  ? 63  ASN A N   1 
ATOM   359  C  CA  . ASN A 1 75  ? 3.998   20.009  -2.394  1.00 34.64  ? 63  ASN A CA  1 
ATOM   360  C  C   . ASN A 1 75  ? 4.705   18.766  -1.826  1.00 34.29  ? 63  ASN A C   1 
ATOM   361  O  O   . ASN A 1 75  ? 5.781   18.386  -2.270  1.00 30.93  ? 63  ASN A O   1 
ATOM   362  C  CB  . ASN A 1 75  ? 4.810   20.648  -3.523  1.00 35.25  ? 63  ASN A CB  1 
ATOM   363  C  CG  . ASN A 1 75  ? 4.712   19.881  -4.810  1.00 51.28  ? 63  ASN A CG  1 
ATOM   364  O  OD1 . ASN A 1 75  ? 5.668   19.830  -5.583  1.00 57.51  ? 63  ASN A OD1 1 
ATOM   365  N  ND2 . ASN A 1 75  ? 3.547   19.281  -5.062  1.00 51.50  ? 63  ASN A ND2 1 
ATOM   366  N  N   . PRO A 1 76  ? 4.104   18.145  -0.813  1.00 32.96  ? 64  PRO A N   1 
ATOM   367  C  CA  . PRO A 1 76  ? 4.884   17.173  -0.041  1.00 22.72  ? 64  PRO A CA  1 
ATOM   368  C  C   . PRO A 1 76  ? 5.172   15.917  -0.855  1.00 25.32  ? 64  PRO A C   1 
ATOM   369  O  O   . PRO A 1 76  ? 4.310   15.442  -1.601  1.00 19.70  ? 64  PRO A O   1 
ATOM   370  C  CB  . PRO A 1 76  ? 3.978   16.856  1.157   1.00 24.83  ? 64  PRO A CB  1 
ATOM   371  C  CG  . PRO A 1 76  ? 2.581   17.112  0.615   1.00 19.91  ? 64  PRO A CG  1 
ATOM   372  C  CD  . PRO A 1 76  ? 2.697   18.231  -0.371  1.00 27.50  ? 64  PRO A CD  1 
ATOM   373  N  N   . GLU A 1 77  ? 6.384   15.391  -0.722  1.00 16.91  ? 65  GLU A N   1 
ATOM   374  C  CA  . GLU A 1 77  ? 6.689   14.082  -1.291  1.00 13.41  ? 65  GLU A CA  1 
ATOM   375  C  C   . GLU A 1 77  ? 5.906   13.023  -0.548  1.00 14.95  ? 65  GLU A C   1 
ATOM   376  O  O   . GLU A 1 77  ? 5.701   13.142  0.665   1.00 16.81  ? 65  GLU A O   1 
ATOM   377  C  CB  . GLU A 1 77  ? 8.156   13.762  -1.199  1.00 14.44  ? 65  GLU A CB  1 
ATOM   378  C  CG  . GLU A 1 77  ? 8.977   14.566  -2.149  1.00 18.66  ? 65  GLU A CG  1 
ATOM   379  C  CD  . GLU A 1 77  ? 10.413  14.117  -2.117  1.00 19.77  ? 65  GLU A CD  1 
ATOM   380  O  OE1 . GLU A 1 77  ? 10.795  13.387  -1.166  1.00 19.11  ? 65  GLU A OE1 1 
ATOM   381  O  OE2 . GLU A 1 77  ? 11.160  14.506  -3.020  1.00 23.92  ? 65  GLU A OE2 1 
ATOM   382  N  N   . GLY A 1 78  ? 5.527   11.976  -1.268  1.00 15.81  ? 66  GLY A N   1 
ATOM   383  C  CA  . GLY A 1 78  ? 4.846   10.858  -0.655  1.00 11.85  ? 66  GLY A CA  1 
ATOM   384  C  C   . GLY A 1 78  ? 5.151   9.515   -1.277  1.00 13.61  ? 66  GLY A C   1 
ATOM   385  O  O   . GLY A 1 78  ? 5.674   9.416   -2.388  1.00 14.76  ? 66  GLY A O   1 
ATOM   386  N  N   . MET A 1 79  ? 4.880   8.442   -0.543  1.00 10.18  ? 67  MET A N   1 
ATOM   387  C  CA  . MET A 1 79  ? 5.050   7.132   -1.144  1.00 11.31  ? 67  MET A CA  1 
ATOM   388  C  C   . MET A 1 79  ? 3.921   6.252   -0.642  1.00 11.71  ? 67  MET A C   1 
ATOM   389  O  O   . MET A 1 79  ? 3.390   6.473   0.441   1.00 11.66  ? 67  MET A O   1 
ATOM   390  C  CB  . MET A 1 79  ? 6.388   6.539   -0.761  1.00 9.32   ? 67  MET A CB  1 
ATOM   391  C  CG  . MET A 1 79  ? 6.548   6.458   0.714   1.00 12.82  ? 67  MET A CG  1 
ATOM   392  S  SD  . MET A 1 79  ? 8.111   5.654   1.172   1.00 25.28  ? 67  MET A SD  1 
ATOM   393  C  CE  . MET A 1 79  ? 8.017   4.120   0.323   1.00 7.64   ? 67  MET A CE  1 
ATOM   394  N  N   . ILE A 1 80  ? 3.637   5.230   -1.421  1.00 9.13   ? 68  ILE A N   1 
ATOM   395  C  CA  . ILE A 1 80  ? 2.596   4.251   -1.110  1.00 7.39   ? 68  ILE A CA  1 
ATOM   396  C  C   . ILE A 1 80  ? 3.148   2.850   -1.288  1.00 15.26  ? 68  ILE A C   1 
ATOM   397  O  O   . ILE A 1 80  ? 3.705   2.525   -2.357  1.00 9.66   ? 68  ILE A O   1 
ATOM   398  C  CB  . ILE A 1 80  ? 1.383   4.481   -2.043  1.00 9.69   ? 68  ILE A CB  1 
ATOM   399  C  CG1 . ILE A 1 80  ? 0.759   5.837   -1.763  1.00 12.37  ? 68  ILE A CG1 1 
ATOM   400  C  CG2 . ILE A 1 80  ? 0.311   3.390   -1.849  1.00 16.79  ? 68  ILE A CG2 1 
ATOM   401  C  CD1 . ILE A 1 80  ? -0.457  6.053   -2.602  1.00 8.03   ? 68  ILE A CD1 1 
ATOM   402  N  N   . ALA A 1 81  ? 3.027   2.032   -0.238  1.00 8.99   ? 69  ALA A N   1 
ATOM   403  C  CA  . ALA A 1 81  ? 3.264   0.614   -0.362  1.00 8.15   ? 69  ALA A CA  1 
ATOM   404  C  C   . ALA A 1 81  ? 1.929   -0.150  -0.249  1.00 13.88  ? 69  ALA A C   1 
ATOM   405  O  O   . ALA A 1 81  ? 1.154   0.065   0.682   1.00 12.31  ? 69  ALA A O   1 
ATOM   406  C  CB  . ALA A 1 81  ? 4.279   0.139   0.729   1.00 10.84  ? 69  ALA A CB  1 
ATOM   407  N  N   . GLU A 1 82  ? 1.668   -1.066  -1.164  1.00 10.84  ? 70  GLU A N   1 
ATOM   408  C  CA  . GLU A 1 82  ? 0.369   -1.732  -1.184  1.00 7.69   ? 70  GLU A CA  1 
ATOM   409  C  C   . GLU A 1 82  ? 0.527   -3.183  -1.586  1.00 11.24  ? 70  GLU A C   1 
ATOM   410  O  O   . GLU A 1 82  ? 1.454   -3.567  -2.316  1.00 12.98  ? 70  GLU A O   1 
ATOM   411  C  CB  . GLU A 1 82  ? -0.546  -0.976  -2.173  1.00 10.27  ? 70  GLU A CB  1 
ATOM   412  C  CG  . GLU A 1 82  ? -1.997  -1.484  -2.271  1.00 10.83  ? 70  GLU A CG  1 
ATOM   413  C  CD  . GLU A 1 82  ? -2.106  -2.678  -3.221  1.00 21.12  ? 70  GLU A CD  1 
ATOM   414  O  OE1 . GLU A 1 82  ? -1.212  -2.885  -4.061  1.00 17.37  ? 70  GLU A OE1 1 
ATOM   415  O  OE2 . GLU A 1 82  ? -3.107  -3.409  -3.135  1.00 21.69  ? 70  GLU A OE2 1 
ATOM   416  N  N   . GLY A 1 83  ? -0.375  -4.009  -1.102  1.00 11.26  ? 71  GLY A N   1 
ATOM   417  C  CA  . GLY A 1 83  ? -0.408  -5.375  -1.566  1.00 20.71  ? 71  GLY A CA  1 
ATOM   418  C  C   . GLY A 1 83  ? -1.716  -6.001  -1.175  1.00 25.21  ? 71  GLY A C   1 
ATOM   419  O  O   . GLY A 1 83  ? -2.456  -5.415  -0.396  1.00 22.51  ? 71  GLY A O   1 
ATOM   420  N  N   . ASP A 1 84  ? -2.039  -7.151  -1.755  1.00 17.55  ? 72  ASP A N   1 
ATOM   421  C  CA  . ASP A 1 84  ? -3.133  -7.951  -1.216  1.00 24.15  ? 72  ASP A CA  1 
ATOM   422  C  C   . ASP A 1 84  ? -2.781  -9.421  -1.349  1.00 26.47  ? 72  ASP A C   1 
ATOM   423  O  O   . ASP A 1 84  ? -1.763  -9.769  -1.934  1.00 24.61  ? 72  ASP A O   1 
ATOM   424  C  CB  . ASP A 1 84  ? -4.486  -7.616  -1.875  1.00 21.79  ? 72  ASP A CB  1 
ATOM   425  C  CG  . ASP A 1 84  ? -4.455  -7.671  -3.393  1.00 30.63  ? 72  ASP A CG  1 
ATOM   426  O  OD1 . ASP A 1 84  ? -4.020  -8.692  -3.957  1.00 32.60  ? 72  ASP A OD1 1 
ATOM   427  O  OD2 . ASP A 1 84  ? -4.898  -6.696  -4.031  1.00 28.52  ? 72  ASP A OD2 1 
ATOM   428  N  N   . LEU A 1 85  ? -3.618  -10.264 -0.769  1.00 23.12  ? 73  LEU A N   1 
ATOM   429  C  CA  . LEU A 1 85  ? -3.308  -11.670 -0.557  1.00 32.69  ? 73  LEU A CA  1 
ATOM   430  C  C   . LEU A 1 85  ? -4.554  -12.554 -0.375  1.00 38.35  ? 73  LEU A C   1 
ATOM   431  O  O   . LEU A 1 85  ? -5.552  -12.111 0.237   1.00 24.40  ? 73  LEU A O   1 
ATOM   432  C  CB  . LEU A 1 85  ? -2.435  -11.822 0.685   1.00 28.33  ? 73  LEU A CB  1 
ATOM   433  C  CG  . LEU A 1 85  ? -2.195  -13.249 1.187   1.00 40.00  ? 73  LEU A CG  1 
ATOM   434  C  CD1 . LEU A 1 85  ? -1.204  -14.011 0.297   1.00 33.12  ? 73  LEU A CD1 1 
ATOM   435  C  CD2 . LEU A 1 85  ? -1.792  -13.278 2.668   1.00 48.31  ? 73  LEU A CD2 1 
ATOM   436  N  N   . LYS A 1 86  ? -4.449  -13.793 -0.888  1.00 38.55  ? 74  LYS A N   1 
ATOM   437  C  CA  . LYS A 1 86  ? -5.217  -14.990 -0.460  1.00 46.99  ? 74  LYS A CA  1 
ATOM   438  C  C   . LYS A 1 86  ? -4.972  -15.474 0.993   1.00 52.04  ? 74  LYS A C   1 
ATOM   439  O  O   . LYS A 1 86  ? -4.988  -14.673 1.931   1.00 63.15  ? 74  LYS A O   1 
ATOM   440  C  CB  . LYS A 1 86  ? -4.923  -16.156 -1.405  1.00 46.82  ? 74  LYS A CB  1 
ATOM   441  C  CG  . LYS A 1 86  ? -5.814  -16.175 -2.627  1.00 60.50  ? 74  LYS A CG  1 
ATOM   442  C  CD  . LYS A 1 86  ? -6.851  -15.059 -2.562  1.00 48.64  ? 74  LYS A CD  1 
ATOM   443  C  CE  . LYS A 1 86  ? -8.074  -15.362 -3.418  1.00 68.70  ? 74  LYS A CE  1 
ATOM   444  N  NZ  . LYS A 1 86  ? -9.079  -14.257 -3.346  1.00 56.53  ? 74  LYS A NZ  1 
ATOM   445  N  N   . ALA A 1 87  ? -4.730  -16.773 1.196   1.00 55.73  ? 75  ALA A N   1 
ATOM   446  C  CA  . ALA A 1 87  ? -5.066  -17.340 2.511   1.00 68.56  ? 75  ALA A CA  1 
ATOM   447  C  C   . ALA A 1 87  ? -4.205  -18.432 3.176   1.00 80.69  ? 75  ALA A C   1 
ATOM   448  O  O   . ALA A 1 87  ? -4.247  -19.583 2.723   1.00 79.93  ? 75  ALA A O   1 
ATOM   449  C  CB  . ALA A 1 87  ? -6.470  -17.871 2.420   1.00 54.40  ? 75  ALA A CB  1 
ATOM   450  N  N   . SER A 1 88  ? -3.451  -18.034 4.223   1.00 79.94  ? 76  SER A N   1 
ATOM   451  C  CA  . SER A 1 88  ? -3.145  -18.826 5.453   1.00 73.54  ? 76  SER A CA  1 
ATOM   452  C  C   . SER A 1 88  ? -1.879  -18.454 6.254   1.00 71.24  ? 76  SER A C   1 
ATOM   453  O  O   . SER A 1 88  ? -1.921  -18.354 7.484   1.00 63.03  ? 76  SER A O   1 
ATOM   454  C  CB  . SER A 1 88  ? -3.063  -20.327 5.166   1.00 73.29  ? 76  SER A CB  1 
ATOM   455  O  OG  . SER A 1 88  ? -4.372  -20.873 5.087   1.00 67.42  ? 76  SER A OG  1 
ATOM   456  N  N   . PHE A 1 89  ? -0.752  -18.260 5.584   1.00 84.07  ? 77  PHE A N   1 
ATOM   457  C  CA  . PHE A 1 89  ? 0.515   -18.439 6.281   1.00 81.52  ? 77  PHE A CA  1 
ATOM   458  C  C   . PHE A 1 89  ? 1.563   -17.339 6.034   1.00 78.89  ? 77  PHE A C   1 
ATOM   459  O  O   . PHE A 1 89  ? 1.244   -16.259 5.523   1.00 64.28  ? 77  PHE A O   1 
ATOM   460  C  CB  . PHE A 1 89  ? 1.072   -19.824 5.893   1.00 86.75  ? 77  PHE A CB  1 
ATOM   461  C  CG  . PHE A 1 89  ? 2.084   -20.383 6.861   1.00 93.16  ? 77  PHE A CG  1 
ATOM   462  C  CD1 . PHE A 1 89  ? 1.894   -20.276 8.235   1.00 88.99  ? 77  PHE A CD1 1 
ATOM   463  C  CD2 . PHE A 1 89  ? 3.229   -21.017 6.388   1.00 81.33  ? 77  PHE A CD2 1 
ATOM   464  C  CE1 . PHE A 1 89  ? 2.830   -20.792 9.116   1.00 92.46  ? 77  PHE A CE1 1 
ATOM   465  C  CE2 . PHE A 1 89  ? 4.164   -21.534 7.261   1.00 80.74  ? 77  PHE A CE2 1 
ATOM   466  C  CZ  . PHE A 1 89  ? 3.967   -21.423 8.627   1.00 91.48  ? 77  PHE A CZ  1 
ATOM   467  N  N   . MET A 1 90  ? 2.809   -17.660 6.402   1.00 91.30  ? 78  MET A N   1 
ATOM   468  C  CA  . MET A 1 90  ? 3.991   -16.780 6.355   1.00 87.58  ? 78  MET A CA  1 
ATOM   469  C  C   . MET A 1 90  ? 4.303   -16.064 5.028   1.00 90.57  ? 78  MET A C   1 
ATOM   470  O  O   . MET A 1 90  ? 4.262   -14.818 4.990   1.00 81.85  ? 78  MET A O   1 
ATOM   471  C  CB  . MET A 1 90  ? 5.250   -17.578 6.737   1.00 86.87  ? 78  MET A CB  1 
ATOM   472  C  CG  . MET A 1 90  ? 5.481   -17.781 8.233   1.00 89.73  ? 78  MET A CG  1 
ATOM   473  S  SD  . MET A 1 90  ? 7.032   -18.662 8.546   1.00 109.06 ? 78  MET A SD  1 
ATOM   474  C  CE  . MET A 1 90  ? 6.710   -19.376 10.162  1.00 83.60  ? 78  MET A CE  1 
ATOM   475  N  N   . PRO A 1 91  ? 4.581   -16.843 3.939   1.00 88.35  ? 79  PRO A N   1 
ATOM   476  C  CA  . PRO A 1 91  ? 5.469   -16.383 2.869   1.00 87.59  ? 79  PRO A CA  1 
ATOM   477  C  C   . PRO A 1 91  ? 6.423   -15.288 3.332   1.00 86.44  ? 79  PRO A C   1 
ATOM   478  O  O   . PRO A 1 91  ? 6.282   -14.120 2.954   1.00 73.95  ? 79  PRO A O   1 
ATOM   479  C  CB  . PRO A 1 91  ? 4.469   -15.935 1.811   1.00 75.97  ? 79  PRO A CB  1 
ATOM   480  C  CG  . PRO A 1 91  ? 3.312   -17.042 1.974   1.00 75.59  ? 79  PRO A CG  1 
ATOM   481  C  CD  . PRO A 1 91  ? 3.593   -17.757 3.337   1.00 72.91  ? 79  PRO A CD  1 
ATOM   482  N  N   . GLN A 1 92  ? 7.370   -15.733 4.168   1.00 85.41  ? 80  GLN A N   1 
ATOM   483  C  CA  . GLN A 1 92  ? 8.349   -14.915 4.897   1.00 83.04  ? 80  GLN A CA  1 
ATOM   484  C  C   . GLN A 1 92  ? 7.708   -14.091 6.028   1.00 79.14  ? 80  GLN A C   1 
ATOM   485  O  O   . GLN A 1 92  ? 7.917   -12.873 6.127   1.00 71.89  ? 80  GLN A O   1 
ATOM   486  C  CB  . GLN A 1 92  ? 9.124   -14.000 3.945   1.00 70.39  ? 80  GLN A CB  1 
ATOM   487  C  CG  . GLN A 1 92  ? 9.819   -14.735 2.796   1.00 71.44  ? 80  GLN A CG  1 
ATOM   488  C  CD  . GLN A 1 92  ? 10.250  -16.148 3.167   1.00 85.69  ? 80  GLN A CD  1 
ATOM   489  O  OE1 . GLN A 1 92  ? 11.094  -16.350 4.048   1.00 84.21  ? 80  GLN A OE1 1 
ATOM   490  N  NE2 . GLN A 1 92  ? 9.659   -17.137 2.496   1.00 86.96  ? 80  GLN A NE2 1 
ATOM   491  N  N   . HIS A 1 93  ? 6.929   -14.789 6.859   1.00 75.40  ? 81  HIS A N   1 
ATOM   492  C  CA  . HIS A 1 93  ? 6.439   -14.311 8.154   1.00 76.14  ? 81  HIS A CA  1 
ATOM   493  C  C   . HIS A 1 93  ? 5.936   -12.855 8.151   1.00 68.14  ? 81  HIS A C   1 
ATOM   494  O  O   . HIS A 1 93  ? 6.446   -12.003 8.894   1.00 61.41  ? 81  HIS A O   1 
ATOM   495  C  CB  . HIS A 1 93  ? 7.544   -14.498 9.215   1.00 81.59  ? 81  HIS A CB  1 
ATOM   496  C  CG  . HIS A 1 93  ? 7.093   -14.260 10.628  1.00 81.97  ? 81  HIS A CG  1 
ATOM   497  N  ND1 . HIS A 1 93  ? 7.012   -12.999 11.183  1.00 84.66  ? 81  HIS A ND1 1 
ATOM   498  C  CD2 . HIS A 1 93  ? 6.719   -15.123 11.604  1.00 78.50  ? 81  HIS A CD2 1 
ATOM   499  C  CE1 . HIS A 1 93  ? 6.596   -13.094 12.435  1.00 84.07  ? 81  HIS A CE1 1 
ATOM   500  N  NE2 . HIS A 1 93  ? 6.413   -14.371 12.716  1.00 83.67  ? 81  HIS A NE2 1 
ATOM   501  N  N   . THR A 1 94  ? 4.951   -12.567 7.297   1.00 40.44  ? 82  THR A N   1 
ATOM   502  C  CA  . THR A 1 94  ? 4.157   -11.353 7.476   1.00 36.39  ? 82  THR A CA  1 
ATOM   503  C  C   . THR A 1 94  ? 2.773   -11.518 6.862   1.00 36.50  ? 82  THR A C   1 
ATOM   504  O  O   . THR A 1 94  ? 2.604   -12.161 5.806   1.00 30.92  ? 82  THR A O   1 
ATOM   505  C  CB  . THR A 1 94  ? 4.855   -10.103 6.886   1.00 39.79  ? 82  THR A CB  1 
ATOM   506  O  OG1 . THR A 1 94  ? 4.157   -8.915  7.295   1.00 35.46  ? 82  THR A OG1 1 
ATOM   507  C  CG2 . THR A 1 94  ? 4.972   -10.175 5.349   1.00 35.80  ? 82  THR A CG2 1 
ATOM   508  N  N   . PHE A 1 95  ? 1.780   -10.958 7.553   1.00 28.85  ? 83  PHE A N   1 
ATOM   509  C  CA  . PHE A 1 95  ? 0.397   -10.972 7.078   1.00 26.32  ? 83  PHE A CA  1 
ATOM   510  C  C   . PHE A 1 95  ? 0.066   -9.651  6.336   1.00 27.19  ? 83  PHE A C   1 
ATOM   511  O  O   . PHE A 1 95  ? -0.319  -9.640  5.163   1.00 25.68  ? 83  PHE A O   1 
ATOM   512  C  CB  . PHE A 1 95  ? -0.571  -11.196 8.246   1.00 23.11  ? 83  PHE A CB  1 
ATOM   513  C  CG  . PHE A 1 95  ? -2.001  -11.268 7.821   1.00 30.39  ? 83  PHE A CG  1 
ATOM   514  C  CD1 . PHE A 1 95  ? -2.463  -12.353 7.112   1.00 22.41  ? 83  PHE A CD1 1 
ATOM   515  C  CD2 . PHE A 1 95  ? -2.888  -10.230 8.120   1.00 31.96  ? 83  PHE A CD2 1 
ATOM   516  C  CE1 . PHE A 1 95  ? -3.799  -12.411 6.700   1.00 34.26  ? 83  PHE A CE1 1 
ATOM   517  C  CE2 . PHE A 1 95  ? -4.217  -10.285 7.716   1.00 31.12  ? 83  PHE A CE2 1 
ATOM   518  C  CZ  . PHE A 1 95  ? -4.670  -11.383 7.008   1.00 34.45  ? 83  PHE A CZ  1 
ATOM   519  N  N   . HIS A 1 96  ? 0.245   -8.533  7.016   1.00 23.10  ? 84  HIS A N   1 
ATOM   520  C  CA  . HIS A 1 96  ? -0.044  -7.237  6.406   1.00 27.66  ? 84  HIS A CA  1 
ATOM   521  C  C   . HIS A 1 96  ? 1.055   -6.736  5.462   1.00 27.08  ? 84  HIS A C   1 
ATOM   522  O  O   . HIS A 1 96  ? 0.826   -5.819  4.650   1.00 27.75  ? 84  HIS A O   1 
ATOM   523  C  CB  . HIS A 1 96  ? -0.274  -6.216  7.509   1.00 25.54  ? 84  HIS A CB  1 
ATOM   524  C  CG  . HIS A 1 96  ? -1.464  -6.532  8.337   1.00 32.42  ? 84  HIS A CG  1 
ATOM   525  N  ND1 . HIS A 1 96  ? -2.726  -6.619  7.791   1.00 19.13  ? 84  HIS A ND1 1 
ATOM   526  C  CD2 . HIS A 1 96  ? -1.597  -6.808  9.656   1.00 23.37  ? 84  HIS A CD2 1 
ATOM   527  C  CE1 . HIS A 1 96  ? -3.586  -6.947  8.734   1.00 26.35  ? 84  HIS A CE1 1 
ATOM   528  N  NE2 . HIS A 1 96  ? -2.927  -7.054  9.869   1.00 24.56  ? 84  HIS A NE2 1 
ATOM   529  N  N   . GLY A 1 97  ? 2.237   -7.338  5.592   1.00 26.74  ? 85  GLY A N   1 
ATOM   530  C  CA  . GLY A 1 97  ? 3.390   -6.974  4.798   1.00 25.93  ? 85  GLY A CA  1 
ATOM   531  C  C   . GLY A 1 97  ? 3.424   -7.643  3.437   1.00 27.44  ? 85  GLY A C   1 
ATOM   532  O  O   . GLY A 1 97  ? 4.425   -7.574  2.741   1.00 30.46  ? 85  GLY A O   1 
ATOM   533  N  N   . GLN A 1 98  ? 2.331   -8.283  3.049   1.00 26.83  ? 86  GLN A N   1 
ATOM   534  C  CA  . GLN A 1 98  ? 2.248   -8.875  1.721   1.00 30.79  ? 86  GLN A CA  1 
ATOM   535  C  C   . GLN A 1 98  ? 2.136   -7.771  0.660   1.00 25.10  ? 86  GLN A C   1 
ATOM   536  O  O   . GLN A 1 98  ? 1.070   -7.503  0.116   1.00 37.52  ? 86  GLN A O   1 
ATOM   537  C  CB  . GLN A 1 98  ? 1.080   -9.859  1.678   1.00 30.09  ? 86  GLN A CB  1 
ATOM   538  C  CG  . GLN A 1 98  ? 1.310   -11.069 2.603   1.00 35.61  ? 86  GLN A CG  1 
ATOM   539  C  CD  . GLN A 1 98  ? 2.282   -12.097 2.021   1.00 36.19  ? 86  GLN A CD  1 
ATOM   540  O  OE1 . GLN A 1 98  ? 3.126   -11.780 1.197   1.00 74.22  ? 86  GLN A OE1 1 
ATOM   541  N  NE2 . GLN A 1 98  ? 2.135   -13.339 2.438   1.00 67.09  ? 86  GLN A NE2 1 
ATOM   542  N  N   . ILE A 1 99  ? 3.261   -7.116  0.428   1.00 21.95  ? 87  ILE A N   1 
ATOM   543  C  CA  . ILE A 1 99  ? 3.369   -5.883  -0.364  1.00 24.11  ? 87  ILE A CA  1 
ATOM   544  C  C   . ILE A 1 99  ? 3.920   -6.229  -1.721  1.00 18.26  ? 87  ILE A C   1 
ATOM   545  O  O   . ILE A 1 99  ? 4.991   -6.815  -1.761  1.00 22.75  ? 87  ILE A O   1 
ATOM   546  C  CB  . ILE A 1 99  ? 4.363   -4.880  0.270   1.00 27.34  ? 87  ILE A CB  1 
ATOM   547  C  CG1 . ILE A 1 99  ? 3.911   -4.448  1.672   1.00 24.59  ? 87  ILE A CG1 1 
ATOM   548  C  CG2 . ILE A 1 99  ? 4.673   -3.704  -0.698  1.00 15.56  ? 87  ILE A CG2 1 
ATOM   549  C  CD1 . ILE A 1 99  ? 2.649   -3.698  1.696   1.00 23.55  ? 87  ILE A CD1 1 
ATOM   550  N  N   . ASP A 1 100 ? 3.246   -5.843  -2.806  1.00 12.56  ? 88  ASP A N   1 
ATOM   551  C  CA  . ASP A 1 100 ? 3.827   -6.083  -4.136  1.00 19.68  ? 88  ASP A CA  1 
ATOM   552  C  C   . ASP A 1 100 ? 3.849   -4.875  -5.068  1.00 12.92  ? 88  ASP A C   1 
ATOM   553  O  O   . ASP A 1 100 ? 4.278   -4.979  -6.216  1.00 14.14  ? 88  ASP A O   1 
ATOM   554  C  CB  . ASP A 1 100 ? 3.138   -7.278  -4.803  1.00 20.82  ? 88  ASP A CB  1 
ATOM   555  C  CG  . ASP A 1 100 ? 1.720   -7.003  -5.261  1.00 21.49  ? 88  ASP A CG  1 
ATOM   556  O  OD1 . ASP A 1 100 ? 1.170   -5.922  -5.062  1.00 23.91  ? 88  ASP A OD1 1 
ATOM   557  O  OD2 . ASP A 1 100 ? 1.130   -7.926  -5.855  1.00 42.50  ? 88  ASP A OD2 1 
ATOM   558  N  N   . THR A 1 101 ? 3.442   -3.721  -4.561  1.00 9.49   ? 89  THR A N   1 
ATOM   559  C  CA  . THR A 1 101 ? 3.499   -2.507  -5.346  1.00 10.17  ? 89  THR A CA  1 
ATOM   560  C  C   . THR A 1 101 ? 4.075   -1.366  -4.510  1.00 12.06  ? 89  THR A C   1 
ATOM   561  O  O   . THR A 1 101 ? 3.705   -1.183  -3.343  1.00 11.55  ? 89  THR A O   1 
ATOM   562  C  CB  . THR A 1 101 ? 2.114   -2.123  -5.837  1.00 13.47  ? 89  THR A CB  1 
ATOM   563  O  OG1 . THR A 1 101 ? 1.504   -3.283  -6.439  1.00 19.62  ? 89  THR A OG1 1 
ATOM   564  C  CG2 . THR A 1 101 ? 2.193   -1.024  -6.825  1.00 19.02  ? 89  THR A CG2 1 
ATOM   565  N  N   . LEU A 1 102 ? 4.909   -0.542  -5.128  1.00 10.70  ? 90  LEU A N   1 
ATOM   566  C  CA  . LEU A 1 102 ? 5.547   0.491   -4.373  1.00 8.70   ? 90  LEU A CA  1 
ATOM   567  C  C   . LEU A 1 102 ? 5.609   1.701   -5.290  1.00 10.03  ? 90  LEU A C   1 
ATOM   568  O  O   . LEU A 1 102 ? 6.036   1.594   -6.435  1.00 12.89  ? 90  LEU A O   1 
ATOM   569  C  CB  . LEU A 1 102 ? 6.949   -0.010  -3.936  1.00 10.84  ? 90  LEU A CB  1 
ATOM   570  C  CG  . LEU A 1 102 ? 7.719   0.986   -3.102  1.00 13.83  ? 90  LEU A CG  1 
ATOM   571  C  CD1 . LEU A 1 102 ? 6.982   1.208   -1.799  1.00 10.58  ? 90  LEU A CD1 1 
ATOM   572  C  CD2 . LEU A 1 102 ? 9.157   0.529   -2.856  1.00 15.40  ? 90  LEU A CD2 1 
ATOM   573  N  N   . GLN A 1 103 ? 5.183   2.849   -4.802  1.00 10.75  ? 91  GLN A N   1 
ATOM   574  C  CA  . GLN A 1 103 ? 4.981   4.010   -5.682  1.00 9.97   ? 91  GLN A CA  1 
ATOM   575  C  C   . GLN A 1 103 ? 5.497   5.240   -5.021  1.00 11.85  ? 91  GLN A C   1 
ATOM   576  O  O   . GLN A 1 103 ? 5.256   5.460   -3.834  1.00 9.42   ? 91  GLN A O   1 
ATOM   577  C  CB  . GLN A 1 103 ? 3.493   4.170   -6.036  1.00 13.86  ? 91  GLN A CB  1 
ATOM   578  C  CG  . GLN A 1 103 ? 3.160   5.210   -7.090  1.00 10.95  ? 91  GLN A CG  1 
ATOM   579  C  CD  . GLN A 1 103 ? 1.682   5.143   -7.390  1.00 15.23  ? 91  GLN A CD  1 
ATOM   580  O  OE1 . GLN A 1 103 ? 0.872   5.544   -6.535  1.00 15.42  ? 91  GLN A OE1 1 
ATOM   581  N  NE2 . GLN A 1 103 ? 1.310   4.598   -8.559  1.00 11.68  ? 91  GLN A NE2 1 
ATOM   582  N  N   . PHE A 1 104 ? 6.176   6.061   -5.798  1.00 7.97   ? 92  PHE A N   1 
ATOM   583  C  CA  . PHE A 1 104 ? 6.744   7.301   -5.273  1.00 9.34   ? 92  PHE A CA  1 
ATOM   584  C  C   . PHE A 1 104 ? 6.242   8.516   -6.050  1.00 11.35  ? 92  PHE A C   1 
ATOM   585  O  O   . PHE A 1 104 ? 6.125   8.471   -7.272  1.00 11.31  ? 92  PHE A O   1 
ATOM   586  C  CB  . PHE A 1 104 ? 8.284   7.264   -5.375  1.00 9.23   ? 92  PHE A CB  1 
ATOM   587  C  CG  . PHE A 1 104 ? 8.920   6.245   -4.517  1.00 9.42   ? 92  PHE A CG  1 
ATOM   588  C  CD1 . PHE A 1 104 ? 9.318   6.548   -3.206  1.00 15.22  ? 92  PHE A CD1 1 
ATOM   589  C  CD2 . PHE A 1 104 ? 9.141   4.968   -5.022  1.00 11.96  ? 92  PHE A CD2 1 
ATOM   590  C  CE1 . PHE A 1 104 ? 9.898   5.572   -2.383  1.00 13.34  ? 92  PHE A CE1 1 
ATOM   591  C  CE2 . PHE A 1 104 ? 9.739   3.999   -4.243  1.00 10.79  ? 92  PHE A CE2 1 
ATOM   592  C  CZ  . PHE A 1 104 ? 10.098  4.277   -2.914  1.00 11.95  ? 92  PHE A CZ  1 
ATOM   593  N  N   . GLY A 1 105 ? 6.021   9.627   -5.357  1.00 15.51  ? 93  GLY A N   1 
ATOM   594  C  CA  . GLY A 1 105 ? 5.686   10.861  -6.023  1.00 12.29  ? 93  GLY A CA  1 
ATOM   595  C  C   . GLY A 1 105 ? 5.410   12.012  -5.070  1.00 13.98  ? 93  GLY A C   1 
ATOM   596  O  O   . GLY A 1 105 ? 6.088   12.163  -4.044  1.00 13.73  ? 93  GLY A O   1 
ATOM   597  N  N   . LYS A 1 106 ? 4.405   12.818  -5.393  1.00 14.07  ? 94  LYS A N   1 
ATOM   598  C  CA  . LYS A 1 106 ? 3.956   13.865  -4.467  1.00 14.18  ? 94  LYS A CA  1 
ATOM   599  C  C   . LYS A 1 106 ? 2.427   13.940  -4.291  1.00 15.61  ? 94  LYS A C   1 
ATOM   600  O  O   . LYS A 1 106 ? 1.663   13.460  -5.155  1.00 14.23  ? 94  LYS A O   1 
ATOM   601  C  CB  . LYS A 1 106 ? 4.433   15.227  -4.946  1.00 20.66  ? 94  LYS A CB  1 
ATOM   602  C  CG  . LYS A 1 106 ? 5.946   15.321  -5.077  1.00 23.30  ? 94  LYS A CG  1 
ATOM   603  C  CD  . LYS A 1 106 ? 6.313   16.232  -6.201  1.00 42.65  ? 94  LYS A CD  1 
ATOM   604  C  CE  . LYS A 1 106 ? 7.370   17.244  -5.797  1.00 42.42  ? 94  LYS A CE  1 
ATOM   605  N  NZ  . LYS A 1 106 ? 7.642   18.222  -6.913  1.00 54.90  ? 94  LYS A NZ  1 
ATOM   606  N  N   . ASP A 1 107 ? 2.041   14.600  -3.191  1.00 16.75  ? 95  ASP A N   1 
ATOM   607  C  CA  . ASP A 1 107 ? 0.676   15.068  -2.936  1.00 15.17  ? 95  ASP A CA  1 
ATOM   608  C  C   . ASP A 1 107 ? -0.291  13.924  -2.682  1.00 11.94  ? 95  ASP A C   1 
ATOM   609  O  O   . ASP A 1 107 ? -1.170  13.643  -3.477  1.00 16.08  ? 95  ASP A O   1 
ATOM   610  C  CB  . ASP A 1 107 ? 0.214   15.916  -4.119  1.00 15.61  ? 95  ASP A CB  1 
ATOM   611  C  CG  . ASP A 1 107 ? 1.112   17.121  -4.351  1.00 26.37  ? 95  ASP A CG  1 
ATOM   612  O  OD1 . ASP A 1 107 ? 1.566   17.713  -3.354  1.00 27.05  ? 95  ASP A OD1 1 
ATOM   613  O  OD2 . ASP A 1 107 ? 1.363   17.466  -5.519  1.00 28.36  ? 95  ASP A OD2 1 
ATOM   614  N  N   . LEU A 1 108 ? -0.075  13.225  -1.595  1.00 10.22  ? 96  LEU A N   1 
ATOM   615  C  CA  . LEU A 1 108 ? -1.088  12.263  -1.154  1.00 13.81  ? 96  LEU A CA  1 
ATOM   616  C  C   . LEU A 1 108 ? -2.456  12.916  -1.018  1.00 21.87  ? 96  LEU A C   1 
ATOM   617  O  O   . LEU A 1 108 ? -2.561  14.022  -0.500  1.00 16.59  ? 96  LEU A O   1 
ATOM   618  C  CB  . LEU A 1 108 ? -0.659  11.622  0.167   1.00 10.30  ? 96  LEU A CB  1 
ATOM   619  C  CG  . LEU A 1 108 ? 0.468   10.579  0.038   1.00 12.69  ? 96  LEU A CG  1 
ATOM   620  C  CD1 . LEU A 1 108 ? 1.002   10.301  1.438   1.00 13.26  ? 96  LEU A CD1 1 
ATOM   621  C  CD2 . LEU A 1 108 ? -0.009  9.265   -0.585  1.00 11.99  ? 96  LEU A CD2 1 
ATOM   622  N  N   . ALA A 1 109 ? -3.494  12.229  -1.511  1.00 19.05  ? 97  ALA A N   1 
ATOM   623  C  CA  . ALA A 1 109 ? -4.859  12.742  -1.498  1.00 18.89  ? 97  ALA A CA  1 
ATOM   624  C  C   . ALA A 1 109 ? -5.855  11.615  -1.233  1.00 19.39  ? 97  ALA A C   1 
ATOM   625  O  O   . ALA A 1 109 ? -5.547  10.452  -1.432  1.00 12.53  ? 97  ALA A O   1 
ATOM   626  C  CB  . ALA A 1 109 ? -5.177  13.435  -2.838  1.00 16.27  ? 97  ALA A CB  1 
ATOM   627  N  N   . THR A 1 110 ? -7.045  11.961  -0.752  1.00 9.63   ? 98  THR A N   1 
ATOM   628  C  CA  . THR A 1 110 ? -8.039  10.956  -0.407  1.00 10.52  ? 98  THR A CA  1 
ATOM   629  C  C   . THR A 1 110 ? -8.717  10.506  -1.654  1.00 16.13  ? 98  THR A C   1 
ATOM   630  O  O   . THR A 1 110 ? -8.996  11.319  -2.538  1.00 15.21  ? 98  THR A O   1 
ATOM   631  C  CB  . THR A 1 110 ? -9.063  11.558  0.637   1.00 10.31  ? 98  THR A CB  1 
ATOM   632  O  OG1 . THR A 1 110 ? -8.367  11.900  1.825   1.00 12.14  ? 98  THR A OG1 1 
ATOM   633  C  CG2 . THR A 1 110 ? -10.176 10.560  1.020   1.00 11.58  ? 98  THR A CG2 1 
ATOM   634  N  N   . ASN A 1 111 ? -8.976  9.206   -1.760  1.00 9.50   ? 99  ASN A N   1 
ATOM   635  C  CA  . ASN A 1 111 ? -9.641  8.675   -2.929  1.00 12.45  ? 99  ASN A CA  1 
ATOM   636  C  C   . ASN A 1 111 ? -11.096 9.115   -2.973  1.00 16.82  ? 99  ASN A C   1 
ATOM   637  O  O   . ASN A 1 111 ? -11.662 9.561   -1.963  1.00 15.94  ? 99  ASN A O   1 
ATOM   638  C  CB  . ASN A 1 111 ? -9.540  7.138   -2.966  1.00 15.00  ? 99  ASN A CB  1 
ATOM   639  C  CG  . ASN A 1 111 ? -8.124  6.668   -3.310  1.00 12.13  ? 99  ASN A CG  1 
ATOM   640  O  OD1 . ASN A 1 111 ? -7.470  7.293   -4.126  1.00 15.55  ? 99  ASN A OD1 1 
ATOM   641  N  ND2 . ASN A 1 111 ? -7.659  5.613   -2.682  1.00 11.62  ? 99  ASN A ND2 1 
ATOM   642  N  N   . ALA A 1 112 ? -11.661 9.069   -4.168  1.00 18.98  ? 100 ALA A N   1 
ATOM   643  C  CA  . ALA A 1 112 ? -13.102 9.200   -4.335  1.00 23.99  ? 100 ALA A CA  1 
ATOM   644  C  C   . ALA A 1 112 ? -13.794 8.164   -3.480  1.00 24.12  ? 100 ALA A C   1 
ATOM   645  O  O   . ALA A 1 112 ? -13.392 7.013   -3.437  1.00 29.34  ? 100 ALA A O   1 
ATOM   646  C  CB  . ALA A 1 112 ? -13.478 9.007   -5.779  1.00 24.04  ? 100 ALA A CB  1 
ATOM   647  N  N   . GLY A 1 113 ? -14.836 8.543   -2.786  1.00 23.63  ? 101 GLY A N   1 
ATOM   648  C  CA  . GLY A 1 113 ? -15.520 7.516   -2.033  1.00 26.77  ? 101 GLY A CA  1 
ATOM   649  C  C   . GLY A 1 113 ? -15.182 7.630   -0.573  1.00 26.44  ? 101 GLY A C   1 
ATOM   650  O  O   . GLY A 1 113 ? -15.595 6.804   0.218   1.00 32.69  ? 101 GLY A O   1 
ATOM   651  N  N   . GLY A 1 114 ? -14.416 8.654   -0.214  1.00 18.40  ? 102 GLY A N   1 
ATOM   652  C  CA  . GLY A 1 114 ? -14.253 8.972   1.177   1.00 18.62  ? 102 GLY A CA  1 
ATOM   653  C  C   . GLY A 1 114 ? -13.046 8.392   1.858   1.00 18.14  ? 102 GLY A C   1 
ATOM   654  O  O   . GLY A 1 114 ? -12.239 7.663   1.281   1.00 17.08  ? 102 GLY A O   1 
ATOM   655  N  N   . PRO A 1 115 ? -12.901 8.735   3.119   1.00 14.68  ? 103 PRO A N   1 
ATOM   656  C  CA  . PRO A 1 115 ? -11.703 8.356   3.881   1.00 14.41  ? 103 PRO A CA  1 
ATOM   657  C  C   . PRO A 1 115 ? -11.502 6.836   3.903   1.00 18.62  ? 103 PRO A C   1 
ATOM   658  O  O   . PRO A 1 115 ? -10.351 6.383   3.838   1.00 10.55  ? 103 PRO A O   1 
ATOM   659  C  CB  . PRO A 1 115 ? -11.997 8.926   5.284   1.00 17.46  ? 103 PRO A CB  1 
ATOM   660  C  CG  . PRO A 1 115 ? -12.928 10.101  4.990   1.00 22.36  ? 103 PRO A CG  1 
ATOM   661  C  CD  . PRO A 1 115 ? -13.786 9.667   3.851   1.00 19.88  ? 103 PRO A CD  1 
ATOM   662  N  N   . SER A 1 116 ? -12.600 6.074   3.941   1.00 11.83  ? 104 SER A N   1 
ATOM   663  C  CA  . SER A 1 116 ? -12.536 4.609   3.941   1.00 14.05  ? 104 SER A CA  1 
ATOM   664  C  C   . SER A 1 116 ? -11.764 4.075   2.735   1.00 12.56  ? 104 SER A C   1 
ATOM   665  O  O   . SER A 1 116 ? -11.100 3.031   2.821   1.00 14.18  ? 104 SER A O   1 
ATOM   666  C  CB  . SER A 1 116 ? -13.950 4.031   3.942   1.00 11.38  ? 104 SER A CB  1 
ATOM   667  O  OG  . SER A 1 116 ? -14.516 4.094   5.245   1.00 19.12  ? 104 SER A OG  1 
ATOM   668  N  N   . ALA A 1 117 ? -11.846 4.806   1.621   1.00 14.80  ? 105 ALA A N   1 
ATOM   669  C  CA  . ALA A 1 117 ? -11.247 4.356   0.342   1.00 11.25  ? 105 ALA A CA  1 
ATOM   670  C  C   . ALA A 1 117 ? -9.722  4.565   0.217   1.00 10.30  ? 105 ALA A C   1 
ATOM   671  O  O   . ALA A 1 117 ? -9.124  4.248   -0.808  1.00 11.59  ? 105 ALA A O   1 
ATOM   672  C  CB  . ALA A 1 117 ? -11.980 5.067   -0.829  1.00 12.98  ? 105 ALA A CB  1 
ATOM   673  N  N   . GLY A 1 118 ? -9.089  5.084   1.251   1.00 8.42   ? 106 GLY A N   1 
ATOM   674  C  CA  . GLY A 1 118 ? -7.640  5.201   1.257   1.00 8.59   ? 106 GLY A CA  1 
ATOM   675  C  C   . GLY A 1 118 ? -7.147  6.379   0.416   1.00 18.26  ? 106 GLY A C   1 
ATOM   676  O  O   . GLY A 1 118 ? -7.904  7.333   0.114   1.00 11.34  ? 106 GLY A O   1 
ATOM   677  N  N   . LYS A 1 119 ? -5.879  6.280   0.009   1.00 12.06  ? 107 LYS A N   1 
ATOM   678  C  CA  . LYS A 1 119 ? -5.152  7.396   -0.590  1.00 8.39   ? 107 LYS A CA  1 
ATOM   679  C  C   . LYS A 1 119 ? -4.702  7.141   -2.026  1.00 10.09  ? 107 LYS A C   1 
ATOM   680  O  O   . LYS A 1 119 ? -4.651  6.004   -2.453  1.00 11.30  ? 107 LYS A O   1 
ATOM   681  C  CB  . LYS A 1 119 ? -3.923  7.686   0.277   1.00 11.29  ? 107 LYS A CB  1 
ATOM   682  C  CG  . LYS A 1 119 ? -4.202  7.967   1.762   1.00 11.09  ? 107 LYS A CG  1 
ATOM   683  C  CD  . LYS A 1 119 ? -5.051  9.236   1.943   1.00 12.13  ? 107 LYS A CD  1 
ATOM   684  C  CE  . LYS A 1 119 ? -5.107  9.707   3.428   1.00 17.51  ? 107 LYS A CE  1 
ATOM   685  N  NZ  . LYS A 1 119 ? -5.928  8.724   4.267   1.00 24.94  ? 107 LYS A NZ  1 
ATOM   686  N  N   . HIS A 1 120 ? -4.369  8.200   -2.767  1.00 10.84  ? 108 HIS A N   1 
ATOM   687  C  CA  . HIS A 1 120 ? -3.604  8.043   -4.016  1.00 10.43  ? 108 HIS A CA  1 
ATOM   688  C  C   . HIS A 1 120 ? -2.596  9.171   -4.055  1.00 11.54  ? 108 HIS A C   1 
ATOM   689  O  O   . HIS A 1 120 ? -2.738  10.124  -3.328  1.00 13.67  ? 108 HIS A O   1 
ATOM   690  C  CB  . HIS A 1 120 ? -4.469  8.099   -5.277  1.00 14.78  ? 108 HIS A CB  1 
ATOM   691  C  CG  . HIS A 1 120 ? -5.202  9.400   -5.429  1.00 14.15  ? 108 HIS A CG  1 
ATOM   692  N  ND1 . HIS A 1 120 ? -6.438  9.622   -4.877  1.00 18.48  ? 108 HIS A ND1 1 
ATOM   693  C  CD2 . HIS A 1 120 ? -4.855  10.551  -6.056  1.00 18.76  ? 108 HIS A CD2 1 
ATOM   694  C  CE1 . HIS A 1 120 ? -6.829  10.863  -5.149  1.00 19.76  ? 108 HIS A CE1 1 
ATOM   695  N  NE2 . HIS A 1 120 ? -5.887  11.444  -5.866  1.00 17.24  ? 108 HIS A NE2 1 
ATOM   696  N  N   . LEU A 1 121 ? -1.571  9.047   -4.883  1.00 9.30   ? 109 LEU A N   1 
ATOM   697  C  CA  . LEU A 1 121 ? -0.669  10.190  -5.116  1.00 10.07  ? 109 LEU A CA  1 
ATOM   698  C  C   . LEU A 1 121 ? -1.192  11.036  -6.287  1.00 8.56   ? 109 LEU A C   1 
ATOM   699  O  O   . LEU A 1 121 ? -1.447  10.502  -7.396  1.00 14.67  ? 109 LEU A O   1 
ATOM   700  C  CB  . LEU A 1 121 ? 0.758   9.693   -5.433  1.00 10.38  ? 109 LEU A CB  1 
ATOM   701  C  CG  . LEU A 1 121 ? 1.531   9.125   -4.249  1.00 9.56   ? 109 LEU A CG  1 
ATOM   702  C  CD1 . LEU A 1 121 ? 2.609   8.077   -4.694  1.00 10.13  ? 109 LEU A CD1 1 
ATOM   703  C  CD2 . LEU A 1 121 ? 2.137   10.308  -3.320  1.00 13.97  ? 109 LEU A CD2 1 
ATOM   704  N  N   . GLU A 1 122 ? -1.338  12.350  -6.079  1.00 13.97  ? 110 GLU A N   1 
ATOM   705  C  CA  . GLU A 1 122 ? -1.751  13.236  -7.200  1.00 18.95  ? 110 GLU A CA  1 
ATOM   706  C  C   . GLU A 1 122 ? -0.695  13.303  -8.305  1.00 22.97  ? 110 GLU A C   1 
ATOM   707  O  O   . GLU A 1 122 ? -1.009  13.404  -9.496  1.00 17.80  ? 110 GLU A O   1 
ATOM   708  C  CB  . GLU A 1 122 ? -2.022  14.658  -6.720  1.00 13.82  ? 110 GLU A CB  1 
ATOM   709  C  CG  . GLU A 1 122 ? -3.062  14.759  -5.667  1.00 29.94  ? 110 GLU A CG  1 
ATOM   710  C  CD  . GLU A 1 122 ? -4.422  14.970  -6.209  1.00 36.94  ? 110 GLU A CD  1 
ATOM   711  O  OE1 . GLU A 1 122 ? -4.967  14.076  -6.910  1.00 46.03  ? 110 GLU A OE1 1 
ATOM   712  O  OE2 . GLU A 1 122 ? -4.955  16.042  -5.908  1.00 41.45  ? 110 GLU A OE2 1 
ATOM   713  N  N   . LYS A 1 123 ? 0.557   13.251  -7.896  1.00 18.78  ? 111 LYS A N   1 
ATOM   714  C  CA  . LYS A 1 123 ? 1.671   13.276  -8.860  1.00 16.88  ? 111 LYS A CA  1 
ATOM   715  C  C   . LYS A 1 123 ? 2.451   11.995  -8.686  1.00 13.69  ? 111 LYS A C   1 
ATOM   716  O  O   . LYS A 1 123 ? 3.087   11.797  -7.654  1.00 21.09  ? 111 LYS A O   1 
ATOM   717  C  CB  . LYS A 1 123 ? 2.600   14.475  -8.639  1.00 18.26  ? 111 LYS A CB  1 
ATOM   718  C  CG  . LYS A 1 123 ? 1.962   15.843  -8.975  1.00 30.75  ? 111 LYS A CG  1 
ATOM   719  C  CD  . LYS A 1 123 ? 2.774   16.992  -8.344  1.00 43.62  ? 111 LYS A CD  1 
ATOM   720  C  CE  . LYS A 1 123 ? 2.079   18.365  -8.475  1.00 43.19  ? 111 LYS A CE  1 
ATOM   721  N  NZ  . LYS A 1 123 ? 2.592   19.163  -9.624  1.00 52.52  ? 111 LYS A NZ  1 
ATOM   722  N  N   . ILE A 1 124 ? 2.415   11.153  -9.703  1.00 16.37  ? 112 ILE A N   1 
ATOM   723  C  CA  . ILE A 1 124 ? 3.056   9.873   -9.659  1.00 15.00  ? 112 ILE A CA  1 
ATOM   724  C  C   . ILE A 1 124 ? 4.328   9.907   -10.428 1.00 16.98  ? 112 ILE A C   1 
ATOM   725  O  O   . ILE A 1 124 ? 4.278   10.113  -11.629 1.00 17.24  ? 112 ILE A O   1 
ATOM   726  C  CB  . ILE A 1 124 ? 2.164   8.791   -10.257 1.00 14.04  ? 112 ILE A CB  1 
ATOM   727  C  CG1 . ILE A 1 124 ? 0.939   8.629   -9.346  1.00 16.28  ? 112 ILE A CG1 1 
ATOM   728  C  CG2 . ILE A 1 124 ? 2.964   7.496   -10.410 1.00 13.91  ? 112 ILE A CG2 1 
ATOM   729  C  CD1 . ILE A 1 124 ? -0.139  7.665   -9.858  1.00 16.29  ? 112 ILE A CD1 1 
ATOM   730  N  N   . ASP A 1 125 ? 5.465   9.689   -9.771  1.00 12.83  ? 113 ASP A N   1 
ATOM   731  C  CA  . ASP A 1 125 ? 6.731   9.745   -10.507 1.00 12.19  ? 113 ASP A CA  1 
ATOM   732  C  C   . ASP A 1 125 ? 7.120   8.337   -10.981 1.00 17.43  ? 113 ASP A C   1 
ATOM   733  O  O   . ASP A 1 125 ? 7.428   8.131   -12.155 1.00 14.02  ? 113 ASP A O   1 
ATOM   734  C  CB  . ASP A 1 125 ? 7.902   10.326  -9.660  1.00 13.28  ? 113 ASP A CB  1 
ATOM   735  C  CG  . ASP A 1 125 ? 7.649   11.733  -9.130  1.00 16.20  ? 113 ASP A CG  1 
ATOM   736  O  OD1 . ASP A 1 125 ? 6.862   12.507  -9.720  1.00 14.73  ? 113 ASP A OD1 1 
ATOM   737  O  OD2 . ASP A 1 125 ? 8.274   12.050  -8.087  1.00 17.50  ? 113 ASP A OD2 1 
ATOM   738  N  N   . ILE A 1 126 ? 7.160   7.363   -10.059 1.00 15.85  ? 114 ILE A N   1 
ATOM   739  C  CA  . ILE A 1 126 ? 7.667   6.037   -10.406 1.00 8.63   ? 114 ILE A CA  1 
ATOM   740  C  C   . ILE A 1 126 ? 6.804   5.003   -9.687  1.00 11.67  ? 114 ILE A C   1 
ATOM   741  O  O   . ILE A 1 126 ? 6.436   5.212   -8.542  1.00 9.75   ? 114 ILE A O   1 
ATOM   742  C  CB  . ILE A 1 126 ? 9.189   5.876   -10.008 1.00 17.09  ? 114 ILE A CB  1 
ATOM   743  C  CG1 . ILE A 1 126 ? 10.099  6.620   -11.008 1.00 21.01  ? 114 ILE A CG1 1 
ATOM   744  C  CG2 . ILE A 1 126 ? 9.642   4.459   -10.187 1.00 17.34  ? 114 ILE A CG2 1 
ATOM   745  C  CD1 . ILE A 1 126 ? 10.322  7.977   -10.693 1.00 32.13  ? 114 ILE A CD1 1 
ATOM   746  N  N   . THR A 1 127 ? 6.450   3.932   -10.356 1.00 11.62  ? 115 THR A N   1 
ATOM   747  C  CA  . THR A 1 127 ? 5.679   2.839   -9.753  1.00 14.24  ? 115 THR A CA  1 
ATOM   748  C  C   . THR A 1 127 ? 6.411   1.503   -9.992  1.00 12.87  ? 115 THR A C   1 
ATOM   749  O  O   . THR A 1 127 ? 6.754   1.181   -11.162 1.00 13.53  ? 115 THR A O   1 
ATOM   750  C  CB  . THR A 1 127 ? 4.265   2.700   -10.366 1.00 12.00  ? 115 THR A CB  1 
ATOM   751  O  OG1 . THR A 1 127 ? 3.580   3.943   -10.291 1.00 13.87  ? 115 THR A OG1 1 
ATOM   752  C  CG2 . THR A 1 127 ? 3.477   1.561   -9.677  1.00 14.56  ? 115 THR A CG2 1 
ATOM   753  N  N   . PHE A 1 128 ? 6.673   0.759   -8.917  1.00 9.26   ? 116 PHE A N   1 
ATOM   754  C  CA  . PHE A 1 128 ? 7.195   -0.591  -9.023  1.00 10.95  ? 116 PHE A CA  1 
ATOM   755  C  C   . PHE A 1 128 ? 6.074   -1.613  -8.942  1.00 13.84  ? 116 PHE A C   1 
ATOM   756  O  O   . PHE A 1 128 ? 5.407   -1.726  -7.921  1.00 11.49  ? 116 PHE A O   1 
ATOM   757  C  CB  . PHE A 1 128 ? 8.214   -0.895  -7.922  1.00 12.39  ? 116 PHE A CB  1 
ATOM   758  C  CG  . PHE A 1 128 ? 9.419   -0.004  -7.943  1.00 14.07  ? 116 PHE A CG  1 
ATOM   759  C  CD1 . PHE A 1 128 ? 9.361   1.295   -7.433  1.00 10.92  ? 116 PHE A CD1 1 
ATOM   760  C  CD2 . PHE A 1 128 ? 10.631  -0.479  -8.468  1.00 15.52  ? 116 PHE A CD2 1 
ATOM   761  C  CE1 . PHE A 1 128 ? 10.477  2.135   -7.455  1.00 12.82  ? 116 PHE A CE1 1 
ATOM   762  C  CE2 . PHE A 1 128 ? 11.768  0.352   -8.504  1.00 17.66  ? 116 PHE A CE2 1 
ATOM   763  C  CZ  . PHE A 1 128 ? 11.688  1.665   -7.995  1.00 15.85  ? 116 PHE A CZ  1 
ATOM   764  N  N   . ASN A 1 129 ? 5.883   -2.356  -10.011 1.00 12.13  ? 117 ASN A N   1 
ATOM   765  C  CA  . ASN A 1 129 ? 4.806   -3.369  -10.079 1.00 8.97   ? 117 ASN A CA  1 
ATOM   766  C  C   . ASN A 1 129 ? 5.373   -4.759  -9.875  1.00 13.89  ? 117 ASN A C   1 
ATOM   767  O  O   . ASN A 1 129 ? 6.463   -5.052  -10.385 1.00 10.48  ? 117 ASN A O   1 
ATOM   768  C  CB  . ASN A 1 129 ? 4.077   -3.270  -11.426 1.00 15.28  ? 117 ASN A CB  1 
ATOM   769  C  CG  . ASN A 1 129 ? 3.389   -1.964  -11.599 1.00 14.74  ? 117 ASN A CG  1 
ATOM   770  O  OD1 . ASN A 1 129 ? 2.651   -1.525  -10.710 1.00 14.09  ? 117 ASN A OD1 1 
ATOM   771  N  ND2 . ASN A 1 129 ? 3.615   -1.290  -12.731 1.00 12.28  ? 117 ASN A ND2 1 
ATOM   772  N  N   . GLU A 1 130 ? 4.660   -5.621  -9.142  1.00 11.78  ? 118 GLU A N   1 
ATOM   773  C  CA  . GLU A 1 130 ? 5.148   -6.973  -8.835  1.00 13.27  ? 118 GLU A CA  1 
ATOM   774  C  C   . GLU A 1 130 ? 6.549   -6.951  -8.251  1.00 17.78  ? 118 GLU A C   1 
ATOM   775  O  O   . GLU A 1 130 ? 7.465   -7.659  -8.693  1.00 16.09  ? 118 GLU A O   1 
ATOM   776  C  CB  . GLU A 1 130 ? 5.147   -7.871  -10.089 1.00 23.69  ? 118 GLU A CB  1 
ATOM   777  C  CG  . GLU A 1 130 ? 3.806   -7.924  -10.747 1.00 20.81  ? 118 GLU A CG  1 
ATOM   778  C  CD  . GLU A 1 130 ? 2.824   -8.769  -9.962  1.00 24.74  ? 118 GLU A CD  1 
ATOM   779  O  OE1 . GLU A 1 130 ? 1.613   -8.680  -10.248 1.00 37.11  ? 118 GLU A OE1 1 
ATOM   780  O  OE2 . GLU A 1 130 ? 3.251   -9.507  -9.043  1.00 32.95  ? 118 GLU A OE2 1 
ATOM   781  N  N   . LEU A 1 131 ? 6.707   -6.120  -7.246  1.00 13.95  ? 119 LEU A N   1 
ATOM   782  C  CA  . LEU A 1 131 ? 7.934   -6.048  -6.474  1.00 10.57  ? 119 LEU A CA  1 
ATOM   783  C  C   . LEU A 1 131 ? 7.631   -6.667  -5.141  1.00 18.68  ? 119 LEU A C   1 
ATOM   784  O  O   . LEU A 1 131 ? 7.081   -5.993  -4.291  1.00 17.11  ? 119 LEU A O   1 
ATOM   785  C  CB  . LEU A 1 131 ? 8.361   -4.576  -6.277  1.00 14.83  ? 119 LEU A CB  1 
ATOM   786  C  CG  . LEU A 1 131 ? 9.520   -4.371  -5.303  1.00 19.07  ? 119 LEU A CG  1 
ATOM   787  C  CD1 . LEU A 1 131 ? 10.743  -5.222  -5.704  1.00 19.45  ? 119 LEU A CD1 1 
ATOM   788  C  CD2 . LEU A 1 131 ? 9.891   -2.858  -5.157  1.00 16.73  ? 119 LEU A CD2 1 
ATOM   789  N  N   . ASP A 1 132 ? 7.967   -7.924  -4.946  1.00 18.28  ? 120 ASP A N   1 
ATOM   790  C  CA  . ASP A 1 132 ? 7.540   -8.648  -3.734  1.00 20.63  ? 120 ASP A CA  1 
ATOM   791  C  C   . ASP A 1 132 ? 8.376   -8.299  -2.512  1.00 22.33  ? 120 ASP A C   1 
ATOM   792  O  O   . ASP A 1 132 ? 9.481   -8.797  -2.368  1.00 25.09  ? 120 ASP A O   1 
ATOM   793  C  CB  . ASP A 1 132 ? 7.617   -10.155 -3.986  1.00 32.60  ? 120 ASP A CB  1 
ATOM   794  C  CG  . ASP A 1 132 ? 7.016   -10.978 -2.859  1.00 40.35  ? 120 ASP A CG  1 
ATOM   795  O  OD1 . ASP A 1 132 ? 6.547   -10.391 -1.862  1.00 32.38  ? 120 ASP A OD1 1 
ATOM   796  O  OD2 . ASP A 1 132 ? 7.017   -12.226 -2.978  1.00 44.54  ? 120 ASP A OD2 1 
ATOM   797  N  N   . LEU A 1 133 ? 7.845   -7.460  -1.623  1.00 18.08  ? 121 LEU A N   1 
ATOM   798  C  CA  . LEU A 1 133 ? 8.587   -7.028  -0.459  1.00 23.97  ? 121 LEU A CA  1 
ATOM   799  C  C   . LEU A 1 133 ? 8.212   -7.799  0.802   1.00 27.17  ? 121 LEU A C   1 
ATOM   800  O  O   . LEU A 1 133 ? 8.677   -7.462  1.891   1.00 30.92  ? 121 LEU A O   1 
ATOM   801  C  CB  . LEU A 1 133 ? 8.371   -5.534  -0.229  1.00 23.44  ? 121 LEU A CB  1 
ATOM   802  C  CG  . LEU A 1 133 ? 8.857   -4.675  -1.396  1.00 24.86  ? 121 LEU A CG  1 
ATOM   803  C  CD1 . LEU A 1 133 ? 8.533   -3.179  -1.156  1.00 27.08  ? 121 LEU A CD1 1 
ATOM   804  C  CD2 . LEU A 1 133 ? 10.343  -4.898  -1.548  1.00 23.54  ? 121 LEU A CD2 1 
ATOM   805  N  N   . SER A 1 134 ? 7.386   -8.832  0.669   1.00 26.78  ? 122 SER A N   1 
ATOM   806  C  CA  . SER A 1 134 ? 6.925   -9.577  1.852   1.00 28.07  ? 122 SER A CA  1 
ATOM   807  C  C   . SER A 1 134 ? 8.075   -10.118 2.714   1.00 43.13  ? 122 SER A C   1 
ATOM   808  O  O   . SER A 1 134 ? 7.975   -10.140 3.933   1.00 33.05  ? 122 SER A O   1 
ATOM   809  C  CB  . SER A 1 134 ? 6.019   -10.741 1.443   1.00 32.37  ? 122 SER A CB  1 
ATOM   810  O  OG  . SER A 1 134 ? 6.749   -11.762 0.770   1.00 28.95  ? 122 SER A OG  1 
ATOM   811  N  N   . GLY A 1 135 ? 9.165   -10.541 2.077   1.00 36.56  ? 123 GLY A N   1 
ATOM   812  C  CA  . GLY A 1 135 ? 10.291  -11.118 2.794   1.00 35.45  ? 123 GLY A CA  1 
ATOM   813  C  C   . GLY A 1 135 ? 11.226  -10.137 3.469   1.00 43.70  ? 123 GLY A C   1 
ATOM   814  O  O   . GLY A 1 135 ? 12.200  -10.542 4.114   1.00 37.00  ? 123 GLY A O   1 
ATOM   815  N  N   . GLU A 1 136 ? 10.924  -8.847  3.330   1.00 30.12  ? 124 GLU A N   1 
ATOM   816  C  CA  . GLU A 1 136 ? 11.714  -7.800  3.973   1.00 42.55  ? 124 GLU A CA  1 
ATOM   817  C  C   . GLU A 1 136 ? 11.015  -7.304  5.255   1.00 42.43  ? 124 GLU A C   1 
ATOM   818  O  O   . GLU A 1 136 ? 11.395  -6.292  5.848   1.00 37.76  ? 124 GLU A O   1 
ATOM   819  C  CB  . GLU A 1 136 ? 11.977  -6.648  2.990   1.00 42.62  ? 124 GLU A CB  1 
ATOM   820  C  CG  . GLU A 1 136 ? 13.109  -6.936  1.971   1.00 38.28  ? 124 GLU A CG  1 
ATOM   821  C  CD  . GLU A 1 136 ? 12.817  -8.107  1.025   1.00 43.32  ? 124 GLU A CD  1 
ATOM   822  O  OE1 . GLU A 1 136 ? 11.709  -8.178  0.432   1.00 43.64  ? 124 GLU A OE1 1 
ATOM   823  O  OE2 . GLU A 1 136 ? 13.707  -8.963  0.866   1.00 52.59  ? 124 GLU A OE2 1 
ATOM   824  N  N   . PHE A 1 137 ? 9.994   -8.046  5.678   1.00 44.97  ? 125 PHE A N   1 
ATOM   825  C  CA  . PHE A 1 137 ? 9.399   -7.888  7.010   1.00 46.51  ? 125 PHE A CA  1 
ATOM   826  C  C   . PHE A 1 137 ? 9.637   -9.145  7.834   1.00 58.15  ? 125 PHE A C   1 
ATOM   827  O  O   . PHE A 1 137 ? 9.514   -10.265 7.316   1.00 55.52  ? 125 PHE A O   1 
ATOM   828  C  CB  . PHE A 1 137 ? 7.901   -7.602  6.920   1.00 42.69  ? 125 PHE A CB  1 
ATOM   829  C  CG  . PHE A 1 137 ? 7.588   -6.335  6.209   1.00 36.43  ? 125 PHE A CG  1 
ATOM   830  C  CD1 . PHE A 1 137 ? 7.594   -5.136  6.884   1.00 35.01  ? 125 PHE A CD1 1 
ATOM   831  C  CD2 . PHE A 1 137 ? 7.320   -6.337  4.853   1.00 36.09  ? 125 PHE A CD2 1 
ATOM   832  C  CE1 . PHE A 1 137 ? 7.321   -3.953  6.218   1.00 31.20  ? 125 PHE A CE1 1 
ATOM   833  C  CE2 . PHE A 1 137 ? 7.049   -5.150  4.183   1.00 44.42  ? 125 PHE A CE2 1 
ATOM   834  C  CZ  . PHE A 1 137 ? 7.043   -3.959  4.876   1.00 34.87  ? 125 PHE A CZ  1 
ATOM   835  N  N   . ASP A 1 138 ? 9.981   -8.941  9.104   1.00 52.13  ? 126 ASP A N   1 
ATOM   836  C  CA  . ASP A 1 138 ? 10.185  -10.023 10.064  1.00 68.91  ? 126 ASP A CA  1 
ATOM   837  C  C   . ASP A 1 138 ? 10.541  -9.477  11.446  1.00 77.76  ? 126 ASP A C   1 
ATOM   838  O  O   . ASP A 1 138 ? 11.703  -9.522  11.863  1.00 82.39  ? 126 ASP A O   1 
ATOM   839  C  CB  . ASP A 1 138 ? 11.287  -10.973 9.595   1.00 75.05  ? 126 ASP A CB  1 
ATOM   840  C  CG  . ASP A 1 138 ? 11.095  -12.379 10.122  1.00 87.60  ? 126 ASP A CG  1 
ATOM   841  O  OD1 . ASP A 1 138 ? 10.384  -13.164 9.457   1.00 85.59  ? 126 ASP A OD1 1 
ATOM   842  O  OD2 . ASP A 1 138 ? 11.640  -12.694 11.206  1.00 90.09  ? 126 ASP A OD2 1 
ATOM   843  N  N   . ASP A 1 150 ? 15.521  -5.262  4.708   1.00 39.72  ? 138 ASP A N   1 
ATOM   844  C  CA  . ASP A 1 150 ? 14.478  -4.944  5.682   1.00 51.27  ? 138 ASP A CA  1 
ATOM   845  C  C   . ASP A 1 150 ? 13.779  -3.622  5.354   1.00 51.74  ? 138 ASP A C   1 
ATOM   846  O  O   . ASP A 1 150 ? 14.418  -2.560  5.234   1.00 45.67  ? 138 ASP A O   1 
ATOM   847  C  CB  . ASP A 1 150 ? 15.054  -4.901  7.098   1.00 58.41  ? 138 ASP A CB  1 
ATOM   848  C  CG  . ASP A 1 150 ? 14.054  -4.371  8.127   1.00 47.35  ? 138 ASP A CG  1 
ATOM   849  O  OD1 . ASP A 1 150 ? 13.906  -3.131  8.214   1.00 39.00  ? 138 ASP A OD1 1 
ATOM   850  O  OD2 . ASP A 1 150 ? 13.442  -5.185  8.860   1.00 48.22  ? 138 ASP A OD2 1 
ATOM   851  N  N   . MET A 1 151 ? 12.457  -3.699  5.236   1.00 39.03  ? 139 MET A N   1 
ATOM   852  C  CA  . MET A 1 151 ? 11.664  -2.581  4.761   1.00 39.50  ? 139 MET A CA  1 
ATOM   853  C  C   . MET A 1 151 ? 11.645  -1.366  5.688   1.00 31.13  ? 139 MET A C   1 
ATOM   854  O  O   . MET A 1 151 ? 11.698  -0.249  5.183   1.00 30.56  ? 139 MET A O   1 
ATOM   855  C  CB  . MET A 1 151 ? 10.232  -3.039  4.481   1.00 41.65  ? 139 MET A CB  1 
ATOM   856  C  CG  . MET A 1 151 ? 9.951   -3.280  3.006   1.00 55.06  ? 139 MET A CG  1 
ATOM   857  S  SD  . MET A 1 151 ? 9.893   -1.743  2.019   1.00 54.91  ? 139 MET A SD  1 
ATOM   858  C  CE  . MET A 1 151 ? 8.155   -1.311  2.083   1.00 47.85  ? 139 MET A CE  1 
ATOM   859  N  N   . HIS A 1 152 ? 11.578  -1.545  7.013   1.00 22.76  ? 140 HIS A N   1 
ATOM   860  C  CA  . HIS A 1 152 ? 11.506  -0.361  7.864   1.00 24.22  ? 140 HIS A CA  1 
ATOM   861  C  C   . HIS A 1 152 ? 12.779  0.423   7.776   1.00 19.96  ? 140 HIS A C   1 
ATOM   862  O  O   . HIS A 1 152 ? 12.735  1.652   7.674   1.00 24.73  ? 140 HIS A O   1 
ATOM   863  C  CB  . HIS A 1 152 ? 11.238  -0.698  9.326   1.00 32.84  ? 140 HIS A CB  1 
ATOM   864  C  CG  . HIS A 1 152 ? 9.822   -1.066  9.598   1.00 27.86  ? 140 HIS A CG  1 
ATOM   865  N  ND1 . HIS A 1 152 ? 9.432   -2.363  9.836   1.00 34.28  ? 140 HIS A ND1 1 
ATOM   866  C  CD2 . HIS A 1 152 ? 8.692   -0.322  9.605   1.00 27.69  ? 140 HIS A CD2 1 
ATOM   867  C  CE1 . HIS A 1 152 ? 8.126   -2.399  10.027  1.00 40.50  ? 140 HIS A CE1 1 
ATOM   868  N  NE2 . HIS A 1 152 ? 7.653   -1.175  9.888   1.00 30.71  ? 140 HIS A NE2 1 
ATOM   869  N  N   . LYS A 1 153 ? 13.916  -0.276  7.763   1.00 23.75  ? 141 LYS A N   1 
ATOM   870  C  CA  . LYS A 1 153 ? 15.191  0.423   7.665   1.00 25.52  ? 141 LYS A CA  1 
ATOM   871  C  C   . LYS A 1 153 ? 15.226  1.200   6.335   1.00 21.69  ? 141 LYS A C   1 
ATOM   872  O  O   . LYS A 1 153 ? 15.694  2.340   6.271   1.00 32.71  ? 141 LYS A O   1 
ATOM   873  C  CB  . LYS A 1 153 ? 16.366  -0.566  7.785   1.00 33.04  ? 141 LYS A CB  1 
ATOM   874  N  N   . SER A 1 154 ? 14.700  0.587   5.285   1.00 22.86  ? 142 SER A N   1 
ATOM   875  C  CA  . SER A 1 154 ? 14.596  1.239   3.977   1.00 23.43  ? 142 SER A CA  1 
ATOM   876  C  C   . SER A 1 154 ? 13.738  2.490   3.956   1.00 21.63  ? 142 SER A C   1 
ATOM   877  O  O   . SER A 1 154 ? 14.169  3.548   3.449   1.00 20.85  ? 142 SER A O   1 
ATOM   878  C  CB  . SER A 1 154 ? 14.049  0.258   2.941   1.00 25.17  ? 142 SER A CB  1 
ATOM   879  O  OG  . SER A 1 154 ? 15.043  -0.695  2.640   1.00 21.65  ? 142 SER A OG  1 
ATOM   880  N  N   . VAL A 1 155 ? 12.528  2.377   4.495   1.00 26.46  ? 143 VAL A N   1 
ATOM   881  C  CA  . VAL A 1 155 ? 11.616  3.526   4.568   1.00 19.74  ? 143 VAL A CA  1 
ATOM   882  C  C   . VAL A 1 155 ? 12.162  4.616   5.490   1.00 23.59  ? 143 VAL A C   1 
ATOM   883  O  O   . VAL A 1 155 ? 12.170  5.792   5.120   1.00 24.55  ? 143 VAL A O   1 
ATOM   884  C  CB  . VAL A 1 155 ? 10.236  3.089   5.041   1.00 21.65  ? 143 VAL A CB  1 
ATOM   885  C  CG1 . VAL A 1 155 ? 9.271   4.288   5.073   1.00 27.78  ? 143 VAL A CG1 1 
ATOM   886  C  CG2 . VAL A 1 155 ? 9.694   1.996   4.132   1.00 20.71  ? 143 VAL A CG2 1 
ATOM   887  N  N   . ARG A 1 156 ? 12.640  4.243   6.675   1.00 18.75  ? 144 ARG A N   1 
ATOM   888  C  CA  . ARG A 1 156 ? 13.224  5.244   7.549   1.00 18.76  ? 144 ARG A CA  1 
ATOM   889  C  C   . ARG A 1 156 ? 14.439  5.909   6.912   1.00 20.33  ? 144 ARG A C   1 
ATOM   890  O  O   . ARG A 1 156 ? 14.633  7.123   7.065   1.00 25.28  ? 144 ARG A O   1 
ATOM   891  C  CB  . ARG A 1 156 ? 13.597  4.628   8.906   1.00 34.41  ? 144 ARG A CB  1 
ATOM   892  C  CG  . ARG A 1 156 ? 14.361  5.610   9.832   1.00 43.34  ? 144 ARG A CG  1 
ATOM   893  C  CD  . ARG A 1 156 ? 14.310  5.231   11.326  1.00 63.00  ? 144 ARG A CD  1 
ATOM   894  N  NE  . ARG A 1 156 ? 13.759  6.313   12.147  1.00 67.45  ? 144 ARG A NE  1 
ATOM   895  C  CZ  . ARG A 1 156 ? 12.538  6.311   12.681  1.00 71.24  ? 144 ARG A CZ  1 
ATOM   896  N  NH1 . ARG A 1 156 ? 11.728  5.268   12.503  1.00 71.97  ? 144 ARG A NH1 1 
ATOM   897  N  NH2 . ARG A 1 156 ? 12.127  7.350   13.402  1.00 72.56  ? 144 ARG A NH2 1 
ATOM   898  N  N   . GLY A 1 157 ? 15.222  5.138   6.151   1.00 22.10  ? 145 GLY A N   1 
ATOM   899  C  CA  . GLY A 1 157 ? 16.406  5.687   5.510   1.00 21.48  ? 145 GLY A CA  1 
ATOM   900  C  C   . GLY A 1 157 ? 15.966  6.771   4.571   1.00 11.84  ? 145 GLY A C   1 
ATOM   901  O  O   . GLY A 1 157 ? 16.482  7.912   4.524   1.00 18.01  ? 145 GLY A O   1 
ATOM   902  N  N   . LEU A 1 158 ? 14.938  6.426   3.808   1.00 19.37  ? 146 LEU A N   1 
ATOM   903  C  CA  . LEU A 1 158 ? 14.446  7.317   2.795   1.00 21.42  ? 146 LEU A CA  1 
ATOM   904  C  C   . LEU A 1 158 ? 14.061  8.676   3.391   1.00 23.91  ? 146 LEU A C   1 
ATOM   905  O  O   . LEU A 1 158 ? 14.363  9.745   2.860   1.00 25.42  ? 146 LEU A O   1 
ATOM   906  C  CB  . LEU A 1 158 ? 13.250  6.659   2.087   1.00 20.51  ? 146 LEU A CB  1 
ATOM   907  C  CG  . LEU A 1 158 ? 13.617  5.705   0.947   1.00 24.67  ? 146 LEU A CG  1 
ATOM   908  C  CD1 . LEU A 1 158 ? 12.361  5.100   0.344   1.00 25.53  ? 146 LEU A CD1 1 
ATOM   909  C  CD2 . LEU A 1 158 ? 14.393  6.420   -0.118  1.00 19.27  ? 146 LEU A CD2 1 
ATOM   910  N  N   . MET A 1 159 ? 13.406  8.615   4.530   1.00 21.95  ? 147 MET A N   1 
ATOM   911  C  CA  . MET A 1 159 ? 12.910  9.807   5.190   1.00 22.62  ? 147 MET A CA  1 
ATOM   912  C  C   . MET A 1 159 ? 14.020  10.689  5.719   1.00 29.52  ? 147 MET A C   1 
ATOM   913  O  O   . MET A 1 159 ? 13.816  11.897  5.920   1.00 27.91  ? 147 MET A O   1 
ATOM   914  C  CB  . MET A 1 159 ? 11.966  9.389   6.314   1.00 20.24  ? 147 MET A CB  1 
ATOM   915  C  CG  . MET A 1 159 ? 10.817  8.595   5.742   1.00 35.02  ? 147 MET A CG  1 
ATOM   916  S  SD  . MET A 1 159 ? 9.751   7.888   6.979   1.00 36.55  ? 147 MET A SD  1 
ATOM   917  C  CE  . MET A 1 159 ? 9.202   9.415   7.728   1.00 41.43  ? 147 MET A CE  1 
ATOM   918  N  N   . LYS A 1 160 ? 15.205  10.105  5.919   1.00 29.53  ? 148 LYS A N   1 
ATOM   919  C  CA  . LYS A 1 160 ? 16.311  10.903  6.432   1.00 25.64  ? 148 LYS A CA  1 
ATOM   920  C  C   . LYS A 1 160 ? 17.391  11.103  5.359   1.00 25.90  ? 148 LYS A C   1 
ATOM   921  O  O   . LYS A 1 160 ? 18.560  11.385  5.643   1.00 22.58  ? 148 LYS A O   1 
ATOM   922  C  CB  . LYS A 1 160 ? 16.867  10.281  7.702   1.00 24.97  ? 148 LYS A CB  1 
ATOM   923  C  CG  . LYS A 1 160 ? 17.207  8.849   7.580   1.00 29.38  ? 148 LYS A CG  1 
ATOM   924  C  CD  . LYS A 1 160 ? 17.019  8.150   8.898   1.00 36.58  ? 148 LYS A CD  1 
ATOM   925  C  CE  . LYS A 1 160 ? 18.114  8.548   9.825   1.00 38.01  ? 148 LYS A CE  1 
ATOM   926  N  NZ  . LYS A 1 160 ? 18.459  7.405   10.698  1.00 53.26  ? 148 LYS A NZ  1 
ATOM   927  N  N   . GLY A 1 161 ? 16.973  11.040  4.102   1.00 23.81  ? 149 GLY A N   1 
ATOM   928  C  CA  . GLY A 1 161 ? 17.889  11.390  3.033   1.00 19.57  ? 149 GLY A CA  1 
ATOM   929  C  C   . GLY A 1 161 ? 18.770  10.248  2.574   1.00 20.84  ? 149 GLY A C   1 
ATOM   930  O  O   . GLY A 1 161 ? 19.750  10.492  1.870   1.00 23.50  ? 149 GLY A O   1 
ATOM   931  N  N   . ASN A 1 162 ? 18.435  9.029   2.980   1.00 19.16  ? 150 ASN A N   1 
ATOM   932  C  CA  . ASN A 1 162 ? 19.277  7.866   2.685   1.00 17.89  ? 150 ASN A CA  1 
ATOM   933  C  C   . ASN A 1 162 ? 18.558  6.742   1.931   1.00 16.53  ? 150 ASN A C   1 
ATOM   934  O  O   . ASN A 1 162 ? 17.853  5.952   2.563   1.00 15.75  ? 150 ASN A O   1 
ATOM   935  C  CB  . ASN A 1 162 ? 19.843  7.274   3.968   1.00 16.03  ? 150 ASN A CB  1 
ATOM   936  C  CG  . ASN A 1 162 ? 20.921  6.247   3.710   1.00 23.48  ? 150 ASN A CG  1 
ATOM   937  O  OD1 . ASN A 1 162 ? 21.153  5.849   2.554   1.00 15.14  ? 150 ASN A OD1 1 
ATOM   938  N  ND2 . ASN A 1 162 ? 21.630  5.828   4.784   1.00 13.54  ? 150 ASN A ND2 1 
ATOM   939  N  N   . PRO A 1 163 ? 18.797  6.626   0.609   1.00 17.12  ? 151 PRO A N   1 
ATOM   940  C  CA  . PRO A 1 163 ? 18.173  5.570   -0.219  1.00 14.50  ? 151 PRO A CA  1 
ATOM   941  C  C   . PRO A 1 163 ? 18.884  4.222   -0.166  1.00 14.11  ? 151 PRO A C   1 
ATOM   942  O  O   . PRO A 1 163 ? 18.412  3.248   -0.747  1.00 14.31  ? 151 PRO A O   1 
ATOM   943  C  CB  . PRO A 1 163 ? 18.295  6.151   -1.636  1.00 12.94  ? 151 PRO A CB  1 
ATOM   944  C  CG  . PRO A 1 163 ? 19.675  6.832   -1.577  1.00 15.97  ? 151 PRO A CG  1 
ATOM   945  C  CD  . PRO A 1 163 ? 19.626  7.540   -0.204  1.00 15.99  ? 151 PRO A CD  1 
ATOM   946  N  N   . ASP A 1 164 ? 20.011  4.151   0.548   1.00 11.70  ? 152 ASP A N   1 
ATOM   947  C  CA  . ASP A 1 164 ? 20.911  3.023   0.377   1.00 14.95  ? 152 ASP A CA  1 
ATOM   948  C  C   . ASP A 1 164 ? 20.248  1.691   0.753   1.00 12.43  ? 152 ASP A C   1 
ATOM   949  O  O   . ASP A 1 164 ? 20.324  0.723   -0.017  1.00 13.42  ? 152 ASP A O   1 
ATOM   950  C  CB  . ASP A 1 164 ? 22.224  3.222   1.177   1.00 16.16  ? 152 ASP A CB  1 
ATOM   951  C  CG  . ASP A 1 164 ? 23.132  4.319   0.588   1.00 15.78  ? 152 ASP A CG  1 
ATOM   952  O  OD1 . ASP A 1 164 ? 22.870  4.773   -0.545  1.00 14.11  ? 152 ASP A OD1 1 
ATOM   953  O  OD2 . ASP A 1 164 ? 24.130  4.733   1.267   1.00 15.61  ? 152 ASP A OD2 1 
ATOM   954  N  N   . PRO A 1 165 ? 19.597  1.616   1.923   1.00 14.18  ? 153 PRO A N   1 
ATOM   955  C  CA  . PRO A 1 165 ? 18.966  0.323   2.254   1.00 15.27  ? 153 PRO A CA  1 
ATOM   956  C  C   . PRO A 1 165 ? 17.824  -0.081  1.273   1.00 9.84   ? 153 PRO A C   1 
ATOM   957  O  O   . PRO A 1 165 ? 17.689  -1.261  0.944   1.00 14.78  ? 153 PRO A O   1 
ATOM   958  C  CB  . PRO A 1 165 ? 18.409  0.546   3.662   1.00 17.75  ? 153 PRO A CB  1 
ATOM   959  C  CG  . PRO A 1 165 ? 18.989  1.811   4.157   1.00 18.45  ? 153 PRO A CG  1 
ATOM   960  C  CD  . PRO A 1 165 ? 19.533  2.590   3.036   1.00 13.29  ? 153 PRO A CD  1 
ATOM   961  N  N   . MET A 1 166 ? 17.037  0.877   0.796   1.00 14.66  ? 154 MET A N   1 
ATOM   962  C  CA  . MET A 1 166 ? 16.013  0.589   -0.233  1.00 15.74  ? 154 MET A CA  1 
ATOM   963  C  C   . MET A 1 166 ? 16.664  0.043   -1.531  1.00 15.32  ? 154 MET A C   1 
ATOM   964  O  O   . MET A 1 166 ? 16.260  -0.997  -2.068  1.00 18.18  ? 154 MET A O   1 
ATOM   965  C  CB  . MET A 1 166 ? 15.168  1.835   -0.528  1.00 17.00  ? 154 MET A CB  1 
ATOM   966  C  CG  . MET A 1 166 ? 13.998  1.544   -1.495  1.00 21.63  ? 154 MET A CG  1 
ATOM   967  S  SD  . MET A 1 166 ? 12.807  0.341   -0.822  1.00 25.63  ? 154 MET A SD  1 
ATOM   968  C  CE  . MET A 1 166 ? 11.892  1.435   0.226   1.00 33.22  ? 154 MET A CE  1 
ATOM   969  N  N   . LEU A 1 167 ? 17.735  0.695   -1.955  1.00 10.80  ? 155 LEU A N   1 
ATOM   970  C  CA  . LEU A 1 167 ? 18.491  0.287   -3.117  1.00 11.04  ? 155 LEU A CA  1 
ATOM   971  C  C   . LEU A 1 167 ? 19.054  -1.114  -2.920  1.00 14.09  ? 155 LEU A C   1 
ATOM   972  O  O   . LEU A 1 167 ? 19.038  -1.895  -3.843  1.00 14.13  ? 155 LEU A O   1 
ATOM   973  C  CB  . LEU A 1 167 ? 19.590  1.329   -3.409  1.00 12.29  ? 155 LEU A CB  1 
ATOM   974  C  CG  . LEU A 1 167 ? 19.034  2.638   -3.905  1.00 13.44  ? 155 LEU A CG  1 
ATOM   975  C  CD1 . LEU A 1 167 ? 20.068  3.744   -3.936  1.00 15.31  ? 155 LEU A CD1 1 
ATOM   976  C  CD2 . LEU A 1 167 ? 18.312  2.514   -5.266  1.00 11.98  ? 155 LEU A CD2 1 
ATOM   977  N  N   . GLU A 1 168 ? 19.512  -1.479  -1.714  1.00 14.40  ? 156 GLU A N   1 
ATOM   978  C  CA  . GLU A 1 168 ? 20.025  -2.850  -1.512  1.00 15.19  ? 156 GLU A CA  1 
ATOM   979  C  C   . GLU A 1 168 ? 18.918  -3.899  -1.607  1.00 17.48  ? 156 GLU A C   1 
ATOM   980  O  O   . GLU A 1 168 ? 19.143  -5.004  -2.078  1.00 13.91  ? 156 GLU A O   1 
ATOM   981  C  CB  . GLU A 1 168 ? 20.742  -2.995  -0.167  1.00 16.51  ? 156 GLU A CB  1 
ATOM   982  C  CG  . GLU A 1 168 ? 22.057  -2.189  -0.089  1.00 13.47  ? 156 GLU A CG  1 
ATOM   983  C  CD  . GLU A 1 168 ? 23.104  -2.652  -1.155  1.00 13.45  ? 156 GLU A CD  1 
ATOM   984  O  OE1 . GLU A 1 168 ? 23.195  -3.860  -1.447  1.00 16.52  ? 156 GLU A OE1 1 
ATOM   985  O  OE2 . GLU A 1 168 ? 23.818  -1.784  -1.651  1.00 17.79  ? 156 GLU A OE2 1 
ATOM   986  N  N   . VAL A 1 169 ? 17.735  -3.554  -1.141  1.00 14.79  ? 157 VAL A N   1 
ATOM   987  C  CA  . VAL A 1 169 ? 16.611  -4.480  -1.257  1.00 19.09  ? 157 VAL A CA  1 
ATOM   988  C  C   . VAL A 1 169 ? 16.323  -4.683  -2.748  1.00 15.00  ? 157 VAL A C   1 
ATOM   989  O  O   . VAL A 1 169 ? 16.148  -5.795  -3.191  1.00 18.43  ? 157 VAL A O   1 
ATOM   990  C  CB  . VAL A 1 169 ? 15.384  -3.951  -0.500  1.00 20.94  ? 157 VAL A CB  1 
ATOM   991  C  CG1 . VAL A 1 169 ? 14.064  -4.519  -1.068  1.00 21.84  ? 157 VAL A CG1 1 
ATOM   992  C  CG2 . VAL A 1 169 ? 15.508  -4.314  0.975   1.00 26.67  ? 157 VAL A CG2 1 
ATOM   993  N  N   . MET A 1 170 ? 16.304  -3.599  -3.516  1.00 16.00  ? 158 MET A N   1 
ATOM   994  C  CA  . MET A 1 170 ? 15.994  -3.690  -4.938  1.00 16.07  ? 158 MET A CA  1 
ATOM   995  C  C   . MET A 1 170 ? 17.066  -4.478  -5.669  1.00 17.36  ? 158 MET A C   1 
ATOM   996  O  O   . MET A 1 170 ? 16.768  -5.350  -6.496  1.00 18.11  ? 158 MET A O   1 
ATOM   997  C  CB  . MET A 1 170 ? 15.815  -2.301  -5.541  1.00 13.21  ? 158 MET A CB  1 
ATOM   998  C  CG  . MET A 1 170 ? 14.502  -1.726  -5.065  1.00 14.97  ? 158 MET A CG  1 
ATOM   999  S  SD  . MET A 1 170 ? 14.323  -0.081  -5.566  1.00 19.63  ? 158 MET A SD  1 
ATOM   1000 C  CE  . MET A 1 170 ? 12.638  0.176   -4.912  1.00 18.84  ? 158 MET A CE  1 
ATOM   1001 N  N   . LYS A 1 171 ? 18.319  -4.227  -5.330  1.00 17.40  ? 159 LYS A N   1 
ATOM   1002 C  CA  . LYS A 1 171 ? 19.417  -4.938  -5.994  1.00 14.17  ? 159 LYS A CA  1 
ATOM   1003 C  C   . LYS A 1 171 ? 19.378  -6.418  -5.723  1.00 21.84  ? 159 LYS A C   1 
ATOM   1004 O  O   . LYS A 1 171 ? 19.629  -7.222  -6.632  1.00 23.60  ? 159 LYS A O   1 
ATOM   1005 C  CB  . LYS A 1 171 ? 20.778  -4.359  -5.566  1.00 14.72  ? 159 LYS A CB  1 
ATOM   1006 C  CG  . LYS A 1 171 ? 21.053  -3.034  -6.245  1.00 18.09  ? 159 LYS A CG  1 
ATOM   1007 C  CD  . LYS A 1 171 ? 22.476  -2.566  -6.005  1.00 26.10  ? 159 LYS A CD  1 
ATOM   1008 C  CE  . LYS A 1 171 ? 22.678  -2.145  -4.580  1.00 27.85  ? 159 LYS A CE  1 
ATOM   1009 N  NZ  . LYS A 1 171 ? 24.074  -1.594  -4.412  1.00 31.28  ? 159 LYS A NZ  1 
ATOM   1010 N  N   . ALA A 1 172 ? 19.014  -6.788  -4.499  1.00 18.18  ? 160 ALA A N   1 
ATOM   1011 C  CA  . ALA A 1 172 ? 18.951  -8.190  -4.145  1.00 21.29  ? 160 ALA A CA  1 
ATOM   1012 C  C   . ALA A 1 172 ? 17.829  -8.926  -4.895  1.00 26.13  ? 160 ALA A C   1 
ATOM   1013 O  O   . ALA A 1 172 ? 17.851  -10.133 -4.976  1.00 22.18  ? 160 ALA A O   1 
ATOM   1014 C  CB  . ALA A 1 172 ? 18.790  -8.353  -2.635  1.00 25.81  ? 160 ALA A CB  1 
ATOM   1015 N  N   . LYS A 1 173 ? 16.869  -8.203  -5.450  1.00 21.59  ? 161 LYS A N   1 
ATOM   1016 C  CA  . LYS A 1 173 ? 15.853  -8.822  -6.311  1.00 28.68  ? 161 LYS A CA  1 
ATOM   1017 C  C   . LYS A 1 173 ? 16.264  -8.885  -7.786  1.00 27.19  ? 161 LYS A C   1 
ATOM   1018 O  O   . LYS A 1 173 ? 15.521  -9.385  -8.632  1.00 33.42  ? 161 LYS A O   1 
ATOM   1019 C  CB  . LYS A 1 173 ? 14.531  -8.077  -6.164  1.00 20.48  ? 161 LYS A CB  1 
ATOM   1020 C  CG  . LYS A 1 173 ? 13.771  -8.601  -4.998  1.00 31.57  ? 161 LYS A CG  1 
ATOM   1021 C  CD  . LYS A 1 173 ? 13.066  -7.541  -4.222  1.00 31.36  ? 161 LYS A CD  1 
ATOM   1022 C  CE  . LYS A 1 173 ? 12.511  -8.165  -2.943  1.00 32.14  ? 161 LYS A CE  1 
ATOM   1023 N  NZ  . LYS A 1 173 ? 12.328  -9.650  -3.016  1.00 46.00  ? 161 LYS A NZ  1 
ATOM   1024 N  N   . GLY A 1 174 ? 17.438  -8.370  -8.106  1.00 25.57  ? 162 GLY A N   1 
ATOM   1025 C  CA  . GLY A 1 174 ? 17.918  -8.432  -9.472  1.00 29.69  ? 162 GLY A CA  1 
ATOM   1026 C  C   . GLY A 1 174 ? 17.620  -7.172  -10.246 1.00 31.28  ? 162 GLY A C   1 
ATOM   1027 O  O   . GLY A 1 174 ? 17.851  -7.077  -11.446 1.00 29.82  ? 162 GLY A O   1 
ATOM   1028 N  N   . ILE A 1 175 ? 17.108  -6.171  -9.557  1.00 19.63  ? 163 ILE A N   1 
ATOM   1029 C  CA  . ILE A 1 175 ? 16.846  -4.922  -10.236 1.00 11.99  ? 163 ILE A CA  1 
ATOM   1030 C  C   . ILE A 1 175 ? 18.143  -4.088  -10.353 1.00 19.47  ? 163 ILE A C   1 
ATOM   1031 O  O   . ILE A 1 175 ? 18.899  -3.904  -9.375  1.00 18.62  ? 163 ILE A O   1 
ATOM   1032 C  CB  . ILE A 1 175 ? 15.768  -4.116  -9.504  1.00 15.37  ? 163 ILE A CB  1 
ATOM   1033 C  CG1 . ILE A 1 175 ? 14.468  -4.954  -9.390  1.00 16.98  ? 163 ILE A CG1 1 
ATOM   1034 C  CG2 . ILE A 1 175 ? 15.525  -2.811  -10.204 1.00 15.57  ? 163 ILE A CG2 1 
ATOM   1035 C  CD1 . ILE A 1 175 ? 13.493  -4.411  -8.407  1.00 14.58  ? 163 ILE A CD1 1 
ATOM   1036 N  N   . ASN A 1 176 ? 18.366  -3.589  -11.551 1.00 18.54  ? 164 ASN A N   1 
ATOM   1037 C  CA  . ASN A 1 176 ? 19.491  -2.723  -11.836 1.00 21.00  ? 164 ASN A CA  1 
ATOM   1038 C  C   . ASN A 1 176 ? 19.157  -1.299  -11.474 1.00 15.49  ? 164 ASN A C   1 
ATOM   1039 O  O   . ASN A 1 176 ? 18.321  -0.659  -12.141 1.00 18.94  ? 164 ASN A O   1 
ATOM   1040 C  CB  . ASN A 1 176 ? 19.859  -2.820  -13.309 1.00 16.55  ? 164 ASN A CB  1 
ATOM   1041 C  CG  . ASN A 1 176 ? 21.144  -2.066  -13.636 1.00 21.37  ? 164 ASN A CG  1 
ATOM   1042 O  OD1 . ASN A 1 176 ? 21.278  -0.877  -13.372 1.00 17.51  ? 164 ASN A OD1 1 
ATOM   1043 N  ND2 . ASN A 1 176 ? 22.104  -2.778  -14.191 1.00 30.67  ? 164 ASN A ND2 1 
ATOM   1044 N  N   . VAL A 1 177 ? 19.802  -0.770  -10.426 1.00 12.24  ? 165 VAL A N   1 
ATOM   1045 C  CA  . VAL A 1 177 ? 19.438  0.562   -9.973  1.00 13.48  ? 165 VAL A CA  1 
ATOM   1046 C  C   . VAL A 1 177 ? 20.319  1.684   -10.521 1.00 16.84  ? 165 VAL A C   1 
ATOM   1047 O  O   . VAL A 1 177 ? 20.126  2.836   -10.138 1.00 13.96  ? 165 VAL A O   1 
ATOM   1048 C  CB  . VAL A 1 177 ? 19.442  0.644   -8.428  1.00 14.97  ? 165 VAL A CB  1 
ATOM   1049 C  CG1 . VAL A 1 177 ? 18.561  -0.452  -7.891  1.00 11.50  ? 165 VAL A CG1 1 
ATOM   1050 C  CG2 . VAL A 1 177 ? 20.873  0.454   -7.860  1.00 12.62  ? 165 VAL A CG2 1 
ATOM   1051 N  N   . ASP A 1 178 ? 21.314  1.341   -11.355 1.00 15.06  ? 166 ASP A N   1 
ATOM   1052 C  CA  . ASP A 1 178 ? 22.252  2.338   -11.936 1.00 17.57  ? 166 ASP A CA  1 
ATOM   1053 C  C   . ASP A 1 178 ? 22.101  2.574   -13.452 1.00 23.87  ? 166 ASP A C   1 
ATOM   1054 O  O   . ASP A 1 178 ? 23.066  2.958   -14.126 1.00 17.21  ? 166 ASP A O   1 
ATOM   1055 C  CB  . ASP A 1 178 ? 23.706  1.894   -11.656 1.00 13.69  ? 166 ASP A CB  1 
ATOM   1056 C  CG  . ASP A 1 178 ? 24.007  1.829   -10.172 1.00 17.98  ? 166 ASP A CG  1 
ATOM   1057 O  OD1 . ASP A 1 178 ? 23.864  2.861   -9.472  1.00 22.53  ? 166 ASP A OD1 1 
ATOM   1058 O  OD2 . ASP A 1 178 ? 24.376  0.735   -9.708  1.00 25.92  ? 166 ASP A OD2 1 
ATOM   1059 N  N   . THR A 1 179 ? 20.907  2.313   -13.974 1.00 18.10  ? 167 THR A N   1 
ATOM   1060 C  CA  . THR A 1 179 ? 20.579  2.449   -15.419 1.00 15.64  ? 167 THR A CA  1 
ATOM   1061 C  C   . THR A 1 179 ? 19.476  3.459   -15.547 1.00 20.22  ? 167 THR A C   1 
ATOM   1062 O  O   . THR A 1 179 ? 18.495  3.407   -14.774 1.00 16.39  ? 167 THR A O   1 
ATOM   1063 C  CB  . THR A 1 179 ? 20.092  1.131   -16.022 1.00 17.49  ? 167 THR A CB  1 
ATOM   1064 O  OG1 . THR A 1 179 ? 21.123  0.157   -15.870 1.00 20.42  ? 167 THR A OG1 1 
ATOM   1065 C  CG2 . THR A 1 179 ? 19.707  1.281   -17.492 1.00 17.00  ? 167 THR A CG2 1 
ATOM   1066 N  N   . ALA A 1 180 ? 19.606  4.401   -16.472 1.00 18.05  ? 168 ALA A N   1 
ATOM   1067 C  CA  . ALA A 1 180 ? 18.531  5.354   -16.651 1.00 14.67  ? 168 ALA A CA  1 
ATOM   1068 C  C   . ALA A 1 180 ? 17.243  4.616   -17.028 1.00 14.46  ? 168 ALA A C   1 
ATOM   1069 O  O   . ALA A 1 180 ? 17.296  3.615   -17.739 1.00 19.25  ? 168 ALA A O   1 
ATOM   1070 C  CB  . ALA A 1 180 ? 18.891  6.408   -17.728 1.00 15.72  ? 168 ALA A CB  1 
ATOM   1071 N  N   . PHE A 1 181 ? 16.112  5.134   -16.544 1.00 15.71  ? 169 PHE A N   1 
ATOM   1072 C  CA  . PHE A 1 181 ? 14.794  4.548   -16.798 1.00 16.56  ? 169 PHE A CA  1 
ATOM   1073 C  C   . PHE A 1 181 ? 14.568  4.337   -18.292 1.00 15.01  ? 169 PHE A C   1 
ATOM   1074 O  O   . PHE A 1 181 ? 14.119  3.273   -18.681 1.00 17.86  ? 169 PHE A O   1 
ATOM   1075 C  CB  . PHE A 1 181 ? 13.675  5.433   -16.190 1.00 16.14  ? 169 PHE A CB  1 
ATOM   1076 C  CG  . PHE A 1 181 ? 13.552  5.294   -14.715 1.00 15.14  ? 169 PHE A CG  1 
ATOM   1077 C  CD1 . PHE A 1 181 ? 13.190  4.051   -14.158 1.00 14.98  ? 169 PHE A CD1 1 
ATOM   1078 C  CD2 . PHE A 1 181 ? 13.882  6.318   -13.878 1.00 17.65  ? 169 PHE A CD2 1 
ATOM   1079 C  CE1 . PHE A 1 181 ? 13.111  3.906   -12.772 1.00 12.01  ? 169 PHE A CE1 1 
ATOM   1080 C  CE2 . PHE A 1 181 ? 13.794  6.165   -12.465 1.00 12.74  ? 169 PHE A CE2 1 
ATOM   1081 C  CZ  . PHE A 1 181 ? 13.420  4.957   -11.947 1.00 13.66  ? 169 PHE A CZ  1 
ATOM   1082 N  N   . LYS A 1 182 ? 14.926  5.320   -19.116 1.00 20.27  ? 170 LYS A N   1 
ATOM   1083 C  CA  . LYS A 1 182 ? 14.807  5.180   -20.577 1.00 19.76  ? 170 LYS A CA  1 
ATOM   1084 C  C   . LYS A 1 182 ? 15.539  3.972   -21.158 1.00 22.53  ? 170 LYS A C   1 
ATOM   1085 O  O   . LYS A 1 182 ? 15.089  3.410   -22.155 1.00 24.52  ? 170 LYS A O   1 
ATOM   1086 C  CB  . LYS A 1 182 ? 15.285  6.471   -21.261 1.00 21.25  ? 170 LYS A CB  1 
ATOM   1087 C  CG  . LYS A 1 182 ? 16.786  6.761   -21.173 1.00 16.02  ? 170 LYS A CG  1 
ATOM   1088 C  CD  . LYS A 1 182 ? 17.039  8.193   -21.594 1.00 21.07  ? 170 LYS A CD  1 
ATOM   1089 C  CE  . LYS A 1 182 ? 18.560  8.466   -21.681 1.00 37.06  ? 170 LYS A CE  1 
ATOM   1090 N  NZ  . LYS A 1 182 ? 18.891  9.926   -21.870 1.00 41.59  ? 170 LYS A NZ  1 
ATOM   1091 N  N   . ASP A 1 183 ? 16.637  3.540   -20.522 1.00 19.53  ? 171 ASP A N   1 
ATOM   1092 C  CA  . ASP A 1 183 ? 17.436  2.401   -20.989 1.00 19.73  ? 171 ASP A CA  1 
ATOM   1093 C  C   . ASP A 1 183 ? 17.178  1.170   -20.185 1.00 18.86  ? 171 ASP A C   1 
ATOM   1094 O  O   . ASP A 1 183 ? 17.595  0.088   -20.526 1.00 18.86  ? 171 ASP A O   1 
ATOM   1095 C  CB  . ASP A 1 183 ? 18.951  2.724   -20.939 1.00 23.43  ? 171 ASP A CB  1 
ATOM   1096 C  CG  . ASP A 1 183 ? 19.294  3.969   -21.735 1.00 24.48  ? 171 ASP A CG  1 
ATOM   1097 O  OD1 . ASP A 1 183 ? 18.718  4.106   -22.825 1.00 24.32  ? 171 ASP A OD1 1 
ATOM   1098 O  OD2 . ASP A 1 183 ? 20.054  4.839   -21.248 1.00 30.18  ? 171 ASP A OD2 1 
ATOM   1099 N  N   . LEU A 1 184 ? 16.448  1.308   -19.100 1.00 18.91  ? 172 LEU A N   1 
ATOM   1100 C  CA  . LEU A 1 184 ? 16.231  0.155   -18.246 1.00 13.27  ? 172 LEU A CA  1 
ATOM   1101 C  C   . LEU A 1 184 ? 15.167  -0.767  -18.831 1.00 17.84  ? 172 LEU A C   1 
ATOM   1102 O  O   . LEU A 1 184 ? 14.044  -0.332  -19.073 1.00 20.49  ? 172 LEU A O   1 
ATOM   1103 C  CB  . LEU A 1 184 ? 15.782  0.637   -16.852 1.00 13.17  ? 172 LEU A CB  1 
ATOM   1104 C  CG  . LEU A 1 184 ? 15.656  -0.390  -15.755 1.00 16.05  ? 172 LEU A CG  1 
ATOM   1105 C  CD1 . LEU A 1 184 ? 16.950  -1.130  -15.391 1.00 15.80  ? 172 LEU A CD1 1 
ATOM   1106 C  CD2 . LEU A 1 184 ? 15.062  0.327   -14.491 1.00 12.48  ? 172 LEU A CD2 1 
ATOM   1107 N  N   . SER A 1 185 ? 15.499  -2.035  -18.988 1.00 20.57  ? 173 SER A N   1 
ATOM   1108 C  CA  . SER A 1 185 ? 14.692  -2.937  -19.796 1.00 18.96  ? 173 SER A CA  1 
ATOM   1109 C  C   . SER A 1 185 ? 13.289  -3.172  -19.200 1.00 24.73  ? 173 SER A C   1 
ATOM   1110 O  O   . SER A 1 185 ? 12.299  -3.276  -19.951 1.00 16.65  ? 173 SER A O   1 
ATOM   1111 C  CB  . SER A 1 185 ? 15.402  -4.259  -19.955 1.00 20.12  ? 173 SER A CB  1 
ATOM   1112 O  OG  . SER A 1 185 ? 14.622  -5.119  -20.777 1.00 29.19  ? 173 SER A OG  1 
ATOM   1113 N  N   . ILE A 1 186 ? 13.215  -3.251  -17.863 1.00 19.90  ? 174 ILE A N   1 
ATOM   1114 C  CA  . ILE A 1 186 ? 11.953  -3.587  -17.176 1.00 17.98  ? 174 ILE A CA  1 
ATOM   1115 C  C   . ILE A 1 186 ? 11.088  -2.330  -16.951 1.00 13.05  ? 174 ILE A C   1 
ATOM   1116 O  O   . ILE A 1 186 ? 9.988   -2.381  -16.372 1.00 13.55  ? 174 ILE A O   1 
ATOM   1117 C  CB  . ILE A 1 186 ? 12.236  -4.290  -15.835 1.00 15.56  ? 174 ILE A CB  1 
ATOM   1118 C  CG1 . ILE A 1 186 ? 13.010  -3.371  -14.869 1.00 13.89  ? 174 ILE A CG1 1 
ATOM   1119 C  CG2 . ILE A 1 186 ? 12.993  -5.596  -16.063 1.00 15.48  ? 174 ILE A CG2 1 
ATOM   1120 C  CD1 . ILE A 1 186 ? 13.032  -3.894  -13.456 1.00 16.74  ? 174 ILE A CD1 1 
ATOM   1121 N  N   . ALA A 1 187 ? 11.589  -1.180  -17.390 1.00 14.17  ? 175 ALA A N   1 
ATOM   1122 C  CA  . ALA A 1 187 ? 10.903  0.067   -17.139 1.00 14.30  ? 175 ALA A CA  1 
ATOM   1123 C  C   . ALA A 1 187 ? 10.161  0.483   -18.388 1.00 20.72  ? 175 ALA A C   1 
ATOM   1124 O  O   . ALA A 1 187 ? 10.620  0.191   -19.487 1.00 19.39  ? 175 ALA A O   1 
ATOM   1125 C  CB  . ALA A 1 187 ? 11.887  1.134   -16.722 1.00 18.26  ? 175 ALA A CB  1 
ATOM   1126 N  N   . SER A 1 188 ? 9.014   1.145   -18.229 1.00 16.00  ? 176 SER A N   1 
ATOM   1127 C  CA  . SER A 1 188 ? 8.344   1.768   -19.336 1.00 15.63  ? 176 SER A CA  1 
ATOM   1128 C  C   . SER A 1 188 ? 7.832   3.144   -18.950 1.00 17.70  ? 176 SER A C   1 
ATOM   1129 O  O   . SER A 1 188 ? 7.540   3.424   -17.776 1.00 15.55  ? 176 SER A O   1 
ATOM   1130 C  CB  . SER A 1 188 ? 7.200   0.879   -19.829 1.00 15.89  ? 176 SER A CB  1 
ATOM   1131 O  OG  . SER A 1 188 ? 6.103   0.902   -18.909 1.00 13.71  ? 176 SER A OG  1 
ATOM   1132 N  N   . GLN A 1 189 ? 7.715   4.038   -19.923 1.00 13.20  ? 177 GLN A N   1 
ATOM   1133 C  CA  . GLN A 1 189 ? 7.225   5.363   -19.659 1.00 15.28  ? 177 GLN A CA  1 
ATOM   1134 C  C   . GLN A 1 189 ? 5.703   5.464   -19.667 1.00 22.19  ? 177 GLN A C   1 
ATOM   1135 O  O   . GLN A 1 189 ? 5.053   4.917   -20.558 1.00 22.05  ? 177 GLN A O   1 
ATOM   1136 C  CB  . GLN A 1 189 ? 7.813   6.335   -20.705 1.00 19.61  ? 177 GLN A CB  1 
ATOM   1137 C  CG  . GLN A 1 189 ? 7.669   7.782   -20.343 1.00 19.23  ? 177 GLN A CG  1 
ATOM   1138 C  CD  . GLN A 1 189 ? 8.356   8.699   -21.345 1.00 39.00  ? 177 GLN A CD  1 
ATOM   1139 O  OE1 . GLN A 1 189 ? 9.583   8.890   -21.305 1.00 28.15  ? 177 GLN A OE1 1 
ATOM   1140 N  NE2 . GLN A 1 189 ? 7.571   9.263   -22.256 1.00 35.12  ? 177 GLN A NE2 1 
ATOM   1141 N  N   . TYR A 1 190 ? 5.145   6.134   -18.656 1.00 15.55  ? 178 TYR A N   1 
ATOM   1142 C  CA  . TYR A 1 190 ? 3.738   6.550   -18.654 1.00 15.26  ? 178 TYR A CA  1 
ATOM   1143 C  C   . TYR A 1 190 ? 3.461   7.436   -19.870 1.00 22.95  ? 178 TYR A C   1 
ATOM   1144 O  O   . TYR A 1 190 ? 4.322   8.221   -20.257 1.00 20.32  ? 178 TYR A O   1 
ATOM   1145 C  CB  . TYR A 1 190 ? 3.397   7.350   -17.379 1.00 13.79  ? 178 TYR A CB  1 
ATOM   1146 C  CG  . TYR A 1 190 ? 3.200   6.529   -16.096 1.00 16.51  ? 178 TYR A CG  1 
ATOM   1147 C  CD1 . TYR A 1 190 ? 2.189   5.584   -16.003 1.00 16.46  ? 178 TYR A CD1 1 
ATOM   1148 C  CD2 . TYR A 1 190 ? 3.992   6.769   -14.959 1.00 18.70  ? 178 TYR A CD2 1 
ATOM   1149 C  CE1 . TYR A 1 190 ? 1.989   4.854   -14.830 1.00 14.37  ? 178 TYR A CE1 1 
ATOM   1150 C  CE2 . TYR A 1 190 ? 3.782   6.066   -13.771 1.00 17.27  ? 178 TYR A CE2 1 
ATOM   1151 C  CZ  . TYR A 1 190 ? 2.784   5.109   -13.710 1.00 13.13  ? 178 TYR A CZ  1 
ATOM   1152 O  OH  . TYR A 1 190 ? 2.588   4.386   -12.531 1.00 16.64  ? 178 TYR A OH  1 
ATOM   1153 N  N   . PRO A 1 191 ? 2.247   7.350   -20.438 1.00 18.60  ? 179 PRO A N   1 
ATOM   1154 C  CA  . PRO A 1 191 ? 1.830   8.288   -21.500 1.00 27.57  ? 179 PRO A CA  1 
ATOM   1155 C  C   . PRO A 1 191 ? 1.793   9.708   -20.952 1.00 30.67  ? 179 PRO A C   1 
ATOM   1156 O  O   . PRO A 1 191 ? 1.495   9.835   -19.782 1.00 42.75  ? 179 PRO A O   1 
ATOM   1157 C  CB  . PRO A 1 191 ? 0.417   7.832   -21.870 1.00 31.65  ? 179 PRO A CB  1 
ATOM   1158 C  CG  . PRO A 1 191 ? 0.173   6.528   -21.145 1.00 27.37  ? 179 PRO A CG  1 
ATOM   1159 C  CD  . PRO A 1 191 ? 1.161   6.436   -20.017 1.00 21.84  ? 179 PRO A CD  1 
ATOM   1160 N  N   . ASP A 1 192 ? 2.050   10.731  -21.775 1.00 53.44  ? 180 ASP A N   1 
ATOM   1161 C  CA  . ASP A 1 192 ? 2.179   12.155  -21.356 1.00 57.01  ? 180 ASP A CA  1 
ATOM   1162 C  C   . ASP A 1 192 ? 2.509   12.463  -19.854 1.00 71.77  ? 180 ASP A C   1 
ATOM   1163 O  O   . ASP A 1 192 ? 3.605   12.982  -19.585 1.00 67.74  ? 180 ASP A O   1 
ATOM   1164 C  CB  . ASP A 1 192 ? 0.921   12.952  -21.772 1.00 47.18  ? 180 ASP A CB  1 
ATOM   1165 C  CG  . ASP A 1 192 ? -0.370  12.361  -21.225 1.00 59.53  ? 180 ASP A CG  1 
ATOM   1166 O  OD1 . ASP A 1 192 ? -0.888  11.406  -21.847 1.00 59.39  ? 180 ASP A OD1 1 
ATOM   1167 O  OD2 . ASP A 1 192 ? -0.877  12.863  -20.193 1.00 56.27  ? 180 ASP A OD2 1 
ATOM   1168 N  N   . SER A 1 193 ? 1.611   12.175  -18.892 1.00 65.53  ? 181 SER A N   1 
ATOM   1169 C  CA  . SER A 1 193 ? 1.875   12.541  -17.470 1.00 67.01  ? 181 SER A CA  1 
ATOM   1170 C  C   . SER A 1 193 ? 1.417   11.545  -16.356 1.00 65.70  ? 181 SER A C   1 
ATOM   1171 O  O   . SER A 1 193 ? 1.770   11.716  -15.175 1.00 62.55  ? 181 SER A O   1 
ATOM   1172 C  CB  . SER A 1 193 ? 1.261   13.927  -17.163 1.00 62.46  ? 181 SER A CB  1 
ATOM   1173 O  OG  . SER A 1 193 ? -0.109  13.852  -16.785 1.00 59.38  ? 181 SER A OG  1 
ATOM   1174 N  N   . GLY A 1 194 ? 0.651   10.515  -16.710 1.00 65.95  ? 182 GLY A N   1 
ATOM   1175 C  CA  . GLY A 1 194 ? 0.174   9.557   -15.722 1.00 57.40  ? 182 GLY A CA  1 
ATOM   1176 C  C   . GLY A 1 194 ? -0.718  8.500   -16.342 1.00 51.65  ? 182 GLY A C   1 
ATOM   1177 O  O   . GLY A 1 194 ? -0.934  8.513   -17.556 1.00 56.22  ? 182 GLY A O   1 
HETATM 1178 C  CHA . HEM B 2 .   ? -0.518  -6.918  13.139  1.00 24.44  ? 301 HEM A CHA 1 
HETATM 1179 C  CHB . HEM B 2 .   ? -4.341  -3.992  12.275  1.00 23.58  ? 301 HEM A CHB 1 
HETATM 1180 C  CHC . HEM B 2 .   ? -6.819  -7.783  10.530  1.00 22.47  ? 301 HEM A CHC 1 
HETATM 1181 C  CHD . HEM B 2 .   ? -3.098  -10.728 11.593  1.00 33.34  ? 301 HEM A CHD 1 
HETATM 1182 C  C1A . HEM B 2 .   ? -1.394  -5.858  13.054  1.00 32.58  ? 301 HEM A C1A 1 
HETATM 1183 C  C2A . HEM B 2 .   ? -1.069  -4.555  13.547  1.00 40.52  ? 301 HEM A C2A 1 
HETATM 1184 C  C3A . HEM B 2 .   ? -2.082  -3.714  13.332  1.00 31.46  ? 301 HEM A C3A 1 
HETATM 1185 C  C4A . HEM B 2 .   ? -3.116  -4.487  12.669  1.00 33.74  ? 301 HEM A C4A 1 
HETATM 1186 C  CMA . HEM B 2 .   ? -2.184  -2.211  13.705  1.00 32.15  ? 301 HEM A CMA 1 
HETATM 1187 C  CAA . HEM B 2 .   ? 0.282   -4.307  14.223  1.00 52.56  ? 301 HEM A CAA 1 
HETATM 1188 C  CBA . HEM B 2 .   ? 1.009   -3.113  13.642  1.00 54.14  ? 301 HEM A CBA 1 
HETATM 1189 C  CGA . HEM B 2 .   ? 0.957   -2.787  12.173  1.00 51.33  ? 301 HEM A CGA 1 
HETATM 1190 O  O1A . HEM B 2 .   ? 2.021   -2.324  11.713  1.00 57.74  ? 301 HEM A O1A 1 
HETATM 1191 O  O2A . HEM B 2 .   ? -0.049  -2.958  11.426  1.00 60.79  ? 301 HEM A O2A 1 
HETATM 1192 C  C1B . HEM B 2 .   ? -5.344  -4.745  11.732  1.00 25.01  ? 301 HEM A C1B 1 
HETATM 1193 C  C2B . HEM B 2 .   ? -6.650  -4.275  11.331  1.00 22.55  ? 301 HEM A C2B 1 
HETATM 1194 C  C3B . HEM B 2 .   ? -7.339  -5.294  10.817  1.00 20.43  ? 301 HEM A C3B 1 
HETATM 1195 C  C4B . HEM B 2 .   ? -6.496  -6.494  10.897  1.00 23.52  ? 301 HEM A C4B 1 
HETATM 1196 C  CMB . HEM B 2 .   ? -7.185  -2.838  11.428  1.00 27.36  ? 301 HEM A CMB 1 
HETATM 1197 C  CAB . HEM B 2 .   ? -8.780  -5.063  10.306  1.00 28.10  ? 301 HEM A CAB 1 
HETATM 1198 C  CBB . HEM B 2 .   ? -9.378  -5.853  9.427   1.00 33.66  ? 301 HEM A CBB 1 
HETATM 1199 C  C1C . HEM B 2 .   ? -6.059  -8.927  10.716  1.00 27.26  ? 301 HEM A C1C 1 
HETATM 1200 C  C2C . HEM B 2 .   ? -6.472  -10.300 10.466  1.00 32.70  ? 301 HEM A C2C 1 
HETATM 1201 C  C3C . HEM B 2 .   ? -5.426  -11.100 10.771  1.00 29.08  ? 301 HEM A C3C 1 
HETATM 1202 C  C4C . HEM B 2 .   ? -4.344  -10.264 11.223  1.00 29.18  ? 301 HEM A C4C 1 
HETATM 1203 C  CMC . HEM B 2 .   ? -7.886  -10.708 9.954   1.00 33.73  ? 301 HEM A CMC 1 
HETATM 1204 C  CAC . HEM B 2 .   ? -5.271  -12.637 10.714  1.00 36.48  ? 301 HEM A CAC 1 
HETATM 1205 C  CBC . HEM B 2 .   ? -6.222  -13.502 10.345  1.00 46.68  ? 301 HEM A CBC 1 
HETATM 1206 C  C1D . HEM B 2 .   ? -2.020  -9.982  12.028  1.00 31.79  ? 301 HEM A C1D 1 
HETATM 1207 C  C2D . HEM B 2 .   ? -0.682  -10.497 12.247  1.00 34.50  ? 301 HEM A C2D 1 
HETATM 1208 C  C3D . HEM B 2 .   ? 0.152   -9.309  12.721  1.00 31.17  ? 301 HEM A C3D 1 
HETATM 1209 C  C4D . HEM B 2 .   ? -0.783  -8.204  12.760  1.00 31.94  ? 301 HEM A C4D 1 
HETATM 1210 C  CMD . HEM B 2 .   ? -0.192  -11.945 12.024  1.00 41.95  ? 301 HEM A CMD 1 
HETATM 1211 C  CAD . HEM B 2 .   ? 1.652   -9.332  13.102  1.00 33.76  ? 301 HEM A CAD 1 
HETATM 1212 C  CBD . HEM B 2 .   ? 2.511   -8.689  12.005  1.00 32.83  ? 301 HEM A CBD 1 
HETATM 1213 C  CGD . HEM B 2 .   ? 2.155   -9.104  10.587  1.00 32.94  ? 301 HEM A CGD 1 
HETATM 1214 O  O1D . HEM B 2 .   ? 2.401   -10.298 10.253  1.00 40.22  ? 301 HEM A O1D 1 
HETATM 1215 O  O2D . HEM B 2 .   ? 1.670   -8.254  9.770   1.00 28.96  ? 301 HEM A O2D 1 
HETATM 1216 N  NA  . HEM B 2 .   ? -2.663  -5.791  12.516  1.00 23.20  ? 301 HEM A NA  1 
HETATM 1217 N  NB  . HEM B 2 .   ? -5.292  -6.099  11.465  1.00 19.16  ? 301 HEM A NB  1 
HETATM 1218 N  NC  . HEM B 2 .   ? -4.757  -8.945  11.184  1.00 24.33  ? 301 HEM A NC  1 
HETATM 1219 N  ND  . HEM B 2 .   ? -2.026  -8.631  12.333  1.00 25.50  ? 301 HEM A ND  1 
HETATM 1220 FE FE  . HEM B 2 .   ? -3.672  -7.331  11.868  1.00 24.44  ? 301 HEM A FE  1 
HETATM 1221 S  S   . SO4 C 3 .   ? -32.044 9.311   9.546   1.00 26.31  ? 302 SO4 A S   1 
HETATM 1222 O  O1  . SO4 C 3 .   ? -31.568 8.134   10.286  1.00 28.14  ? 302 SO4 A O1  1 
HETATM 1223 O  O2  . SO4 C 3 .   ? -31.245 9.551   8.339   1.00 14.68  ? 302 SO4 A O2  1 
HETATM 1224 O  O3  . SO4 C 3 .   ? -31.892 10.441  10.431  1.00 26.59  ? 302 SO4 A O3  1 
HETATM 1225 O  O4  . SO4 C 3 .   ? -33.425 9.076   9.160   1.00 33.18  ? 302 SO4 A O4  1 
HETATM 1226 O  O   . HOH D 4 .   ? -9.427  -18.071 0.026   1.00 43.04  ? 401 HOH A O   1 
HETATM 1227 O  O   . HOH D 4 .   ? 19.461  5.894   9.333   1.00 55.61  ? 402 HOH A O   1 
HETATM 1228 O  O   . HOH D 4 .   ? 2.677   10.035  -13.943 1.00 25.84  ? 403 HOH A O   1 
HETATM 1229 O  O   . HOH D 4 .   ? -12.614 5.016   -4.501  1.00 29.70  ? 404 HOH A O   1 
HETATM 1230 O  O   . HOH D 4 .   ? 21.870  -5.855  -1.952  1.00 21.44  ? 405 HOH A O   1 
HETATM 1231 O  O   . HOH D 4 .   ? -17.120 5.600   1.831   1.00 26.73  ? 406 HOH A O   1 
HETATM 1232 O  O   . HOH D 4 .   ? -22.095 12.066  17.282  1.00 18.48  ? 407 HOH A O   1 
HETATM 1233 O  O   . HOH D 4 .   ? 8.354   16.812  0.724   1.00 30.45  ? 408 HOH A O   1 
HETATM 1234 O  O   . HOH D 4 .   ? 12.945  -6.722  -19.735 1.00 32.10  ? 409 HOH A O   1 
HETATM 1235 O  O   . HOH D 4 .   ? -18.771 14.012  14.731  1.00 19.82  ? 410 HOH A O   1 
HETATM 1236 O  O   . HOH D 4 .   ? 24.299  2.176   -16.268 1.00 25.36  ? 411 HOH A O   1 
HETATM 1237 O  O   . HOH D 4 .   ? 2.789   3.666   -20.741 1.00 21.10  ? 412 HOH A O   1 
HETATM 1238 O  O   . HOH D 4 .   ? -26.297 -6.758  21.600  1.00 29.03  ? 413 HOH A O   1 
HETATM 1239 O  O   . HOH D 4 .   ? -1.677  -5.080  -5.483  1.00 33.13  ? 414 HOH A O   1 
HETATM 1240 O  O   . HOH D 4 .   ? 5.601   12.868  -12.036 1.00 27.75  ? 415 HOH A O   1 
HETATM 1241 O  O   . HOH D 4 .   ? 2.019   -4.641  -8.679  1.00 20.98  ? 416 HOH A O   1 
HETATM 1242 O  O   . HOH D 4 .   ? 0.279   -0.324  -10.958 1.00 20.20  ? 417 HOH A O   1 
HETATM 1243 O  O   . HOH D 4 .   ? 9.843   -4.378  -19.888 1.00 22.08  ? 418 HOH A O   1 
HETATM 1244 O  O   . HOH D 4 .   ? -3.570  4.349   3.256   1.00 12.81  ? 419 HOH A O   1 
HETATM 1245 O  O   . HOH D 4 .   ? -24.063 9.860   10.295  1.00 16.83  ? 420 HOH A O   1 
HETATM 1246 O  O   . HOH D 4 .   ? 3.653   2.083   -18.777 1.00 22.83  ? 421 HOH A O   1 
HETATM 1247 O  O   . HOH D 4 .   ? 17.922  2.036   -12.492 1.00 11.78  ? 422 HOH A O   1 
HETATM 1248 O  O   . HOH D 4 .   ? -1.628  6.573   -6.203  1.00 15.94  ? 423 HOH A O   1 
HETATM 1249 O  O   . HOH D 4 .   ? -5.055  6.150   4.574   1.00 17.15  ? 424 HOH A O   1 
HETATM 1250 O  O   . HOH D 4 .   ? -8.401  8.117   3.002   1.00 17.51  ? 425 HOH A O   1 
HETATM 1251 O  O   . HOH D 4 .   ? -0.722  15.900  0.339   1.00 31.25  ? 426 HOH A O   1 
HETATM 1252 O  O   . HOH D 4 .   ? 0.071   3.249   -12.429 1.00 23.86  ? 427 HOH A O   1 
HETATM 1253 O  O   . HOH D 4 .   ? 20.972  10.184  6.262   1.00 20.19  ? 428 HOH A O   1 
HETATM 1254 O  O   . HOH D 4 .   ? 0.619   11.698  -11.764 1.00 30.32  ? 429 HOH A O   1 
HETATM 1255 O  O   . HOH D 4 .   ? 5.170   12.839  -21.895 1.00 57.46  ? 430 HOH A O   1 
HETATM 1256 O  O   . HOH D 4 .   ? 12.974  1.581   -20.811 1.00 22.78  ? 431 HOH A O   1 
HETATM 1257 O  O   . HOH D 4 .   ? -15.372 6.646   4.447   1.00 19.62  ? 432 HOH A O   1 
HETATM 1258 O  O   . HOH D 4 .   ? -18.795 9.306   4.334   1.00 26.87  ? 433 HOH A O   1 
HETATM 1259 O  O   . HOH D 4 .   ? 5.024   10.430  -18.602 1.00 22.47  ? 434 HOH A O   1 
HETATM 1260 O  O   . HOH D 4 .   ? 23.658  3.157   -2.788  1.00 30.75  ? 435 HOH A O   1 
HETATM 1261 O  O   . HOH D 4 .   ? -18.586 9.519   20.243  1.00 28.61  ? 436 HOH A O   1 
HETATM 1262 O  O   . HOH D 4 .   ? 2.015   14.273  2.705   1.00 23.97  ? 437 HOH A O   1 
HETATM 1263 O  O   . HOH D 4 .   ? -10.291 8.157   -6.612  1.00 38.28  ? 438 HOH A O   1 
HETATM 1264 O  O   . HOH D 4 .   ? 18.776  -3.130  2.951   1.00 21.68  ? 439 HOH A O   1 
HETATM 1265 O  O   . HOH D 4 .   ? -15.810 4.052   -0.834  1.00 22.47  ? 440 HOH A O   1 
HETATM 1266 O  O   . HOH D 4 .   ? -27.140 -9.681  18.019  1.00 27.92  ? 441 HOH A O   1 
HETATM 1267 O  O   . HOH D 4 .   ? 9.953   -9.616  -6.368  1.00 32.49  ? 442 HOH A O   1 
HETATM 1268 O  O   . HOH D 4 .   ? 22.398  -2.219  -9.690  1.00 26.39  ? 443 HOH A O   1 
HETATM 1269 O  O   . HOH D 4 .   ? -5.679  -6.362  6.309   1.00 30.17  ? 444 HOH A O   1 
HETATM 1270 O  O   . HOH D 4 .   ? 15.082  -6.997  -13.066 1.00 28.38  ? 445 HOH A O   1 
HETATM 1271 O  O   . HOH D 4 .   ? -0.905  -10.187 -11.573 1.00 34.18  ? 446 HOH A O   1 
HETATM 1272 O  O   . HOH D 4 .   ? 10.956  1.956   12.351  1.00 50.91  ? 447 HOH A O   1 
HETATM 1273 O  O   . HOH D 4 .   ? -25.050 -8.538  5.636   1.00 37.57  ? 448 HOH A O   1 
HETATM 1274 O  O   . HOH D 4 .   ? -22.450 12.049  20.114  1.00 30.30  ? 449 HOH A O   1 
HETATM 1275 O  O   . HOH D 4 .   ? 22.596  -7.581  -4.086  1.00 34.24  ? 450 HOH A O   1 
HETATM 1276 O  O   . HOH D 4 .   ? -18.564 11.322  21.475  1.00 49.55  ? 451 HOH A O   1 
HETATM 1277 O  O   . HOH D 4 .   ? 16.495  3.582   2.004   1.00 17.99  ? 452 HOH A O   1 
HETATM 1278 O  O   . HOH D 4 .   ? 16.623  -4.601  -13.900 1.00 20.39  ? 453 HOH A O   1 
HETATM 1279 O  O   . HOH D 4 .   ? 16.116  -4.289  -16.663 1.00 21.91  ? 454 HOH A O   1 
HETATM 1280 O  O   . HOH D 4 .   ? 13.555  1.232   11.652  1.00 33.70  ? 455 HOH A O   1 
HETATM 1281 O  O   . HOH D 4 .   ? -34.350 -6.671  11.367  1.00 43.11  ? 456 HOH A O   1 
HETATM 1282 O  O   . HOH D 4 .   ? 2.239   13.419  0.019   1.00 19.14  ? 457 HOH A O   1 
HETATM 1283 O  O   . HOH D 4 .   ? 11.221  -11.051 -4.575  1.00 42.06  ? 458 HOH A O   1 
HETATM 1284 O  O   . HOH D 4 .   ? 5.587   19.210  -8.769  1.00 52.17  ? 459 HOH A O   1 
HETATM 1285 O  O   . HOH D 4 .   ? -32.523 -6.769  12.900  1.00 27.63  ? 460 HOH A O   1 
HETATM 1286 O  O   . HOH D 4 .   ? 18.188  -3.037  -18.565 1.00 24.99  ? 461 HOH A O   1 
HETATM 1287 O  O   . HOH D 4 .   ? -2.897  10.302  -9.813  1.00 25.72  ? 462 HOH A O   1 
HETATM 1288 O  O   . HOH D 4 .   ? -28.920 -10.402 13.112  1.00 26.59  ? 463 HOH A O   1 
HETATM 1289 O  O   . HOH D 4 .   ? -2.651  -9.006  3.759   1.00 29.51  ? 464 HOH A O   1 
HETATM 1290 O  O   . HOH D 4 .   ? -1.534  -7.283  2.131   1.00 29.64  ? 465 HOH A O   1 
HETATM 1291 O  O   . HOH D 4 .   ? -4.953  11.996  -9.495  1.00 36.93  ? 466 HOH A O   1 
# 
